data_2F3O
#
_entry.id   2F3O
#
_cell.length_a   167.030
_cell.length_b   174.170
_cell.length_c   162.460
_cell.angle_alpha   90.00
_cell.angle_beta   90.00
_cell.angle_gamma   90.00
#
_symmetry.space_group_name_H-M   'C 2 2 2'
#
loop_
_entity.id
_entity.type
_entity.pdbx_description
1 polymer 'pyruvate formate-lyase 2'
2 non-polymer 'TRIETHYLENE GLYCOL'
3 non-polymer GLYCEROL
4 water water
#
_entity_poly.entity_id   1
_entity_poly.type   'polypeptide(L)'
_entity_poly.pdbx_seq_one_letter_code
;MCMDRIEKLIKKVSKPARLSVERCRLYTESMKQTEGEPMIIRQAKALKHVLENIPIQILDSELIVGTMLPNPPGAIIFPE
GVGLRIINELDSLPNRETNRLMVDEEDAKVLREEIAPYWQRKTIEAFAFPLMPDIMQILYTGSVFVLTEIAGISHVAVNY
PYLLRRGFRWFLEESERRIRALEESGVYEGEKYSFYQAAKIVSEAVINYGLRYSKLAEELAESEDGERREELLKIAEICR
KVPAEKPETFWEAVQFVWLVQSALHQENYEQAISMGRIDQYLYPFFKKDIGEGRINRELAFDILANLWIKTNEIVPAFDS
LLEQYFSGQATNQAVTIGGCDIYGNDATNELTYLMLEVTDRLRLRQPNVHVRINKGSPESFLKRLAEAISSGCNNLALFF
DDAAVKALKNAEVDDRDALNYTTDGCVEIAPFGNSFTSSDAALINVAKALEYALNEGVDLQFGYEFGAKTEKPKFLEDLL
EKLREQVSHIVKLVVRGSNVLSYANAEVKPTPLLSLCVEDCFEKGVDVSRGGARYNFTGIQAVGIADVGDSLVAIEGALN
AGYSMDDIVEACRKNFVGYEKLHKLLLQSPKYGNDDDAADKYTKMVLEWYCEEVNRHRNFRGGKFAAGCYPMTTNVGFGF
FTSALPSGRKSGEPLNPGVSPSTGMDREGVTAVINSASKLSYENLPNGASLTINLSSDVLGEKGDAVIEALIKSSMELGV
MHVQFNILKEDLLRKAQQEPEKYRWLLVRVAGWSAYFVELSRPVQEEVIRRISCRI
;
_entity_poly.pdbx_strand_id   A,B
#
# COMPACT_ATOMS: atom_id res chain seq x y z
N ASP A 4 -32.01 -24.48 33.06
CA ASP A 4 -33.03 -23.42 32.73
C ASP A 4 -33.11 -23.10 31.22
N ARG A 5 -34.12 -22.33 30.84
CA ARG A 5 -34.51 -22.16 29.44
C ARG A 5 -33.56 -21.30 28.61
N ILE A 6 -33.02 -20.25 29.23
CA ILE A 6 -32.10 -19.34 28.57
C ILE A 6 -30.85 -20.04 28.03
N GLU A 7 -30.32 -20.97 28.83
CA GLU A 7 -29.14 -21.75 28.46
C GLU A 7 -29.31 -22.57 27.18
N LYS A 8 -30.52 -23.10 26.97
CA LYS A 8 -30.81 -23.88 25.76
C LYS A 8 -30.95 -22.96 24.55
N LEU A 9 -31.46 -21.76 24.79
CA LEU A 9 -31.66 -20.78 23.74
C LEU A 9 -30.36 -20.08 23.28
N ILE A 10 -29.47 -19.82 24.24
CA ILE A 10 -28.17 -19.15 24.00
C ILE A 10 -27.32 -19.96 23.02
N LYS A 11 -27.27 -21.27 23.22
CA LYS A 11 -26.41 -22.15 22.42
C LYS A 11 -26.88 -22.39 20.98
N LYS A 12 -28.18 -22.22 20.75
CA LYS A 12 -28.73 -22.43 19.40
C LYS A 12 -28.80 -21.16 18.52
N VAL A 13 -27.86 -20.23 18.74
CA VAL A 13 -27.57 -19.10 17.82
C VAL A 13 -26.06 -18.83 17.87
N SER A 14 -25.29 -19.87 18.23
CA SER A 14 -23.83 -19.78 18.24
C SER A 14 -23.19 -20.58 17.11
N LYS A 15 -24.03 -21.17 16.26
CA LYS A 15 -23.56 -21.94 15.12
C LYS A 15 -23.18 -20.97 14.01
N PRO A 16 -22.29 -21.38 13.07
CA PRO A 16 -21.88 -20.51 11.94
C PRO A 16 -23.02 -19.98 11.06
N ALA A 17 -22.84 -18.77 10.51
CA ALA A 17 -23.88 -18.08 9.77
C ALA A 17 -23.90 -18.47 8.31
N ARG A 18 -25.08 -18.38 7.69
CA ARG A 18 -25.22 -18.71 6.29
C ARG A 18 -25.68 -17.51 5.41
N LEU A 19 -25.44 -17.60 4.11
CA LEU A 19 -26.08 -16.67 3.20
C LEU A 19 -27.48 -17.22 2.86
N SER A 20 -28.51 -16.56 3.40
CA SER A 20 -29.90 -16.99 3.21
C SER A 20 -30.50 -16.47 1.89
N VAL A 21 -31.43 -17.20 1.33
CA VAL A 21 -31.76 -16.95 -0.06
C VAL A 21 -33.27 -16.97 -0.31
N GLU A 22 -34.01 -17.57 0.61
CA GLU A 22 -35.45 -17.81 0.46
C GLU A 22 -36.30 -16.53 0.33
N ARG A 23 -35.96 -15.50 1.10
CA ARG A 23 -36.60 -14.20 0.93
C ARG A 23 -36.25 -13.64 -0.44
N CYS A 24 -34.96 -13.66 -0.76
CA CYS A 24 -34.49 -13.11 -2.02
C CYS A 24 -35.19 -13.71 -3.23
N ARG A 25 -35.35 -15.03 -3.21
CA ARG A 25 -35.97 -15.81 -4.29
C ARG A 25 -37.45 -15.52 -4.45
N LEU A 26 -38.20 -15.66 -3.35
CA LEU A 26 -39.66 -15.49 -3.38
C LEU A 26 -40.07 -14.06 -3.71
N TYR A 27 -39.25 -13.09 -3.30
CA TYR A 27 -39.40 -11.70 -3.72
C TYR A 27 -39.34 -11.56 -5.24
N THR A 28 -38.30 -12.13 -5.84
CA THR A 28 -38.10 -12.08 -7.27
C THR A 28 -39.25 -12.79 -8.00
N GLU A 29 -39.65 -13.91 -7.45
CA GLU A 29 -40.73 -14.74 -7.98
C GLU A 29 -42.04 -13.96 -8.10
N SER A 30 -42.35 -13.17 -7.07
CA SER A 30 -43.54 -12.32 -7.08
C SER A 30 -43.36 -11.14 -8.02
N MET A 31 -42.19 -10.50 -7.97
CA MET A 31 -41.90 -9.37 -8.84
C MET A 31 -41.96 -9.72 -10.33
N LYS A 32 -41.65 -10.96 -10.68
CA LYS A 32 -41.85 -11.40 -12.04
C LYS A 32 -43.34 -11.57 -12.34
N GLN A 33 -44.13 -12.10 -11.40
CA GLN A 33 -45.57 -12.22 -11.61
C GLN A 33 -46.24 -10.86 -11.70
N THR A 34 -45.58 -9.82 -11.20
CA THR A 34 -46.28 -8.54 -11.08
C THR A 34 -45.85 -7.41 -12.00
N GLU A 35 -44.91 -7.66 -12.91
CA GLU A 35 -44.37 -6.57 -13.74
C GLU A 35 -45.44 -5.71 -14.43
N GLY A 36 -45.21 -4.40 -14.48
CA GLY A 36 -46.15 -3.48 -15.09
C GLY A 36 -47.31 -3.06 -14.21
N GLU A 37 -47.40 -3.60 -13.00
CA GLU A 37 -48.38 -3.16 -12.02
C GLU A 37 -47.81 -1.96 -11.26
N PRO A 38 -48.68 -1.15 -10.60
CA PRO A 38 -48.26 -0.05 -9.75
C PRO A 38 -47.24 -0.51 -8.72
N MET A 39 -46.06 0.11 -8.71
CA MET A 39 -44.92 -0.33 -7.89
C MET A 39 -45.21 -0.57 -6.39
N ILE A 40 -46.10 0.22 -5.79
CA ILE A 40 -46.40 0.05 -4.36
C ILE A 40 -47.22 -1.19 -4.13
N ILE A 41 -48.04 -1.55 -5.11
CA ILE A 41 -48.82 -2.77 -5.05
C ILE A 41 -47.86 -3.94 -5.30
N ARG A 42 -46.90 -3.79 -6.21
CA ARG A 42 -45.88 -4.81 -6.44
C ARG A 42 -45.10 -5.12 -5.18
N GLN A 43 -44.74 -4.09 -4.43
CA GLN A 43 -43.99 -4.26 -3.19
C GLN A 43 -44.83 -4.97 -2.12
N ALA A 44 -46.13 -4.64 -2.11
CA ALA A 44 -47.08 -5.23 -1.18
C ALA A 44 -47.23 -6.72 -1.47
N LYS A 45 -47.40 -7.01 -2.75
CA LYS A 45 -47.63 -8.35 -3.22
C LYS A 45 -46.41 -9.23 -3.08
N ALA A 46 -45.24 -8.62 -3.17
CA ALA A 46 -43.97 -9.33 -2.98
C ALA A 46 -43.79 -9.72 -1.53
N LEU A 47 -43.98 -8.75 -0.63
CA LEU A 47 -43.89 -8.99 0.79
C LEU A 47 -44.87 -10.06 1.19
N LYS A 48 -46.08 -10.03 0.62
CA LYS A 48 -47.09 -11.00 0.97
C LYS A 48 -46.62 -12.38 0.57
N HIS A 49 -46.18 -12.50 -0.68
CA HIS A 49 -45.69 -13.76 -1.21
C HIS A 49 -44.56 -14.36 -0.35
N VAL A 50 -43.57 -13.55 0.06
CA VAL A 50 -42.53 -14.10 0.96
C VAL A 50 -43.06 -14.53 2.34
N LEU A 51 -44.03 -13.81 2.92
CA LEU A 51 -44.50 -14.15 4.27
C LEU A 51 -45.38 -15.40 4.22
N GLU A 52 -46.05 -15.62 3.10
CA GLU A 52 -46.88 -16.81 2.97
C GLU A 52 -46.09 -18.04 2.57
N ASN A 53 -44.89 -17.86 2.03
CA ASN A 53 -44.12 -18.98 1.49
C ASN A 53 -42.71 -19.23 2.05
N ILE A 54 -42.23 -18.37 2.95
CA ILE A 54 -40.92 -18.57 3.57
C ILE A 54 -41.00 -19.76 4.53
N PRO A 55 -40.01 -20.68 4.47
CA PRO A 55 -39.94 -21.72 5.50
C PRO A 55 -39.87 -21.14 6.90
N ILE A 56 -40.73 -21.63 7.79
CA ILE A 56 -40.78 -21.14 9.17
C ILE A 56 -40.44 -22.26 10.15
N GLN A 57 -39.91 -21.90 11.31
CA GLN A 57 -39.63 -22.90 12.34
C GLN A 57 -39.66 -22.31 13.74
N ILE A 58 -40.22 -23.09 14.67
CA ILE A 58 -40.21 -22.76 16.08
C ILE A 58 -38.98 -23.47 16.63
N LEU A 59 -38.22 -22.83 17.51
CA LEU A 59 -36.94 -23.42 17.92
C LEU A 59 -36.97 -24.02 19.33
N ASP A 60 -35.83 -24.59 19.74
CA ASP A 60 -35.64 -25.16 21.07
C ASP A 60 -36.14 -24.28 22.21
N SER A 61 -37.28 -24.71 22.79
CA SER A 61 -37.80 -24.16 24.04
C SER A 61 -38.30 -22.72 23.94
N GLU A 62 -38.65 -22.28 22.72
CA GLU A 62 -39.09 -20.92 22.47
C GLU A 62 -40.49 -20.58 22.97
N LEU A 63 -40.63 -19.34 23.42
CA LEU A 63 -41.90 -18.77 23.84
C LEU A 63 -42.32 -17.70 22.88
N ILE A 64 -41.35 -17.13 22.18
CA ILE A 64 -41.58 -16.12 21.16
C ILE A 64 -41.03 -16.67 19.84
N VAL A 65 -41.88 -16.77 18.83
CA VAL A 65 -41.53 -17.42 17.57
C VAL A 65 -41.52 -16.44 16.40
N GLY A 66 -40.85 -16.83 15.33
CA GLY A 66 -40.67 -15.93 14.20
C GLY A 66 -39.22 -15.81 13.78
N THR A 67 -38.71 -16.85 13.14
CA THR A 67 -37.37 -16.79 12.61
C THR A 67 -37.30 -15.67 11.57
N MET A 68 -36.16 -14.99 11.54
CA MET A 68 -35.94 -13.90 10.61
C MET A 68 -35.61 -14.43 9.23
N LEU A 69 -34.88 -15.53 9.17
CA LEU A 69 -34.66 -16.25 7.93
C LEU A 69 -34.79 -17.72 8.33
N PRO A 70 -35.11 -18.63 7.36
CA PRO A 70 -35.14 -20.06 7.68
C PRO A 70 -33.74 -20.50 8.02
N ASN A 71 -33.62 -21.42 8.97
CA ASN A 71 -32.34 -21.86 9.51
C ASN A 71 -31.30 -20.76 9.82
N PRO A 72 -31.44 -20.13 11.00
CA PRO A 72 -30.77 -18.94 11.52
C PRO A 72 -29.24 -19.04 11.71
N PRO A 73 -28.61 -18.09 12.41
CA PRO A 73 -27.68 -17.10 11.89
C PRO A 73 -27.59 -17.03 10.38
N GLY A 74 -27.94 -15.87 9.84
CA GLY A 74 -27.79 -15.62 8.41
C GLY A 74 -27.93 -14.19 7.90
N ALA A 75 -27.74 -14.04 6.60
CA ALA A 75 -27.90 -12.76 5.91
C ALA A 75 -29.11 -12.81 4.98
N ILE A 76 -29.98 -11.80 5.05
CA ILE A 76 -31.07 -11.66 4.09
C ILE A 76 -30.60 -10.83 2.90
N ILE A 77 -30.93 -11.26 1.68
CA ILE A 77 -30.46 -10.56 0.47
C ILE A 77 -31.55 -9.63 -0.08
N PHE A 78 -31.17 -8.37 -0.35
CA PHE A 78 -32.09 -7.40 -0.93
C PHE A 78 -31.53 -6.93 -2.27
N PRO A 79 -31.82 -7.68 -3.36
CA PRO A 79 -31.24 -7.35 -4.66
C PRO A 79 -31.81 -6.06 -5.26
N GLU A 80 -32.94 -5.59 -4.73
CA GLU A 80 -33.53 -4.32 -5.15
C GLU A 80 -32.66 -3.17 -4.62
N GLY A 81 -31.98 -3.44 -3.52
CA GLY A 81 -31.06 -2.47 -2.97
C GLY A 81 -29.63 -2.81 -3.33
N VAL A 82 -28.92 -3.44 -2.39
CA VAL A 82 -27.49 -3.58 -2.56
C VAL A 82 -27.02 -5.05 -2.48
N GLY A 83 -27.97 -5.97 -2.59
CA GLY A 83 -27.67 -7.40 -2.53
C GLY A 83 -26.89 -7.99 -3.69
N LEU A 84 -26.81 -7.28 -4.82
CA LEU A 84 -26.02 -7.76 -5.95
C LEU A 84 -24.54 -7.53 -5.72
N ARG A 85 -24.19 -6.69 -4.74
CA ARG A 85 -22.79 -6.50 -4.34
C ARG A 85 -22.21 -7.83 -3.91
N ILE A 86 -22.97 -8.53 -3.08
CA ILE A 86 -22.53 -9.76 -2.48
C ILE A 86 -22.55 -10.99 -3.41
N ILE A 87 -23.35 -10.96 -4.49
CA ILE A 87 -23.38 -12.08 -5.46
C ILE A 87 -22.07 -12.07 -6.20
N ASN A 88 -21.58 -10.88 -6.49
CA ASN A 88 -20.31 -10.68 -7.17
C ASN A 88 -19.07 -11.20 -6.40
N GLU A 89 -19.27 -11.76 -5.21
CA GLU A 89 -18.16 -12.24 -4.40
C GLU A 89 -18.52 -13.54 -3.70
N LEU A 90 -19.39 -14.34 -4.32
CA LEU A 90 -19.90 -15.57 -3.71
C LEU A 90 -18.82 -16.58 -3.30
N ASP A 91 -17.72 -16.60 -4.05
CA ASP A 91 -16.62 -17.51 -3.79
C ASP A 91 -15.93 -17.24 -2.47
N SER A 92 -15.81 -15.97 -2.11
CA SER A 92 -15.05 -15.59 -0.91
C SER A 92 -15.81 -15.77 0.41
N LEU A 93 -17.13 -15.88 0.34
CA LEU A 93 -17.97 -15.88 1.54
C LEU A 93 -17.79 -16.97 2.62
N PRO A 94 -17.61 -18.26 2.25
CA PRO A 94 -17.41 -19.18 3.37
C PRO A 94 -16.00 -19.10 3.98
N ASN A 95 -15.01 -18.79 3.15
CA ASN A 95 -13.64 -18.62 3.63
C ASN A 95 -13.10 -17.20 3.52
N ARG A 96 -13.52 -16.33 4.43
CA ARG A 96 -12.95 -14.99 4.58
C ARG A 96 -12.89 -14.70 6.07
N GLU A 97 -12.04 -13.75 6.46
CA GLU A 97 -11.66 -13.64 7.88
C GLU A 97 -12.75 -13.10 8.83
N THR A 98 -13.63 -12.21 8.34
CA THR A 98 -14.69 -11.62 9.15
C THR A 98 -16.04 -11.82 8.46
N ASN A 99 -17.06 -12.10 9.27
CA ASN A 99 -18.45 -12.26 8.81
C ASN A 99 -18.60 -13.30 7.69
N ARG A 100 -18.08 -14.49 7.97
CA ARG A 100 -18.15 -15.61 7.04
C ARG A 100 -19.58 -16.13 6.93
N LEU A 101 -19.97 -16.47 5.70
CA LEU A 101 -21.31 -16.95 5.43
C LEU A 101 -21.19 -18.19 4.57
N MET A 102 -21.72 -19.31 5.04
CA MET A 102 -21.69 -20.52 4.23
C MET A 102 -22.67 -20.30 3.10
N VAL A 103 -22.29 -20.68 1.88
CA VAL A 103 -23.21 -20.58 0.77
C VAL A 103 -23.48 -21.97 0.20
N ASP A 104 -24.75 -22.38 0.20
CA ASP A 104 -25.16 -23.64 -0.42
C ASP A 104 -24.98 -23.51 -1.94
N GLU A 105 -24.11 -24.33 -2.51
CA GLU A 105 -23.73 -24.15 -3.92
C GLU A 105 -24.88 -24.37 -4.92
N GLU A 106 -25.92 -25.07 -4.49
CA GLU A 106 -27.12 -25.24 -5.31
C GLU A 106 -27.88 -23.92 -5.45
N ASP A 107 -28.01 -23.16 -4.36
CA ASP A 107 -28.60 -21.84 -4.51
C ASP A 107 -27.60 -20.72 -4.87
N ALA A 108 -26.31 -21.03 -4.90
CA ALA A 108 -25.30 -20.11 -5.44
C ALA A 108 -25.47 -19.98 -6.95
N LYS A 109 -26.02 -21.04 -7.56
CA LYS A 109 -26.29 -21.08 -8.98
C LYS A 109 -27.57 -20.28 -9.24
N VAL A 110 -28.49 -20.32 -8.27
CA VAL A 110 -29.74 -19.59 -8.41
C VAL A 110 -29.50 -18.07 -8.30
N LEU A 111 -28.49 -17.66 -7.52
CA LEU A 111 -28.16 -16.25 -7.40
C LEU A 111 -27.49 -15.72 -8.66
N ARG A 112 -26.59 -16.50 -9.22
CA ARG A 112 -25.70 -16.03 -10.29
C ARG A 112 -26.33 -15.94 -11.67
N GLU A 113 -27.41 -16.68 -11.89
CA GLU A 113 -27.98 -16.74 -13.22
C GLU A 113 -29.50 -16.67 -13.22
N GLU A 114 -30.09 -16.53 -12.04
CA GLU A 114 -31.51 -16.28 -11.96
C GLU A 114 -31.79 -14.91 -11.31
N ILE A 115 -31.15 -14.63 -10.17
CA ILE A 115 -31.36 -13.38 -9.42
C ILE A 115 -30.61 -12.22 -10.03
N ALA A 116 -29.28 -12.31 -10.10
CA ALA A 116 -28.42 -11.26 -10.66
C ALA A 116 -28.67 -10.77 -12.10
N PRO A 117 -29.11 -11.65 -13.05
CA PRO A 117 -29.45 -10.98 -14.30
C PRO A 117 -30.81 -10.26 -14.30
N TYR A 118 -31.74 -10.66 -13.44
CA TYR A 118 -33.04 -9.97 -13.36
C TYR A 118 -32.91 -8.59 -12.71
N TRP A 119 -32.29 -8.55 -11.54
CA TRP A 119 -32.22 -7.32 -10.78
C TRP A 119 -31.19 -6.31 -11.27
N GLN A 120 -30.25 -6.76 -12.09
CA GLN A 120 -29.40 -5.88 -12.85
C GLN A 120 -30.27 -4.83 -13.47
N ARG A 121 -29.96 -3.56 -13.20
CA ARG A 121 -30.75 -2.41 -13.70
C ARG A 121 -32.29 -2.36 -13.35
N LYS A 122 -32.65 -2.96 -12.22
CA LYS A 122 -33.97 -2.78 -11.63
C LYS A 122 -33.82 -2.27 -10.20
N THR A 123 -32.61 -1.78 -9.89
CA THR A 123 -32.27 -1.40 -8.52
C THR A 123 -32.52 0.08 -8.28
N ILE A 124 -32.43 0.47 -7.00
CA ILE A 124 -32.49 1.85 -6.59
C ILE A 124 -31.39 2.65 -7.28
N GLU A 125 -30.18 2.09 -7.29
CA GLU A 125 -29.03 2.74 -7.94
C GLU A 125 -29.20 2.99 -9.45
N ALA A 126 -29.89 2.07 -10.12
CA ALA A 126 -30.22 2.24 -11.54
C ALA A 126 -31.11 3.46 -11.83
N PHE A 127 -32.06 3.75 -10.94
CA PHE A 127 -32.87 4.97 -11.00
C PHE A 127 -32.03 6.20 -10.78
N ALA A 128 -31.22 6.20 -9.74
CA ALA A 128 -30.47 7.39 -9.40
C ALA A 128 -29.30 7.70 -10.32
N PHE A 129 -28.69 6.69 -10.94
CA PHE A 129 -27.48 6.94 -11.75
C PHE A 129 -27.56 8.04 -12.81
N PRO A 130 -28.59 8.02 -13.71
CA PRO A 130 -28.50 9.04 -14.76
C PRO A 130 -28.67 10.45 -14.21
N LEU A 131 -29.13 10.54 -12.96
CA LEU A 131 -29.49 11.80 -12.33
C LEU A 131 -28.39 12.34 -11.46
N MET A 132 -27.41 11.49 -11.14
CA MET A 132 -26.22 11.93 -10.39
C MET A 132 -24.93 11.22 -10.80
N PRO A 133 -24.59 11.24 -12.11
CA PRO A 133 -23.48 10.36 -12.47
C PRO A 133 -22.16 10.84 -11.89
N ASP A 134 -22.00 12.15 -11.74
CA ASP A 134 -20.82 12.70 -11.15
C ASP A 134 -20.68 12.36 -9.67
N ILE A 135 -21.78 12.13 -8.96
CA ILE A 135 -21.70 11.79 -7.54
C ILE A 135 -21.34 10.31 -7.35
N MET A 136 -21.99 9.43 -8.13
CA MET A 136 -21.69 7.99 -8.14
C MET A 136 -20.22 7.70 -8.39
N GLN A 137 -19.60 8.51 -9.24
CA GLN A 137 -18.19 8.38 -9.53
C GLN A 137 -17.32 8.68 -8.29
N ILE A 138 -17.66 9.73 -7.56
CA ILE A 138 -16.83 10.07 -6.43
C ILE A 138 -17.22 9.30 -5.18
N LEU A 139 -18.41 8.72 -5.19
CA LEU A 139 -18.84 7.80 -4.13
C LEU A 139 -17.94 6.57 -4.16
N TYR A 140 -17.73 6.04 -5.35
CA TYR A 140 -17.06 4.79 -5.50
C TYR A 140 -15.56 4.85 -5.28
N THR A 141 -14.98 6.05 -5.27
CA THR A 141 -13.57 6.17 -4.89
C THR A 141 -13.35 5.90 -3.40
N GLY A 142 -14.43 5.78 -2.63
CA GLY A 142 -14.37 5.47 -1.20
C GLY A 142 -13.72 6.54 -0.32
N SER A 143 -13.28 7.64 -0.93
CA SER A 143 -12.41 8.57 -0.26
C SER A 143 -13.09 9.75 0.42
N VAL A 144 -14.27 10.14 -0.08
CA VAL A 144 -14.89 11.40 0.40
C VAL A 144 -16.18 11.19 1.24
N PHE A 145 -17.07 10.31 0.79
CA PHE A 145 -18.27 9.99 1.58
C PHE A 145 -18.80 8.61 1.23
N VAL A 146 -19.60 8.03 2.10
CA VAL A 146 -20.47 6.95 1.62
C VAL A 146 -21.95 7.29 1.77
N LEU A 147 -22.73 6.92 0.75
CA LEU A 147 -24.17 7.15 0.70
C LEU A 147 -24.89 5.81 0.84
N THR A 148 -25.58 5.60 1.94
CA THR A 148 -26.14 4.28 2.19
C THR A 148 -27.52 4.06 1.63
N GLU A 149 -28.17 5.10 1.12
CA GLU A 149 -29.56 4.94 0.67
C GLU A 149 -29.69 4.20 -0.65
N ILE A 150 -28.54 3.79 -1.21
CA ILE A 150 -28.44 2.88 -2.35
C ILE A 150 -29.09 1.56 -1.93
N ALA A 151 -28.94 1.25 -0.65
CA ALA A 151 -29.32 -0.02 -0.10
C ALA A 151 -30.76 -0.04 0.37
N GLY A 152 -31.38 1.15 0.41
CA GLY A 152 -32.71 1.30 0.99
C GLY A 152 -32.67 2.27 2.16
N ILE A 153 -33.78 2.44 2.87
CA ILE A 153 -33.81 3.43 3.96
C ILE A 153 -33.74 2.85 5.36
N SER A 154 -34.77 2.13 5.79
CA SER A 154 -34.85 1.60 7.17
C SER A 154 -34.54 2.66 8.25
N HIS A 155 -33.71 2.29 9.22
CA HIS A 155 -33.30 3.21 10.30
C HIS A 155 -34.41 3.96 10.96
N VAL A 156 -35.35 3.25 11.55
CA VAL A 156 -36.44 3.90 12.24
C VAL A 156 -36.85 2.99 13.37
N ALA A 157 -37.07 3.55 14.54
CA ALA A 157 -37.78 2.83 15.58
C ALA A 157 -39.29 2.78 15.24
N VAL A 158 -39.77 1.57 15.01
CA VAL A 158 -41.15 1.23 14.67
C VAL A 158 -42.13 1.66 15.73
N ASN A 159 -43.24 2.29 15.32
CA ASN A 159 -44.23 2.71 16.29
C ASN A 159 -45.10 1.55 16.79
N TYR A 160 -44.56 0.77 17.71
CA TYR A 160 -45.33 -0.30 18.32
C TYR A 160 -46.56 0.13 19.11
N PRO A 161 -46.50 1.21 19.91
CA PRO A 161 -47.76 1.59 20.54
C PRO A 161 -48.93 1.98 19.60
N TYR A 162 -48.63 2.48 18.40
CA TYR A 162 -49.65 2.75 17.38
C TYR A 162 -50.27 1.43 16.93
N LEU A 163 -49.40 0.45 16.74
CA LEU A 163 -49.78 -0.87 16.26
C LEU A 163 -50.58 -1.60 17.31
N LEU A 164 -50.11 -1.52 18.56
CA LEU A 164 -50.69 -2.31 19.66
C LEU A 164 -52.07 -1.85 20.06
N ARG A 165 -52.42 -0.64 19.66
CA ARG A 165 -53.73 -0.05 19.95
C ARG A 165 -54.73 -0.28 18.83
N ARG A 166 -54.29 -0.93 17.76
CA ARG A 166 -55.13 -1.18 16.62
C ARG A 166 -55.12 -2.65 16.19
N GLY A 167 -53.93 -3.16 15.90
CA GLY A 167 -53.82 -4.52 15.41
C GLY A 167 -54.10 -4.52 13.91
N PHE A 168 -53.66 -5.56 13.22
CA PHE A 168 -53.65 -5.51 11.78
C PHE A 168 -54.99 -5.78 11.11
N ARG A 169 -55.94 -6.33 11.87
CA ARG A 169 -57.30 -6.50 11.35
C ARG A 169 -57.99 -5.15 11.29
N TRP A 170 -57.53 -4.21 12.11
CA TRP A 170 -58.07 -2.86 12.06
C TRP A 170 -57.64 -2.23 10.76
N PHE A 171 -56.37 -2.39 10.42
CA PHE A 171 -55.81 -1.77 9.24
C PHE A 171 -56.48 -2.31 7.99
N LEU A 172 -56.73 -3.62 7.99
CA LEU A 172 -57.32 -4.28 6.85
C LEU A 172 -58.70 -3.72 6.62
N GLU A 173 -59.47 -3.64 7.69
CA GLU A 173 -60.84 -3.12 7.59
C GLU A 173 -60.90 -1.63 7.29
N GLU A 174 -59.95 -0.87 7.84
CA GLU A 174 -59.96 0.57 7.65
C GLU A 174 -59.54 0.88 6.23
N SER A 175 -58.57 0.13 5.72
CA SER A 175 -58.15 0.23 4.33
C SER A 175 -59.32 -0.05 3.43
N GLU A 176 -60.12 -1.05 3.79
CA GLU A 176 -61.33 -1.38 3.03
C GLU A 176 -62.38 -0.29 3.05
N ARG A 177 -62.61 0.36 4.20
CA ARG A 177 -63.56 1.49 4.24
C ARG A 177 -63.04 2.61 3.37
N ARG A 178 -61.72 2.86 3.44
CA ARG A 178 -61.09 3.94 2.70
C ARG A 178 -60.98 3.69 1.21
N ILE A 179 -60.82 2.44 0.81
CA ILE A 179 -60.88 2.07 -0.60
C ILE A 179 -62.28 2.34 -1.17
N ARG A 180 -63.32 1.99 -0.44
CA ARG A 180 -64.69 2.28 -0.88
C ARG A 180 -64.97 3.77 -1.02
N ALA A 181 -64.54 4.55 -0.03
CA ALA A 181 -64.84 5.97 -0.05
C ALA A 181 -64.10 6.69 -1.18
N LEU A 182 -62.99 6.10 -1.62
CA LEU A 182 -62.18 6.68 -2.67
C LEU A 182 -62.86 6.40 -3.98
N GLU A 183 -63.41 5.20 -4.09
CA GLU A 183 -64.21 4.80 -5.21
C GLU A 183 -65.51 5.60 -5.34
N GLU A 184 -66.09 5.99 -4.22
CA GLU A 184 -67.32 6.76 -4.26
C GLU A 184 -67.08 8.14 -4.86
N SER A 185 -65.89 8.67 -4.64
CA SER A 185 -65.50 9.95 -5.22
C SER A 185 -64.68 9.81 -6.50
N GLY A 186 -64.75 8.64 -7.13
CA GLY A 186 -64.32 8.47 -8.52
C GLY A 186 -62.85 8.26 -8.72
N VAL A 187 -62.14 7.97 -7.63
CA VAL A 187 -60.69 7.73 -7.59
C VAL A 187 -59.86 8.80 -8.29
N TYR A 188 -60.04 10.06 -7.94
CA TYR A 188 -59.20 11.08 -8.55
C TYR A 188 -57.86 11.11 -7.82
N GLU A 189 -57.86 10.49 -6.65
CA GLU A 189 -56.72 10.43 -5.79
C GLU A 189 -56.05 9.09 -5.98
N GLY A 190 -55.57 8.83 -7.19
CA GLY A 190 -54.97 7.56 -7.52
C GLY A 190 -53.87 7.07 -6.59
N GLU A 191 -52.98 7.98 -6.17
CA GLU A 191 -51.86 7.64 -5.32
C GLU A 191 -52.32 7.10 -3.98
N LYS A 192 -53.20 7.86 -3.34
CA LYS A 192 -53.86 7.47 -2.11
C LYS A 192 -54.55 6.10 -2.26
N TYR A 193 -55.15 5.87 -3.42
CA TYR A 193 -55.81 4.61 -3.72
C TYR A 193 -54.84 3.42 -3.80
N SER A 194 -53.77 3.56 -4.56
CA SER A 194 -52.67 2.59 -4.60
C SER A 194 -52.15 2.27 -3.22
N PHE A 195 -52.07 3.29 -2.37
CA PHE A 195 -51.58 3.13 -1.01
C PHE A 195 -52.46 2.21 -0.20
N TYR A 196 -53.74 2.53 -0.11
CA TYR A 196 -54.67 1.71 0.64
C TYR A 196 -54.82 0.28 0.06
N GLN A 197 -54.69 0.17 -1.26
CA GLN A 197 -54.61 -1.13 -1.88
C GLN A 197 -53.43 -1.91 -1.37
N ALA A 198 -52.29 -1.23 -1.21
CA ALA A 198 -51.10 -1.89 -0.73
C ALA A 198 -51.26 -2.25 0.74
N ALA A 199 -51.78 -1.31 1.51
CA ALA A 199 -51.97 -1.48 2.95
C ALA A 199 -52.82 -2.72 3.23
N LYS A 200 -53.96 -2.84 2.54
CA LYS A 200 -54.85 -4.01 2.59
C LYS A 200 -54.10 -5.33 2.43
N ILE A 201 -53.47 -5.48 1.26
CA ILE A 201 -52.60 -6.60 0.93
C ILE A 201 -51.57 -6.89 2.04
N VAL A 202 -50.85 -5.86 2.45
CA VAL A 202 -49.80 -6.01 3.45
C VAL A 202 -50.32 -6.35 4.86
N SER A 203 -51.54 -5.92 5.17
CA SER A 203 -52.17 -6.31 6.43
C SER A 203 -52.56 -7.79 6.42
N GLU A 204 -53.19 -8.22 5.32
CA GLU A 204 -53.56 -9.61 5.09
C GLU A 204 -52.37 -10.54 5.22
N ALA A 205 -51.26 -10.18 4.61
CA ALA A 205 -50.01 -10.91 4.70
C ALA A 205 -49.57 -11.17 6.14
N VAL A 206 -49.62 -10.11 6.96
CA VAL A 206 -49.13 -10.15 8.34
C VAL A 206 -50.04 -10.98 9.24
N ILE A 207 -51.35 -10.85 9.02
CA ILE A 207 -52.37 -11.68 9.69
C ILE A 207 -52.15 -13.16 9.39
N ASN A 208 -52.01 -13.47 8.11
CA ASN A 208 -51.72 -14.82 7.64
C ASN A 208 -50.40 -15.36 8.14
N TYR A 209 -49.42 -14.46 8.34
CA TYR A 209 -48.06 -14.85 8.79
C TYR A 209 -48.08 -15.28 10.24
N GLY A 210 -48.89 -14.61 11.05
CA GLY A 210 -49.09 -15.03 12.41
C GLY A 210 -49.79 -16.37 12.42
N LEU A 211 -50.82 -16.51 11.58
CA LEU A 211 -51.59 -17.76 11.43
C LEU A 211 -50.76 -18.98 11.04
N ARG A 212 -49.71 -18.79 10.23
CA ARG A 212 -48.81 -19.88 9.85
C ARG A 212 -48.04 -20.38 11.05
N TYR A 213 -47.62 -19.47 11.93
CA TYR A 213 -46.87 -19.89 13.12
C TYR A 213 -47.76 -20.53 14.15
N SER A 214 -49.06 -20.20 14.09
CA SER A 214 -50.06 -20.77 14.96
C SER A 214 -50.28 -22.23 14.60
N LYS A 215 -50.24 -22.51 13.30
CA LYS A 215 -50.48 -23.84 12.76
C LYS A 215 -49.30 -24.78 13.01
N LEU A 216 -48.08 -24.24 12.88
CA LEU A 216 -46.87 -25.00 13.17
C LEU A 216 -46.81 -25.33 14.67
N ALA A 217 -47.23 -24.38 15.51
CA ALA A 217 -47.27 -24.60 16.96
C ALA A 217 -48.23 -25.70 17.37
N GLU A 218 -49.35 -25.77 16.65
CA GLU A 218 -50.36 -26.78 16.87
C GLU A 218 -49.85 -28.14 16.39
N GLU A 219 -49.15 -28.12 15.25
CA GLU A 219 -48.57 -29.31 14.66
C GLU A 219 -47.45 -29.92 15.53
N LEU A 220 -46.69 -29.07 16.22
CA LEU A 220 -45.61 -29.56 17.06
C LEU A 220 -46.11 -30.10 18.41
N ALA A 221 -47.29 -29.65 18.83
CA ALA A 221 -47.82 -29.96 20.18
C ALA A 221 -48.60 -31.28 20.29
N GLU A 222 -48.93 -31.87 19.14
CA GLU A 222 -49.57 -33.18 19.11
C GLU A 222 -48.48 -34.23 18.97
N SER A 223 -47.30 -33.92 19.48
CA SER A 223 -46.11 -34.68 19.22
C SER A 223 -45.12 -34.39 20.34
N GLU A 224 -45.64 -33.96 21.48
CA GLU A 224 -44.80 -33.33 22.49
C GLU A 224 -45.39 -33.51 23.91
N ASP A 225 -44.55 -33.31 24.91
CA ASP A 225 -44.82 -33.81 26.24
C ASP A 225 -44.86 -32.77 27.37
N GLY A 226 -45.99 -32.71 28.08
CA GLY A 226 -46.01 -32.11 29.40
C GLY A 226 -46.07 -30.60 29.49
N GLU A 227 -44.96 -29.98 29.91
CA GLU A 227 -44.88 -28.52 30.02
C GLU A 227 -44.69 -27.88 28.65
N ARG A 228 -43.90 -28.55 27.81
CA ARG A 228 -43.58 -28.07 26.46
C ARG A 228 -44.81 -28.10 25.55
N ARG A 229 -45.67 -29.10 25.75
CA ARG A 229 -46.94 -29.20 25.06
C ARG A 229 -47.91 -28.10 25.52
N GLU A 230 -47.83 -27.73 26.80
CA GLU A 230 -48.63 -26.61 27.34
C GLU A 230 -48.21 -25.28 26.70
N GLU A 231 -46.90 -25.09 26.56
CA GLU A 231 -46.31 -23.91 25.95
C GLU A 231 -46.66 -23.73 24.47
N LEU A 232 -46.52 -24.81 23.69
CA LEU A 232 -46.80 -24.75 22.26
C LEU A 232 -48.28 -24.53 21.96
N LEU A 233 -49.15 -25.02 22.84
CA LEU A 233 -50.58 -24.75 22.70
C LEU A 233 -50.90 -23.29 22.98
N LYS A 234 -50.16 -22.68 23.92
CA LYS A 234 -50.27 -21.25 24.21
C LYS A 234 -49.78 -20.42 23.02
N ILE A 235 -48.64 -20.80 22.46
CA ILE A 235 -48.10 -20.16 21.27
C ILE A 235 -49.07 -20.23 20.08
N ALA A 236 -49.78 -21.34 19.95
CA ALA A 236 -50.80 -21.50 18.90
C ALA A 236 -51.97 -20.55 19.10
N GLU A 237 -52.29 -20.31 20.36
CA GLU A 237 -53.45 -19.55 20.75
C GLU A 237 -53.13 -18.05 20.59
N ILE A 238 -51.91 -17.69 21.00
CA ILE A 238 -51.37 -16.34 20.88
C ILE A 238 -51.20 -15.91 19.42
N CYS A 239 -50.54 -16.74 18.61
CA CYS A 239 -50.34 -16.40 17.19
C CYS A 239 -51.57 -16.49 16.31
N ARG A 240 -52.69 -16.95 16.85
CA ARG A 240 -53.95 -16.95 16.12
C ARG A 240 -54.54 -15.58 16.34
N LYS A 241 -54.27 -15.01 17.51
CA LYS A 241 -54.90 -13.78 17.93
C LYS A 241 -54.07 -12.59 17.48
N VAL A 242 -52.79 -12.62 17.78
CA VAL A 242 -51.97 -11.45 17.54
C VAL A 242 -50.81 -11.62 16.59
N PRO A 243 -50.95 -11.03 15.43
CA PRO A 243 -50.60 -9.67 15.08
C PRO A 243 -51.91 -8.97 14.63
N ALA A 244 -53.03 -9.69 14.66
CA ALA A 244 -54.27 -9.25 14.05
C ALA A 244 -55.16 -8.49 15.02
N GLU A 245 -55.19 -8.91 16.28
CA GLU A 245 -55.97 -8.23 17.30
C GLU A 245 -55.07 -7.44 18.24
N LYS A 246 -55.66 -6.48 18.95
CA LYS A 246 -54.97 -5.84 20.06
C LYS A 246 -54.70 -6.90 21.11
N PRO A 247 -53.45 -6.99 21.56
CA PRO A 247 -53.08 -7.88 22.63
C PRO A 247 -53.62 -7.43 24.00
N GLU A 248 -53.85 -8.40 24.89
CA GLU A 248 -54.30 -8.08 26.26
C GLU A 248 -53.34 -8.55 27.35
N THR A 249 -52.49 -9.52 27.03
CA THR A 249 -51.51 -9.99 27.99
C THR A 249 -50.09 -9.57 27.54
N PHE A 250 -49.13 -9.67 28.45
CA PHE A 250 -47.75 -9.31 28.18
C PHE A 250 -47.13 -10.23 27.15
N TRP A 251 -47.45 -11.52 27.25
CA TRP A 251 -46.90 -12.50 26.33
C TRP A 251 -47.49 -12.19 24.95
N GLU A 252 -48.78 -11.88 24.92
CA GLU A 252 -49.44 -11.52 23.68
C GLU A 252 -48.83 -10.27 23.04
N ALA A 253 -48.53 -9.25 23.86
CA ALA A 253 -47.83 -8.05 23.40
C ALA A 253 -46.45 -8.38 22.85
N VAL A 254 -45.63 -9.12 23.58
CA VAL A 254 -44.26 -9.37 23.10
C VAL A 254 -44.22 -10.23 21.83
N GLN A 255 -45.19 -11.13 21.69
CA GLN A 255 -45.29 -11.92 20.47
C GLN A 255 -45.78 -11.09 19.28
N PHE A 256 -46.71 -10.16 19.57
CA PHE A 256 -47.12 -9.15 18.59
C PHE A 256 -45.91 -8.43 17.99
N VAL A 257 -45.20 -7.65 18.82
CA VAL A 257 -44.05 -6.89 18.34
C VAL A 257 -43.02 -7.75 17.58
N TRP A 258 -42.69 -8.94 18.07
CA TRP A 258 -41.70 -9.72 17.34
C TRP A 258 -42.16 -10.26 15.96
N LEU A 259 -43.45 -10.58 15.82
CA LEU A 259 -43.92 -11.00 14.52
C LEU A 259 -43.76 -9.89 13.49
N VAL A 260 -44.26 -8.68 13.80
CA VAL A 260 -44.10 -7.57 12.85
C VAL A 260 -42.63 -7.17 12.68
N GLN A 261 -41.86 -7.26 13.76
CA GLN A 261 -40.44 -7.05 13.67
C GLN A 261 -39.75 -7.98 12.66
N SER A 262 -40.07 -9.27 12.70
CA SER A 262 -39.50 -10.23 11.73
C SER A 262 -40.07 -10.02 10.33
N ALA A 263 -41.32 -9.58 10.28
CA ALA A 263 -41.99 -9.31 9.03
C ALA A 263 -41.32 -8.15 8.33
N LEU A 264 -41.04 -7.09 9.10
CA LEU A 264 -40.43 -5.85 8.58
C LEU A 264 -39.12 -6.14 7.92
N HIS A 265 -38.43 -7.15 8.43
CA HIS A 265 -37.15 -7.53 7.90
C HIS A 265 -37.22 -8.28 6.58
N GLN A 266 -38.42 -8.49 6.07
CA GLN A 266 -38.57 -9.15 4.79
C GLN A 266 -38.84 -8.10 3.75
N GLU A 267 -39.27 -6.92 4.21
CA GLU A 267 -39.54 -5.79 3.32
C GLU A 267 -38.38 -4.79 3.29
N ASN A 268 -37.81 -4.50 4.45
CA ASN A 268 -36.81 -3.45 4.58
C ASN A 268 -35.47 -4.03 4.90
N TYR A 269 -34.42 -3.40 4.39
CA TYR A 269 -33.07 -3.92 4.58
C TYR A 269 -32.60 -3.86 6.04
N GLU A 270 -31.56 -4.65 6.32
CA GLU A 270 -31.13 -5.08 7.66
C GLU A 270 -30.75 -4.03 8.68
N GLN A 271 -30.67 -2.76 8.29
CA GLN A 271 -30.12 -1.77 9.18
C GLN A 271 -31.11 -1.01 10.06
N ALA A 272 -31.02 -1.26 11.35
CA ALA A 272 -31.51 -0.34 12.37
C ALA A 272 -33.00 -0.25 12.54
N ILE A 273 -33.72 -1.29 12.13
CA ILE A 273 -35.15 -1.33 12.38
C ILE A 273 -35.34 -1.62 13.86
N SER A 274 -35.78 -0.62 14.61
CA SER A 274 -35.68 -0.68 16.07
C SER A 274 -37.04 -0.72 16.75
N MET A 275 -37.04 -1.01 18.04
CA MET A 275 -38.30 -1.24 18.73
C MET A 275 -38.75 -0.10 19.64
N GLY A 276 -37.91 0.90 19.79
CA GLY A 276 -38.29 2.11 20.50
C GLY A 276 -38.31 2.01 22.00
N ARG A 277 -39.18 2.78 22.63
CA ARG A 277 -39.25 2.75 24.09
C ARG A 277 -40.07 1.58 24.61
N ILE A 278 -39.50 0.39 24.41
CA ILE A 278 -40.09 -0.89 24.72
C ILE A 278 -40.46 -1.08 26.19
N ASP A 279 -39.72 -0.44 27.10
CA ASP A 279 -40.02 -0.54 28.52
C ASP A 279 -41.24 0.30 28.90
N GLN A 280 -41.50 1.33 28.12
CA GLN A 280 -42.61 2.21 28.39
C GLN A 280 -43.94 1.61 27.95
N TYR A 281 -43.92 0.92 26.81
CA TYR A 281 -45.15 0.49 26.17
C TYR A 281 -45.54 -0.97 26.43
N LEU A 282 -44.59 -1.76 26.95
CA LEU A 282 -44.92 -3.11 27.40
C LEU A 282 -45.36 -3.11 28.87
N TYR A 283 -45.08 -2.02 29.57
CA TYR A 283 -45.41 -1.91 31.00
C TYR A 283 -46.89 -1.99 31.40
N PRO A 284 -47.81 -1.44 30.59
CA PRO A 284 -49.22 -1.72 30.96
C PRO A 284 -49.60 -3.19 31.02
N PHE A 285 -49.09 -4.00 30.09
CA PHE A 285 -49.42 -5.42 30.02
C PHE A 285 -48.71 -6.16 31.14
N PHE A 286 -47.48 -5.75 31.41
CA PHE A 286 -46.70 -6.31 32.49
C PHE A 286 -47.33 -6.06 33.86
N LYS A 287 -47.67 -4.79 34.15
CA LYS A 287 -48.24 -4.42 35.46
C LYS A 287 -49.56 -5.12 35.73
N LYS A 288 -50.37 -5.31 34.68
CA LYS A 288 -51.65 -5.99 34.81
C LYS A 288 -51.42 -7.46 35.10
N ASP A 289 -50.53 -8.09 34.34
CA ASP A 289 -50.26 -9.53 34.48
C ASP A 289 -49.67 -9.94 35.84
N ILE A 290 -48.68 -9.22 36.35
CA ILE A 290 -48.23 -9.42 37.74
C ILE A 290 -49.34 -8.85 38.66
N GLY A 291 -49.81 -9.61 39.64
CA GLY A 291 -50.84 -9.03 40.51
C GLY A 291 -52.24 -9.28 39.98
N GLU A 292 -52.31 -9.97 38.85
CA GLU A 292 -53.49 -10.69 38.46
C GLU A 292 -53.06 -12.14 38.40
N GLY A 293 -51.79 -12.38 38.77
CA GLY A 293 -51.23 -13.71 38.81
C GLY A 293 -50.96 -14.35 37.47
N ARG A 294 -51.42 -13.72 36.38
CA ARG A 294 -51.34 -14.23 35.00
C ARG A 294 -49.95 -14.76 34.69
N ILE A 295 -48.94 -13.96 34.98
CA ILE A 295 -47.55 -14.38 34.83
C ILE A 295 -46.76 -14.06 36.10
N ASN A 296 -45.57 -14.62 36.22
CA ASN A 296 -44.67 -14.30 37.31
C ASN A 296 -43.40 -13.66 36.75
N ARG A 297 -42.51 -13.24 37.62
CA ARG A 297 -41.35 -12.45 37.23
C ARG A 297 -40.33 -13.23 36.41
N GLU A 298 -40.25 -14.54 36.62
CA GLU A 298 -39.27 -15.36 35.94
C GLU A 298 -39.72 -15.74 34.52
N LEU A 299 -41.02 -15.91 34.35
CA LEU A 299 -41.61 -16.15 33.03
C LEU A 299 -41.45 -14.90 32.16
N ALA A 300 -41.79 -13.73 32.72
CA ALA A 300 -41.60 -12.43 32.07
C ALA A 300 -40.18 -12.21 31.62
N PHE A 301 -39.23 -12.59 32.46
CA PHE A 301 -37.81 -12.58 32.12
C PHE A 301 -37.51 -13.44 30.91
N ASP A 302 -38.08 -14.64 30.86
CA ASP A 302 -37.79 -15.61 29.79
C ASP A 302 -38.35 -15.13 28.47
N ILE A 303 -39.53 -14.52 28.54
CA ILE A 303 -40.20 -13.91 27.39
C ILE A 303 -39.32 -12.82 26.74
N LEU A 304 -38.80 -11.92 27.57
CA LEU A 304 -37.93 -10.86 27.09
C LEU A 304 -36.61 -11.41 26.60
N ALA A 305 -36.11 -12.43 27.30
CA ALA A 305 -34.87 -13.11 26.89
C ALA A 305 -34.95 -13.68 25.49
N ASN A 306 -36.09 -14.30 25.18
CA ASN A 306 -36.36 -14.88 23.89
C ASN A 306 -36.32 -13.85 22.76
N LEU A 307 -36.93 -12.69 23.02
CA LEU A 307 -36.91 -11.57 22.08
C LEU A 307 -35.48 -11.07 21.81
N TRP A 308 -34.74 -10.77 22.89
CA TRP A 308 -33.37 -10.32 22.78
C TRP A 308 -32.57 -11.30 21.95
N ILE A 309 -32.69 -12.58 22.27
CA ILE A 309 -31.95 -13.64 21.59
C ILE A 309 -32.29 -13.77 20.10
N LYS A 310 -33.56 -13.53 19.76
CA LYS A 310 -33.97 -13.67 18.37
C LYS A 310 -33.39 -12.62 17.45
N THR A 311 -33.14 -11.40 17.94
CA THR A 311 -32.51 -10.35 17.10
C THR A 311 -31.07 -10.65 16.68
N ASN A 312 -30.51 -11.74 17.19
CA ASN A 312 -29.19 -12.21 16.77
C ASN A 312 -29.22 -13.12 15.54
N GLU A 313 -30.42 -13.38 15.01
CA GLU A 313 -30.54 -14.23 13.84
C GLU A 313 -30.02 -13.58 12.55
N ILE A 314 -29.99 -12.25 12.51
CA ILE A 314 -29.41 -11.59 11.33
C ILE A 314 -28.02 -11.03 11.52
N VAL A 315 -27.33 -11.01 10.41
CA VAL A 315 -25.96 -10.66 10.32
C VAL A 315 -26.00 -10.10 8.89
N PRO A 316 -25.26 -9.02 8.61
CA PRO A 316 -25.50 -8.25 7.39
C PRO A 316 -24.91 -8.89 6.12
N ALA A 317 -25.50 -8.63 4.96
CA ALA A 317 -25.00 -9.18 3.69
C ALA A 317 -23.96 -8.28 3.02
N PHE A 318 -22.92 -7.95 3.78
CA PHE A 318 -21.92 -7.02 3.32
C PHE A 318 -20.87 -7.72 2.51
N ASP A 319 -20.48 -7.15 1.38
CA ASP A 319 -19.34 -7.65 0.63
C ASP A 319 -18.01 -7.22 1.27
N SER A 320 -16.91 -7.49 0.58
CA SER A 320 -15.55 -7.24 1.08
C SER A 320 -15.21 -5.78 1.33
N LEU A 321 -15.69 -4.88 0.47
CA LEU A 321 -15.47 -3.46 0.69
C LEU A 321 -16.39 -2.95 1.80
N LEU A 322 -17.65 -3.34 1.78
CA LEU A 322 -18.59 -2.93 2.84
C LEU A 322 -18.22 -3.45 4.24
N GLU A 323 -17.44 -4.53 4.27
CA GLU A 323 -16.88 -5.05 5.53
C GLU A 323 -15.76 -4.20 6.13
N GLN A 324 -15.15 -3.33 5.33
CA GLN A 324 -14.11 -2.47 5.85
C GLN A 324 -14.73 -1.25 6.49
N TYR A 325 -15.83 -0.78 5.92
CA TYR A 325 -16.45 0.47 6.37
C TYR A 325 -17.50 0.20 7.43
N PHE A 326 -17.98 -1.04 7.51
CA PHE A 326 -19.00 -1.39 8.49
C PHE A 326 -18.71 -2.70 9.25
N SER A 327 -17.46 -2.87 9.68
CA SER A 327 -16.98 -4.11 10.30
C SER A 327 -17.65 -4.37 11.63
N GLY A 328 -17.88 -5.64 11.95
CA GLY A 328 -18.46 -5.96 13.24
C GLY A 328 -19.90 -6.35 13.18
N GLN A 329 -20.32 -6.86 12.03
CA GLN A 329 -21.64 -7.45 11.86
C GLN A 329 -22.79 -6.52 12.27
N ALA A 330 -22.81 -5.34 11.68
CA ALA A 330 -23.67 -4.28 12.13
C ALA A 330 -25.05 -4.39 11.48
N THR A 331 -26.04 -4.66 12.30
CA THR A 331 -27.42 -4.63 11.83
C THR A 331 -28.17 -3.65 12.71
N ASN A 332 -28.21 -3.97 14.01
CA ASN A 332 -28.57 -3.03 15.05
C ASN A 332 -30.03 -2.73 15.26
N GLN A 333 -30.82 -3.78 15.47
CA GLN A 333 -32.17 -3.61 15.98
C GLN A 333 -32.04 -3.08 17.37
N ALA A 334 -32.31 -1.79 17.54
CA ALA A 334 -32.09 -1.16 18.81
C ALA A 334 -33.29 -1.24 19.73
N VAL A 335 -33.03 -1.05 21.02
CA VAL A 335 -34.11 -1.07 21.98
C VAL A 335 -33.83 0.12 22.91
N THR A 336 -34.85 0.90 23.27
CA THR A 336 -34.67 2.07 24.16
C THR A 336 -35.36 1.90 25.50
N ILE A 337 -34.57 1.90 26.57
CA ILE A 337 -35.11 1.84 27.93
C ILE A 337 -34.78 3.08 28.75
N GLY A 338 -35.60 3.34 29.77
CA GLY A 338 -35.35 4.47 30.68
C GLY A 338 -35.78 5.81 30.12
N GLY A 339 -35.45 6.88 30.81
CA GLY A 339 -35.76 8.22 30.32
C GLY A 339 -36.93 8.83 31.07
N CYS A 340 -37.42 9.96 30.57
CA CYS A 340 -38.50 10.68 31.23
C CYS A 340 -39.82 10.70 30.44
N ASP A 341 -40.89 11.18 31.06
CA ASP A 341 -42.13 11.34 30.31
C ASP A 341 -42.16 12.71 29.62
N ILE A 342 -43.31 13.10 29.09
CA ILE A 342 -43.43 14.41 28.42
C ILE A 342 -43.57 15.60 29.39
N TYR A 343 -43.38 15.33 30.69
CA TYR A 343 -43.41 16.36 31.71
C TYR A 343 -42.06 16.52 32.40
N GLY A 344 -41.20 15.52 32.25
CA GLY A 344 -39.90 15.62 32.84
C GLY A 344 -39.77 14.67 34.02
N ASN A 345 -40.89 14.10 34.44
CA ASN A 345 -40.90 13.07 35.48
C ASN A 345 -40.14 11.84 35.04
N ASP A 346 -39.54 11.15 36.00
CA ASP A 346 -38.81 9.94 35.70
C ASP A 346 -39.76 8.86 35.21
N ALA A 347 -39.42 8.21 34.12
CA ALA A 347 -40.28 7.18 33.54
C ALA A 347 -39.72 5.76 33.67
N THR A 348 -38.72 5.58 34.52
CA THR A 348 -38.22 4.26 34.86
C THR A 348 -39.31 3.46 35.59
N ASN A 349 -39.59 2.24 35.13
CA ASN A 349 -40.54 1.36 35.79
C ASN A 349 -39.84 0.05 36.04
N GLU A 350 -40.55 -0.94 36.59
CA GLU A 350 -39.93 -2.22 36.97
C GLU A 350 -39.46 -2.99 35.74
N LEU A 351 -40.05 -2.66 34.59
CA LEU A 351 -39.72 -3.34 33.37
C LEU A 351 -38.42 -2.81 32.80
N THR A 352 -38.06 -1.59 33.19
CA THR A 352 -36.78 -1.01 32.79
C THR A 352 -35.65 -1.83 33.38
N TYR A 353 -35.76 -2.11 34.69
CA TYR A 353 -34.78 -2.89 35.43
C TYR A 353 -34.63 -4.30 34.87
N LEU A 354 -35.77 -4.92 34.60
CA LEU A 354 -35.83 -6.25 34.00
C LEU A 354 -35.03 -6.30 32.73
N MET A 355 -35.24 -5.31 31.87
CA MET A 355 -34.58 -5.28 30.60
C MET A 355 -33.08 -5.12 30.69
N LEU A 356 -32.61 -4.45 31.74
CA LEU A 356 -31.19 -4.29 32.01
C LEU A 356 -30.61 -5.63 32.41
N GLU A 357 -31.36 -6.36 33.24
CA GLU A 357 -30.94 -7.68 33.73
C GLU A 357 -30.76 -8.72 32.65
N VAL A 358 -31.76 -8.84 31.76
CA VAL A 358 -31.67 -9.75 30.63
C VAL A 358 -30.53 -9.36 29.70
N THR A 359 -30.32 -8.06 29.54
CA THR A 359 -29.18 -7.57 28.77
C THR A 359 -27.86 -8.01 29.40
N ASP A 360 -27.77 -7.87 30.73
CA ASP A 360 -26.55 -8.17 31.48
C ASP A 360 -26.21 -9.66 31.42
N ARG A 361 -27.25 -10.49 31.52
CA ARG A 361 -27.08 -11.93 31.50
C ARG A 361 -26.62 -12.42 30.14
N LEU A 362 -27.26 -11.90 29.09
CA LEU A 362 -27.08 -12.45 27.76
C LEU A 362 -25.76 -12.12 27.13
N ARG A 363 -25.32 -10.87 27.28
CA ARG A 363 -24.08 -10.37 26.67
C ARG A 363 -23.84 -10.77 25.22
N LEU A 364 -24.90 -10.76 24.42
CA LEU A 364 -24.79 -11.10 23.00
C LEU A 364 -24.61 -9.83 22.19
N ARG A 365 -24.27 -9.97 20.90
CA ARG A 365 -24.04 -8.81 20.04
C ARG A 365 -25.30 -7.99 19.79
N GLN A 366 -26.47 -8.59 20.00
CA GLN A 366 -27.70 -7.94 19.61
C GLN A 366 -28.94 -8.20 20.43
N PRO A 367 -29.45 -7.16 21.06
CA PRO A 367 -30.10 -6.01 20.48
C PRO A 367 -29.13 -4.88 20.84
N ASN A 368 -29.20 -3.74 20.17
CA ASN A 368 -28.37 -2.66 20.61
C ASN A 368 -29.15 -1.99 21.71
N VAL A 369 -28.78 -2.23 22.95
CA VAL A 369 -29.55 -1.63 24.04
C VAL A 369 -29.13 -0.22 24.47
N HIS A 370 -30.10 0.68 24.43
CA HIS A 370 -29.86 2.08 24.62
C HIS A 370 -30.58 2.57 25.83
N VAL A 371 -29.82 3.12 26.77
CA VAL A 371 -30.39 3.51 28.05
C VAL A 371 -30.40 5.03 28.16
N ARG A 372 -31.60 5.59 28.23
CA ARG A 372 -31.78 7.00 28.51
C ARG A 372 -31.67 7.27 30.02
N ILE A 373 -30.77 8.17 30.38
CA ILE A 373 -30.69 8.64 31.74
C ILE A 373 -30.69 10.15 31.77
N ASN A 374 -31.06 10.70 32.92
CA ASN A 374 -31.14 12.14 33.11
C ASN A 374 -30.90 12.49 34.57
N LYS A 375 -31.05 13.76 34.91
CA LYS A 375 -30.78 14.19 36.27
C LYS A 375 -31.79 13.70 37.32
N GLY A 376 -32.86 13.05 36.88
CA GLY A 376 -33.86 12.56 37.80
C GLY A 376 -33.99 11.06 37.81
N SER A 377 -33.02 10.37 37.22
CA SER A 377 -33.02 8.89 37.20
C SER A 377 -32.79 8.35 38.62
N PRO A 378 -33.45 7.23 39.00
CA PRO A 378 -33.28 6.75 40.37
C PRO A 378 -31.86 6.28 40.61
N GLU A 379 -31.37 6.55 41.81
CA GLU A 379 -29.99 6.30 42.20
C GLU A 379 -29.65 4.81 42.07
N SER A 380 -30.62 3.96 42.47
CA SER A 380 -30.46 2.51 42.34
C SER A 380 -30.22 2.10 40.91
N PHE A 381 -30.96 2.71 40.00
CA PHE A 381 -30.84 2.39 38.59
C PHE A 381 -29.45 2.73 38.04
N LEU A 382 -28.91 3.86 38.46
CA LEU A 382 -27.54 4.26 38.07
C LEU A 382 -26.45 3.34 38.63
N LYS A 383 -26.68 2.87 39.86
CA LYS A 383 -25.79 1.89 40.50
C LYS A 383 -25.80 0.59 39.70
N ARG A 384 -27.00 0.14 39.38
CA ARG A 384 -27.23 -1.10 38.66
C ARG A 384 -26.71 -1.07 37.24
N LEU A 385 -26.71 0.12 36.63
CA LEU A 385 -26.10 0.33 35.34
C LEU A 385 -24.60 0.22 35.47
N ALA A 386 -24.07 0.85 36.52
CA ALA A 386 -22.62 0.89 36.74
C ALA A 386 -22.05 -0.50 37.03
N GLU A 387 -22.84 -1.34 37.71
CA GLU A 387 -22.44 -2.72 38.02
C GLU A 387 -22.31 -3.56 36.77
N ALA A 388 -23.25 -3.40 35.84
CA ALA A 388 -23.24 -4.18 34.61
C ALA A 388 -22.06 -3.79 33.77
N ILE A 389 -21.84 -2.49 33.63
CA ILE A 389 -20.77 -1.96 32.79
C ILE A 389 -19.40 -2.33 33.32
N SER A 390 -19.18 -2.10 34.61
CA SER A 390 -17.91 -2.45 35.29
C SER A 390 -17.55 -3.93 35.25
N SER A 391 -18.56 -4.79 35.34
CA SER A 391 -18.36 -6.24 35.18
C SER A 391 -18.26 -6.66 33.71
N GLY A 392 -17.90 -5.72 32.84
CA GLY A 392 -17.53 -6.03 31.47
C GLY A 392 -18.60 -6.48 30.50
N CYS A 393 -19.85 -6.10 30.73
CA CYS A 393 -20.96 -6.49 29.86
C CYS A 393 -20.82 -5.97 28.44
N ASN A 394 -20.31 -4.74 28.31
CA ASN A 394 -19.90 -4.17 27.04
C ASN A 394 -20.96 -4.18 25.96
N ASN A 395 -22.20 -3.88 26.35
CA ASN A 395 -23.35 -3.98 25.46
C ASN A 395 -24.45 -2.95 25.75
N LEU A 396 -24.05 -1.86 26.40
CA LEU A 396 -24.93 -0.77 26.79
C LEU A 396 -24.49 0.50 26.13
N ALA A 397 -25.43 1.42 25.88
CA ALA A 397 -25.06 2.77 25.51
C ALA A 397 -25.88 3.71 26.35
N LEU A 398 -25.26 4.81 26.76
CA LEU A 398 -25.93 5.76 27.64
C LEU A 398 -26.26 7.05 26.90
N PHE A 399 -27.52 7.47 27.02
CA PHE A 399 -28.00 8.65 26.31
C PHE A 399 -28.50 9.67 27.32
N PHE A 400 -27.98 10.89 27.23
CA PHE A 400 -28.27 11.91 28.24
C PHE A 400 -29.38 12.84 27.77
N ASP A 401 -30.51 12.78 28.47
CA ASP A 401 -31.76 13.44 28.04
C ASP A 401 -31.65 14.93 27.78
N ASP A 402 -31.01 15.64 28.70
CA ASP A 402 -30.75 17.05 28.58
C ASP A 402 -30.19 17.47 27.20
N ALA A 403 -29.09 16.86 26.76
CA ALA A 403 -28.44 17.23 25.50
C ALA A 403 -29.24 16.79 24.29
N ALA A 404 -29.94 15.67 24.46
CA ALA A 404 -30.68 15.05 23.37
C ALA A 404 -31.96 15.80 23.04
N VAL A 405 -32.71 16.24 24.07
CA VAL A 405 -33.94 16.98 23.81
C VAL A 405 -33.67 18.41 23.39
N LYS A 406 -32.47 18.91 23.69
CA LYS A 406 -32.06 20.25 23.29
C LYS A 406 -31.73 20.24 21.80
N ALA A 407 -31.16 19.11 21.34
CA ALA A 407 -30.80 18.91 19.96
C ALA A 407 -32.05 18.83 19.13
N LEU A 408 -33.04 18.11 19.66
CA LEU A 408 -34.28 17.91 18.93
C LEU A 408 -35.11 19.18 18.88
N LYS A 409 -35.17 19.92 19.99
CA LYS A 409 -35.84 21.22 19.96
C LYS A 409 -35.26 22.20 18.94
N ASN A 410 -33.96 22.15 18.68
CA ASN A 410 -33.36 22.99 17.64
C ASN A 410 -33.63 22.49 16.24
N ALA A 411 -34.03 21.23 16.12
CA ALA A 411 -34.39 20.66 14.85
C ALA A 411 -35.88 20.90 14.65
N GLU A 412 -36.42 21.74 15.54
CA GLU A 412 -37.84 22.12 15.60
C GLU A 412 -38.80 21.00 15.94
N VAL A 413 -38.39 20.14 16.87
CA VAL A 413 -39.28 19.14 17.38
C VAL A 413 -40.05 19.79 18.54
N ASP A 414 -41.31 19.41 18.66
CA ASP A 414 -42.20 19.83 19.74
C ASP A 414 -41.62 19.39 21.04
N ASP A 415 -41.87 20.18 22.08
CA ASP A 415 -41.57 19.83 23.44
C ASP A 415 -41.78 18.37 23.77
N ARG A 416 -43.05 17.96 23.73
CA ARG A 416 -43.48 16.63 24.08
C ARG A 416 -42.87 15.54 23.20
N ASP A 417 -42.69 15.82 21.91
CA ASP A 417 -42.14 14.84 21.02
C ASP A 417 -40.63 14.67 21.26
N ALA A 418 -39.95 15.75 21.68
CA ALA A 418 -38.53 15.69 22.07
C ALA A 418 -38.32 14.96 23.39
N LEU A 419 -39.11 15.29 24.40
CA LEU A 419 -39.09 14.57 25.68
C LEU A 419 -39.32 13.08 25.49
N ASN A 420 -40.26 12.71 24.63
CA ASN A 420 -40.57 11.30 24.39
C ASN A 420 -39.73 10.70 23.25
N TYR A 421 -38.44 10.99 23.21
CA TYR A 421 -37.68 10.58 22.06
C TYR A 421 -37.29 9.12 22.19
N THR A 422 -36.90 8.54 21.06
CA THR A 422 -36.38 7.20 21.02
C THR A 422 -35.03 7.23 20.34
N THR A 423 -34.35 6.10 20.42
CA THR A 423 -33.11 5.95 19.72
C THR A 423 -33.28 4.84 18.67
N ASP A 424 -32.41 4.80 17.69
CA ASP A 424 -32.33 3.67 16.75
C ASP A 424 -30.89 3.55 16.22
N GLY A 425 -30.55 2.35 15.75
CA GLY A 425 -29.21 2.11 15.23
C GLY A 425 -28.11 2.09 16.28
N CYS A 426 -27.06 2.87 16.05
CA CYS A 426 -26.04 3.07 17.05
C CYS A 426 -26.41 4.12 18.09
N VAL A 427 -26.40 5.38 17.64
CA VAL A 427 -26.51 6.53 18.56
C VAL A 427 -27.55 7.56 18.14
N GLU A 428 -28.24 7.28 17.03
CA GLU A 428 -29.22 8.19 16.44
C GLU A 428 -30.49 8.40 17.25
N ILE A 429 -30.90 9.66 17.37
CA ILE A 429 -32.08 10.02 18.15
C ILE A 429 -33.16 10.64 17.25
N ALA A 430 -34.41 10.51 17.70
CA ALA A 430 -35.57 10.80 16.86
C ALA A 430 -36.82 10.83 17.72
N PRO A 431 -37.78 11.70 17.38
CA PRO A 431 -39.14 11.60 17.95
C PRO A 431 -39.70 10.20 17.74
N PHE A 432 -40.28 9.61 18.78
CA PHE A 432 -40.72 8.24 18.73
C PHE A 432 -42.04 8.07 18.01
N GLY A 433 -41.95 7.39 16.88
CA GLY A 433 -43.13 6.81 16.28
C GLY A 433 -43.79 7.61 15.19
N ASN A 434 -43.34 8.84 15.02
CA ASN A 434 -43.93 9.73 14.05
C ASN A 434 -42.88 10.45 13.24
N SER A 435 -41.78 9.75 13.00
CA SER A 435 -40.70 10.33 12.21
C SER A 435 -39.99 9.35 11.30
N PHE A 436 -39.43 9.86 10.22
CA PHE A 436 -38.63 9.05 9.35
C PHE A 436 -37.38 9.87 9.21
N THR A 437 -36.31 9.43 9.85
CA THR A 437 -35.11 10.27 9.95
C THR A 437 -33.94 9.86 9.07
N SER A 438 -34.07 8.74 8.36
CA SER A 438 -33.01 8.10 7.54
C SER A 438 -31.68 8.28 8.22
N SER A 439 -31.54 7.64 9.37
CA SER A 439 -30.64 8.16 10.34
C SER A 439 -29.17 7.88 10.02
N ASP A 440 -28.90 6.98 9.08
CA ASP A 440 -27.53 6.82 8.59
C ASP A 440 -27.52 6.96 7.09
N ALA A 441 -27.93 8.11 6.60
CA ALA A 441 -28.13 8.25 5.17
C ALA A 441 -26.82 8.49 4.46
N ALA A 442 -25.90 9.18 5.14
CA ALA A 442 -24.53 9.31 4.68
C ALA A 442 -23.56 9.44 5.84
N LEU A 443 -22.30 9.17 5.51
CA LEU A 443 -21.14 9.41 6.39
C LEU A 443 -20.13 10.22 5.60
N ILE A 444 -19.64 11.31 6.16
CA ILE A 444 -18.76 12.21 5.41
C ILE A 444 -17.36 12.32 6.00
N ASN A 445 -16.35 12.10 5.16
CA ASN A 445 -14.97 12.27 5.53
C ASN A 445 -14.62 13.74 5.53
N VAL A 446 -14.67 14.38 6.70
CA VAL A 446 -14.39 15.80 6.75
C VAL A 446 -12.88 16.08 6.71
N ALA A 447 -12.07 15.03 6.93
CA ALA A 447 -10.64 15.16 6.73
C ALA A 447 -10.33 15.44 5.27
N LYS A 448 -11.07 14.79 4.38
CA LYS A 448 -10.95 15.06 2.98
C LYS A 448 -11.24 16.53 2.66
N ALA A 449 -12.05 17.20 3.48
CA ALA A 449 -12.36 18.61 3.23
C ALA A 449 -11.12 19.46 3.42
N LEU A 450 -10.40 19.17 4.50
CA LEU A 450 -9.14 19.82 4.84
C LEU A 450 -8.07 19.53 3.80
N GLU A 451 -8.00 18.28 3.35
CA GLU A 451 -7.10 17.89 2.28
C GLU A 451 -7.36 18.73 1.03
N TYR A 452 -8.63 18.87 0.63
CA TYR A 452 -8.99 19.73 -0.50
C TYR A 452 -8.65 21.19 -0.20
N ALA A 453 -8.80 21.56 1.07
CA ALA A 453 -8.64 22.95 1.50
C ALA A 453 -7.20 23.41 1.44
N LEU A 454 -6.25 22.50 1.45
CA LEU A 454 -4.89 22.97 1.24
C LEU A 454 -4.24 22.51 -0.05
N ASN A 455 -5.02 21.92 -0.95
CA ASN A 455 -4.49 21.50 -2.24
C ASN A 455 -5.34 22.01 -3.40
N GLU A 456 -6.05 23.12 -3.16
CA GLU A 456 -6.91 23.77 -4.18
C GLU A 456 -7.94 22.83 -4.79
N GLY A 457 -8.61 22.08 -3.91
CA GLY A 457 -9.69 21.18 -4.31
C GLY A 457 -9.24 19.94 -5.05
N VAL A 458 -8.00 19.53 -4.83
CA VAL A 458 -7.54 18.26 -5.38
C VAL A 458 -7.17 17.32 -4.22
N ASP A 459 -7.38 16.03 -4.46
CA ASP A 459 -6.97 14.99 -3.53
C ASP A 459 -5.46 15.00 -3.53
N LEU A 460 -4.88 14.91 -2.33
CA LEU A 460 -3.46 15.15 -2.12
C LEU A 460 -2.58 14.06 -2.73
N GLN A 461 -3.14 12.87 -2.89
CA GLN A 461 -2.36 11.75 -3.37
C GLN A 461 -3.07 10.91 -4.45
N PHE A 462 -4.14 11.43 -5.02
CA PHE A 462 -4.93 10.60 -5.94
C PHE A 462 -5.36 11.31 -7.20
N GLY A 463 -5.22 12.63 -7.22
CA GLY A 463 -5.48 13.43 -8.41
C GLY A 463 -6.95 13.71 -8.66
N TYR A 464 -7.78 13.45 -7.66
CA TYR A 464 -9.21 13.63 -7.80
C TYR A 464 -9.56 15.08 -7.65
N GLU A 465 -10.13 15.70 -8.69
CA GLU A 465 -10.63 17.08 -8.55
C GLU A 465 -12.09 17.13 -8.09
N PHE A 466 -12.33 16.92 -6.80
CA PHE A 466 -13.69 16.78 -6.31
C PHE A 466 -14.03 17.96 -5.41
N GLY A 467 -13.04 18.78 -5.08
CA GLY A 467 -13.27 19.87 -4.13
C GLY A 467 -13.61 21.17 -4.81
N ALA A 468 -13.98 22.17 -4.00
CA ALA A 468 -14.22 23.51 -4.51
C ALA A 468 -12.91 24.05 -5.04
N LYS A 469 -12.96 24.91 -6.05
CA LYS A 469 -11.72 25.43 -6.57
C LYS A 469 -11.21 26.60 -5.73
N THR A 470 -10.75 26.30 -4.50
CA THR A 470 -10.13 27.31 -3.63
C THR A 470 -8.72 27.61 -4.09
N GLU A 471 -8.07 28.59 -3.45
CA GLU A 471 -6.68 28.90 -3.82
C GLU A 471 -5.64 28.21 -2.91
N LYS A 472 -4.35 28.38 -3.21
CA LYS A 472 -3.28 27.93 -2.33
C LYS A 472 -3.40 28.77 -1.06
N PRO A 473 -3.31 28.13 0.10
CA PRO A 473 -3.44 28.86 1.35
C PRO A 473 -2.14 29.54 1.80
N LYS A 474 -2.26 30.71 2.44
CA LYS A 474 -1.08 31.39 2.95
C LYS A 474 -1.03 31.40 4.48
N PHE A 475 -1.83 32.24 5.11
CA PHE A 475 -1.83 32.33 6.57
C PHE A 475 -2.83 31.32 7.15
N LEU A 476 -2.91 31.24 8.49
CA LEU A 476 -3.85 30.33 9.14
C LEU A 476 -5.27 30.76 8.87
N GLU A 477 -5.51 32.05 9.01
CA GLU A 477 -6.86 32.62 8.97
C GLU A 477 -7.60 32.37 7.67
N ASP A 478 -6.88 32.42 6.55
CA ASP A 478 -7.48 32.14 5.25
C ASP A 478 -7.37 30.66 4.84
N LEU A 479 -6.86 29.81 5.71
CA LEU A 479 -7.05 28.36 5.52
C LEU A 479 -8.38 27.98 6.17
N LEU A 480 -8.73 28.66 7.26
CA LEU A 480 -10.00 28.46 7.92
C LEU A 480 -11.19 28.75 7.00
N GLU A 481 -11.15 29.90 6.31
CA GLU A 481 -12.20 30.24 5.36
C GLU A 481 -12.26 29.19 4.26
N LYS A 482 -11.08 28.82 3.76
CA LYS A 482 -10.98 27.81 2.71
C LYS A 482 -11.47 26.44 3.19
N LEU A 483 -11.33 26.17 4.49
CA LEU A 483 -11.81 24.91 5.07
C LEU A 483 -13.35 24.88 5.11
N ARG A 484 -13.94 25.91 5.72
CA ARG A 484 -15.39 26.09 5.81
C ARG A 484 -16.08 26.01 4.46
N GLU A 485 -15.44 26.60 3.46
CA GLU A 485 -15.97 26.54 2.13
C GLU A 485 -15.91 25.12 1.61
N GLN A 486 -14.87 24.38 1.95
CA GLN A 486 -14.75 23.02 1.43
C GLN A 486 -15.70 22.03 2.09
N VAL A 487 -15.91 22.19 3.40
CA VAL A 487 -16.89 21.39 4.15
C VAL A 487 -18.26 21.56 3.50
N SER A 488 -18.66 22.83 3.36
CA SER A 488 -19.86 23.25 2.62
C SER A 488 -20.03 22.51 1.30
N HIS A 489 -19.00 22.60 0.45
CA HIS A 489 -18.98 21.97 -0.87
C HIS A 489 -19.26 20.47 -0.82
N ILE A 490 -18.69 19.79 0.17
CA ILE A 490 -18.78 18.35 0.31
C ILE A 490 -20.13 17.96 0.86
N VAL A 491 -20.63 18.75 1.81
CA VAL A 491 -21.97 18.54 2.36
C VAL A 491 -23.00 18.66 1.24
N LYS A 492 -22.88 19.72 0.45
CA LYS A 492 -23.74 19.95 -0.71
C LYS A 492 -23.76 18.77 -1.67
N LEU A 493 -22.60 18.16 -1.88
CA LEU A 493 -22.51 16.96 -2.70
C LEU A 493 -23.34 15.84 -2.11
N VAL A 494 -23.29 15.64 -0.79
CA VAL A 494 -24.08 14.54 -0.27
C VAL A 494 -25.54 14.90 -0.12
N VAL A 495 -25.86 16.17 0.09
CA VAL A 495 -27.28 16.49 0.16
C VAL A 495 -27.92 16.35 -1.20
N ARG A 496 -27.24 16.74 -2.27
CA ARG A 496 -27.74 16.47 -3.60
C ARG A 496 -27.89 14.97 -3.84
N GLY A 497 -26.87 14.20 -3.45
CA GLY A 497 -26.88 12.78 -3.69
C GLY A 497 -27.97 12.05 -2.93
N SER A 498 -28.14 12.39 -1.66
CA SER A 498 -29.08 11.67 -0.83
C SER A 498 -30.50 11.97 -1.26
N ASN A 499 -30.71 13.19 -1.74
CA ASN A 499 -32.03 13.60 -2.20
C ASN A 499 -32.42 12.88 -3.47
N VAL A 500 -31.47 12.72 -4.38
CA VAL A 500 -31.75 11.95 -5.57
C VAL A 500 -32.09 10.52 -5.17
N LEU A 501 -31.31 9.96 -4.26
CA LEU A 501 -31.57 8.61 -3.76
C LEU A 501 -32.91 8.47 -3.04
N SER A 502 -33.37 9.54 -2.38
CA SER A 502 -34.62 9.49 -1.61
C SER A 502 -35.82 9.51 -2.52
N TYR A 503 -35.67 10.24 -3.62
CA TYR A 503 -36.62 10.23 -4.69
C TYR A 503 -36.60 8.83 -5.33
N ALA A 504 -35.40 8.26 -5.47
CA ALA A 504 -35.22 6.95 -6.08
C ALA A 504 -35.88 5.85 -5.29
N ASN A 505 -35.76 5.92 -3.95
CA ASN A 505 -36.43 4.99 -3.07
C ASN A 505 -37.94 5.11 -3.22
N ALA A 506 -38.45 6.33 -3.17
CA ALA A 506 -39.88 6.60 -3.33
C ALA A 506 -40.44 6.02 -4.62
N GLU A 507 -39.60 5.95 -5.64
CA GLU A 507 -40.07 5.48 -6.93
C GLU A 507 -39.95 4.00 -7.15
N VAL A 508 -38.87 3.38 -6.68
CA VAL A 508 -38.67 1.95 -7.02
C VAL A 508 -38.73 1.00 -5.83
N LYS A 509 -38.81 1.55 -4.63
CA LYS A 509 -38.86 0.78 -3.40
C LYS A 509 -39.70 1.54 -2.36
N PRO A 510 -41.01 1.68 -2.63
CA PRO A 510 -41.80 2.12 -1.49
C PRO A 510 -41.99 0.94 -0.52
N THR A 511 -42.22 1.24 0.76
CA THR A 511 -42.23 0.20 1.78
C THR A 511 -43.51 0.24 2.63
N PRO A 512 -44.60 -0.32 2.10
CA PRO A 512 -45.95 -0.23 2.65
C PRO A 512 -46.16 -0.78 4.06
N LEU A 513 -45.54 -1.89 4.42
CA LEU A 513 -45.74 -2.39 5.80
C LEU A 513 -45.16 -1.42 6.83
N LEU A 514 -43.91 -0.98 6.58
CA LEU A 514 -43.23 0.01 7.39
C LEU A 514 -44.04 1.30 7.48
N SER A 515 -44.64 1.70 6.37
CA SER A 515 -45.56 2.83 6.38
C SER A 515 -46.69 2.72 7.38
N LEU A 516 -47.25 1.52 7.58
CA LEU A 516 -48.32 1.40 8.56
C LEU A 516 -47.80 1.70 9.95
N CYS A 517 -46.52 1.41 10.15
CA CYS A 517 -45.89 1.54 11.43
C CYS A 517 -45.31 2.91 11.72
N VAL A 518 -45.45 3.87 10.80
CA VAL A 518 -44.88 5.18 11.09
C VAL A 518 -45.92 6.27 10.96
N GLU A 519 -46.15 6.99 12.05
CA GLU A 519 -47.36 7.76 12.15
C GLU A 519 -47.45 8.97 11.23
N ASP A 520 -48.72 9.27 10.96
CA ASP A 520 -49.26 10.06 9.86
C ASP A 520 -49.33 9.32 8.50
N CYS A 521 -48.47 8.34 8.24
CA CYS A 521 -48.46 7.67 6.91
C CYS A 521 -49.75 7.04 6.50
N PHE A 522 -50.24 6.13 7.34
CA PHE A 522 -51.49 5.42 7.09
C PHE A 522 -52.66 6.40 7.05
N GLU A 523 -52.71 7.31 8.03
CA GLU A 523 -53.82 8.25 8.09
C GLU A 523 -53.86 9.24 6.92
N LYS A 524 -52.70 9.67 6.44
CA LYS A 524 -52.64 10.54 5.27
C LYS A 524 -52.68 9.78 3.93
N GLY A 525 -52.47 8.48 3.98
CA GLY A 525 -52.50 7.66 2.79
C GLY A 525 -51.32 7.88 1.87
N VAL A 526 -50.17 8.24 2.44
CA VAL A 526 -48.93 8.38 1.69
C VAL A 526 -47.85 7.50 2.29
N ASP A 527 -47.10 6.82 1.44
CA ASP A 527 -46.00 5.99 1.88
C ASP A 527 -44.90 6.77 2.62
N VAL A 528 -44.27 6.12 3.58
CA VAL A 528 -43.10 6.63 4.30
C VAL A 528 -41.92 7.16 3.45
N SER A 529 -41.66 6.55 2.30
CA SER A 529 -40.55 6.95 1.50
C SER A 529 -40.89 8.18 0.67
N ARG A 530 -42.15 8.57 0.72
CA ARG A 530 -42.64 9.71 -0.02
C ARG A 530 -42.85 10.88 0.97
N GLY A 531 -42.75 10.58 2.26
CA GLY A 531 -42.75 11.65 3.23
C GLY A 531 -43.94 11.73 4.15
N GLY A 532 -44.75 10.68 4.23
CA GLY A 532 -45.93 10.70 5.10
C GLY A 532 -45.73 10.80 6.60
N ALA A 533 -44.48 10.67 7.09
CA ALA A 533 -44.21 10.74 8.53
C ALA A 533 -44.37 12.18 9.00
N ARG A 534 -44.71 12.41 10.28
CA ARG A 534 -44.93 13.79 10.76
C ARG A 534 -43.64 14.59 10.66
N TYR A 535 -42.56 14.07 11.24
CA TYR A 535 -41.24 14.69 11.07
C TYR A 535 -40.47 13.93 10.00
N ASN A 536 -39.81 14.63 9.09
CA ASN A 536 -38.96 13.96 8.08
C ASN A 536 -37.57 14.53 8.11
N PHE A 537 -36.58 13.68 8.28
CA PHE A 537 -35.21 14.16 8.42
C PHE A 537 -34.30 13.27 7.60
N THR A 538 -33.07 13.71 7.37
CA THR A 538 -32.06 12.91 6.71
C THR A 538 -30.75 13.04 7.49
N GLY A 539 -30.38 12.00 8.24
CA GLY A 539 -29.20 12.05 9.10
C GLY A 539 -27.89 11.86 8.37
N ILE A 540 -27.05 12.88 8.33
CA ILE A 540 -25.72 12.69 7.75
C ILE A 540 -24.60 12.95 8.75
N GLN A 541 -23.51 12.18 8.66
CA GLN A 541 -22.50 12.09 9.75
C GLN A 541 -21.12 12.61 9.41
N ALA A 542 -20.52 13.32 10.35
CA ALA A 542 -19.15 13.79 10.21
C ALA A 542 -18.17 12.76 10.75
N VAL A 543 -17.24 12.33 9.91
CA VAL A 543 -16.13 11.57 10.43
C VAL A 543 -14.79 12.27 10.21
N GLY A 544 -13.99 12.29 11.28
CA GLY A 544 -12.66 12.89 11.26
C GLY A 544 -12.62 14.29 11.82
N ILE A 545 -13.48 14.56 12.79
CA ILE A 545 -13.62 15.93 13.26
C ILE A 545 -12.45 16.32 14.12
N ALA A 546 -11.85 15.33 14.79
CA ALA A 546 -10.65 15.61 15.57
C ALA A 546 -9.41 15.66 14.69
N ASP A 547 -9.38 14.90 13.60
CA ASP A 547 -8.23 14.96 12.69
C ASP A 547 -8.04 16.31 12.04
N VAL A 548 -9.14 16.98 11.70
CA VAL A 548 -9.04 18.34 11.14
C VAL A 548 -8.86 19.36 12.25
N GLY A 549 -9.47 19.12 13.41
CA GLY A 549 -9.29 19.98 14.56
C GLY A 549 -7.82 20.05 14.94
N ASP A 550 -7.23 18.88 15.15
CA ASP A 550 -5.82 18.75 15.57
C ASP A 550 -4.82 19.28 14.54
N SER A 551 -5.11 19.05 13.25
CA SER A 551 -4.28 19.58 12.18
C SER A 551 -4.27 21.09 12.17
N LEU A 552 -5.29 21.72 12.76
CA LEU A 552 -5.33 23.16 12.77
C LEU A 552 -4.47 23.74 13.87
N VAL A 553 -4.49 23.09 15.04
CA VAL A 553 -3.62 23.46 16.18
C VAL A 553 -2.17 23.29 15.80
N ALA A 554 -1.89 22.17 15.16
CA ALA A 554 -0.56 21.85 14.71
C ALA A 554 -0.09 22.78 13.59
N ILE A 555 -1.01 23.33 12.81
CA ILE A 555 -0.61 24.32 11.81
C ILE A 555 -0.35 25.64 12.50
N GLU A 556 -1.18 25.95 13.50
CA GLU A 556 -1.08 27.22 14.23
C GLU A 556 0.32 27.43 14.78
N GLY A 557 0.78 26.50 15.60
CA GLY A 557 2.10 26.58 16.24
C GLY A 557 3.28 26.46 15.29
N ALA A 558 3.11 25.70 14.21
CA ALA A 558 4.20 25.49 13.25
C ALA A 558 4.48 26.70 12.37
N LEU A 559 3.43 27.45 12.07
CA LEU A 559 3.60 28.71 11.37
C LEU A 559 4.22 29.68 12.35
N ASN A 560 3.52 29.84 13.49
CA ASN A 560 3.90 30.70 14.60
C ASN A 560 5.40 30.75 14.84
N ALA A 561 5.96 29.61 15.20
CA ALA A 561 7.40 29.46 15.25
C ALA A 561 7.89 28.87 13.92
N GLY A 562 8.28 29.72 12.98
CA GLY A 562 9.12 29.29 11.85
C GLY A 562 8.58 29.04 10.44
N TYR A 563 7.83 27.95 10.26
CA TYR A 563 7.54 27.40 8.94
C TYR A 563 6.46 28.17 8.18
N SER A 564 6.38 27.92 6.88
CA SER A 564 5.34 28.51 6.03
C SER A 564 4.32 27.45 5.58
N MET A 565 3.22 27.91 5.00
CA MET A 565 2.13 27.03 4.60
C MET A 565 2.57 26.00 3.58
N ASP A 566 3.29 26.45 2.54
CA ASP A 566 3.75 25.59 1.43
C ASP A 566 4.54 24.38 1.90
N ASP A 567 5.25 24.55 3.02
CA ASP A 567 6.01 23.48 3.66
C ASP A 567 5.04 22.40 4.15
N ILE A 568 4.05 22.85 4.93
CA ILE A 568 3.09 21.97 5.60
C ILE A 568 2.27 21.12 4.62
N VAL A 569 1.88 21.69 3.49
CA VAL A 569 1.18 20.87 2.50
C VAL A 569 2.15 19.91 1.81
N GLU A 570 3.41 20.33 1.63
CA GLU A 570 4.36 19.52 0.87
C GLU A 570 4.78 18.34 1.73
N ALA A 571 4.84 18.60 3.03
CA ALA A 571 5.13 17.57 4.03
C ALA A 571 4.08 16.46 3.93
N CYS A 572 2.81 16.89 3.83
CA CYS A 572 1.67 16.01 3.75
C CYS A 572 1.65 15.19 2.49
N ARG A 573 1.98 15.84 1.36
CA ARG A 573 1.96 15.21 0.05
C ARG A 573 3.04 14.13 -0.01
N LYS A 574 4.12 14.40 0.69
CA LYS A 574 5.32 13.57 0.66
C LYS A 574 5.34 12.59 1.85
N ASN A 575 4.26 12.57 2.64
CA ASN A 575 4.07 11.64 3.77
C ASN A 575 5.18 11.76 4.81
N PHE A 576 5.61 13.00 5.05
CA PHE A 576 6.71 13.35 5.99
C PHE A 576 8.09 12.72 5.72
N VAL A 577 8.26 12.19 4.51
CA VAL A 577 9.54 11.64 4.08
C VAL A 577 10.33 12.83 3.53
N GLY A 578 11.40 13.19 4.22
CA GLY A 578 12.19 14.36 3.89
C GLY A 578 11.76 15.56 4.72
N TYR A 579 10.80 15.35 5.62
CA TYR A 579 10.24 16.41 6.46
C TYR A 579 10.18 16.00 7.93
N GLU A 580 11.16 15.18 8.33
CA GLU A 580 11.14 14.49 9.61
C GLU A 580 11.34 15.37 10.85
N LYS A 581 11.81 16.61 10.67
CA LYS A 581 11.92 17.53 11.80
C LYS A 581 10.55 18.11 12.15
N LEU A 582 9.94 18.75 11.14
CA LEU A 582 8.63 19.39 11.24
C LEU A 582 7.56 18.43 11.75
N HIS A 583 7.61 17.22 11.23
CA HIS A 583 6.70 16.15 11.57
C HIS A 583 6.66 15.85 13.07
N LYS A 584 7.83 15.91 13.71
CA LYS A 584 7.94 15.70 15.15
C LYS A 584 7.34 16.86 15.93
N LEU A 585 7.39 18.05 15.36
CA LEU A 585 6.78 19.22 15.98
C LEU A 585 5.25 19.15 15.87
N LEU A 586 4.77 18.69 14.70
CA LEU A 586 3.35 18.49 14.47
C LEU A 586 2.76 17.46 15.42
N LEU A 587 3.46 16.35 15.58
CA LEU A 587 3.04 15.27 16.48
C LEU A 587 3.02 15.69 17.94
N GLN A 588 3.97 16.54 18.31
CA GLN A 588 4.10 17.09 19.66
C GLN A 588 3.02 18.10 20.01
N SER A 589 2.32 18.61 19.00
CA SER A 589 1.35 19.69 19.18
C SER A 589 0.15 19.21 19.97
N PRO A 590 -0.54 20.15 20.65
CA PRO A 590 -1.71 19.81 21.46
C PRO A 590 -2.79 19.04 20.69
N LYS A 591 -3.43 18.11 21.38
CA LYS A 591 -4.40 17.19 20.78
C LYS A 591 -5.77 17.29 21.44
N TYR A 592 -6.82 17.07 20.64
CA TYR A 592 -8.18 16.96 21.16
C TYR A 592 -8.22 15.68 21.99
N GLY A 593 -8.78 15.80 23.19
CA GLY A 593 -8.96 14.66 24.07
C GLY A 593 -8.33 14.85 25.44
N ASN A 594 -7.69 16.00 25.64
CA ASN A 594 -6.90 16.21 26.86
C ASN A 594 -7.34 17.36 27.77
N ASP A 595 -8.54 17.88 27.53
CA ASP A 595 -9.08 19.08 28.22
C ASP A 595 -8.27 20.35 27.92
N ASP A 596 -7.59 20.38 26.76
CA ASP A 596 -6.72 21.48 26.40
C ASP A 596 -7.47 22.42 25.47
N ASP A 597 -7.95 23.54 26.01
CA ASP A 597 -8.72 24.49 25.23
C ASP A 597 -8.11 24.86 23.89
N ALA A 598 -6.82 25.19 23.89
CA ALA A 598 -6.10 25.58 22.66
C ALA A 598 -6.10 24.52 21.55
N ALA A 599 -6.34 23.27 21.94
CA ALA A 599 -6.52 22.19 20.99
C ALA A 599 -7.99 21.93 20.72
N ASP A 600 -8.76 21.66 21.76
CA ASP A 600 -10.12 21.21 21.52
C ASP A 600 -11.15 22.30 21.11
N LYS A 601 -10.75 23.58 21.10
CA LYS A 601 -11.60 24.64 20.54
C LYS A 601 -11.72 24.52 19.03
N TYR A 602 -10.72 23.96 18.37
CA TYR A 602 -10.70 23.86 16.91
C TYR A 602 -11.65 22.77 16.46
N THR A 603 -11.60 21.64 17.17
CA THR A 603 -12.51 20.53 16.88
C THR A 603 -13.97 20.96 17.03
N LYS A 604 -14.30 21.60 18.17
CA LYS A 604 -15.63 22.19 18.40
C LYS A 604 -16.11 23.08 17.27
N MET A 605 -15.23 23.97 16.84
CA MET A 605 -15.54 24.90 15.77
C MET A 605 -15.78 24.16 14.45
N VAL A 606 -14.93 23.16 14.16
CA VAL A 606 -15.13 22.32 12.99
C VAL A 606 -16.51 21.61 12.99
N LEU A 607 -16.91 21.11 14.16
CA LEU A 607 -18.22 20.49 14.26
C LEU A 607 -19.35 21.50 14.05
N GLU A 608 -19.26 22.68 14.66
CA GLU A 608 -20.28 23.72 14.47
C GLU A 608 -20.45 24.16 13.01
N TRP A 609 -19.33 24.31 12.32
CA TRP A 609 -19.36 24.62 10.91
C TRP A 609 -20.10 23.53 10.14
N TYR A 610 -19.71 22.28 10.38
CA TYR A 610 -20.37 21.09 9.80
C TYR A 610 -21.88 21.08 10.08
N CYS A 611 -22.24 21.23 11.35
CA CYS A 611 -23.62 21.21 11.81
C CYS A 611 -24.50 22.27 11.16
N GLU A 612 -23.98 23.49 11.05
CA GLU A 612 -24.77 24.55 10.48
C GLU A 612 -24.77 24.44 8.97
N GLU A 613 -23.84 23.69 8.40
CA GLU A 613 -23.89 23.53 6.98
C GLU A 613 -24.85 22.44 6.60
N VAL A 614 -25.15 21.57 7.54
CA VAL A 614 -26.01 20.44 7.28
C VAL A 614 -27.44 20.81 7.58
N ASN A 615 -27.69 21.37 8.76
CA ASN A 615 -29.04 21.54 9.27
C ASN A 615 -29.90 22.53 8.47
N ARG A 616 -29.28 23.34 7.63
CA ARG A 616 -29.98 24.26 6.77
C ARG A 616 -30.57 23.67 5.48
N HIS A 617 -30.13 22.47 5.03
CA HIS A 617 -30.62 21.95 3.74
C HIS A 617 -31.88 21.11 3.88
N ARG A 618 -32.77 21.20 2.90
CA ARG A 618 -33.99 20.42 2.98
C ARG A 618 -33.94 19.16 2.15
N ASN A 619 -34.62 18.13 2.63
CA ASN A 619 -34.63 16.90 1.91
C ASN A 619 -35.89 16.75 1.03
N PHE A 620 -35.88 15.67 0.25
CA PHE A 620 -36.92 15.34 -0.69
C PHE A 620 -38.23 15.08 0.01
N ARG A 621 -38.15 14.48 1.19
CA ARG A 621 -39.36 14.15 1.92
C ARG A 621 -39.95 15.34 2.67
N GLY A 622 -39.44 16.53 2.43
CA GLY A 622 -40.15 17.72 2.85
C GLY A 622 -39.82 18.24 4.23
N GLY A 623 -38.78 17.66 4.83
CA GLY A 623 -38.21 18.16 6.08
C GLY A 623 -36.82 18.68 5.82
N LYS A 624 -35.93 18.54 6.79
CA LYS A 624 -34.58 19.08 6.69
C LYS A 624 -33.54 18.02 6.94
N PHE A 625 -32.29 18.32 6.66
CA PHE A 625 -31.21 17.38 6.96
C PHE A 625 -30.85 17.50 8.41
N ALA A 626 -30.27 16.43 8.97
CA ALA A 626 -29.96 16.36 10.39
C ALA A 626 -28.50 15.97 10.59
N ALA A 627 -27.73 16.76 11.35
CA ALA A 627 -26.28 16.52 11.53
C ALA A 627 -25.97 15.49 12.62
N GLY A 628 -25.18 14.47 12.28
CA GLY A 628 -24.71 13.50 13.27
C GLY A 628 -23.20 13.38 13.32
N CYS A 629 -22.67 12.77 14.39
CA CYS A 629 -21.24 12.48 14.44
C CYS A 629 -20.89 11.11 14.98
N TYR A 630 -20.90 10.11 14.11
CA TYR A 630 -20.55 8.77 14.53
C TYR A 630 -19.97 8.07 13.33
N PRO A 631 -19.03 7.14 13.56
CA PRO A 631 -18.27 6.64 12.43
C PRO A 631 -18.67 5.36 11.74
N MET A 632 -19.43 4.47 12.39
CA MET A 632 -19.40 3.02 12.10
C MET A 632 -17.95 2.57 12.13
N THR A 633 -17.48 1.88 11.10
CA THR A 633 -16.02 1.74 10.98
C THR A 633 -15.50 2.47 9.76
N THR A 634 -16.22 3.49 9.30
CA THR A 634 -15.79 4.25 8.13
C THR A 634 -14.64 5.19 8.47
N ASN A 635 -14.38 5.43 9.75
CA ASN A 635 -13.20 6.19 10.14
C ASN A 635 -11.95 5.45 9.74
N VAL A 636 -12.03 4.11 9.79
CA VAL A 636 -10.96 3.26 9.30
C VAL A 636 -10.94 3.27 7.78
N GLY A 637 -12.09 3.04 7.18
CA GLY A 637 -12.19 2.91 5.73
C GLY A 637 -11.73 4.15 5.01
N PHE A 638 -12.18 5.32 5.49
CA PHE A 638 -11.82 6.61 4.90
C PHE A 638 -10.36 6.86 5.14
N GLY A 639 -9.89 6.45 6.31
CA GLY A 639 -8.48 6.53 6.68
C GLY A 639 -7.54 5.97 5.64
N PHE A 640 -7.78 4.72 5.21
CA PHE A 640 -7.03 4.06 4.14
C PHE A 640 -6.74 5.00 2.99
N PHE A 641 -7.76 5.71 2.54
CA PHE A 641 -7.67 6.58 1.37
C PHE A 641 -7.55 8.07 1.71
N THR A 642 -7.26 8.38 2.98
CA THR A 642 -6.92 9.74 3.39
C THR A 642 -5.39 9.90 3.48
N SER A 643 -4.88 10.94 2.83
CA SER A 643 -3.46 11.26 2.87
C SER A 643 -3.04 11.73 4.26
N ALA A 644 -1.73 11.99 4.41
CA ALA A 644 -1.22 12.50 5.67
C ALA A 644 -1.73 13.92 5.87
N LEU A 645 -2.06 14.25 7.12
CA LEU A 645 -2.63 15.56 7.43
C LEU A 645 -1.70 16.19 8.45
N PRO A 646 -1.68 17.53 8.50
CA PRO A 646 -0.80 18.24 9.43
C PRO A 646 -0.91 17.93 10.92
N SER A 647 -1.83 17.07 11.35
CA SER A 647 -1.83 16.64 12.76
C SER A 647 -0.72 15.61 13.01
N GLY A 648 -0.07 15.17 11.94
CA GLY A 648 1.00 14.16 12.00
C GLY A 648 0.52 12.75 11.76
N ARG A 649 -0.76 12.60 11.44
CA ARG A 649 -1.34 11.32 11.09
C ARG A 649 -0.72 10.91 9.77
N LYS A 650 -0.26 9.66 9.69
CA LYS A 650 0.39 9.19 8.47
C LYS A 650 -0.66 8.78 7.45
N SER A 651 -0.35 8.96 6.15
CA SER A 651 -1.24 8.54 5.07
C SER A 651 -1.64 7.07 5.15
N GLY A 652 -2.94 6.82 5.30
CA GLY A 652 -3.48 5.47 5.30
C GLY A 652 -4.04 5.10 6.65
N GLU A 653 -3.59 5.81 7.67
CA GLU A 653 -3.94 5.51 9.05
C GLU A 653 -5.39 5.90 9.32
N PRO A 654 -6.08 5.18 10.24
CA PRO A 654 -7.43 5.47 10.72
C PRO A 654 -7.69 6.90 11.16
N LEU A 655 -8.92 7.36 10.97
CA LEU A 655 -9.33 8.65 11.45
C LEU A 655 -9.92 8.49 12.85
N ASN A 656 -10.35 9.56 13.48
CA ASN A 656 -10.88 9.41 14.82
C ASN A 656 -12.34 8.99 14.80
N PRO A 657 -12.77 8.19 15.79
CA PRO A 657 -14.12 7.66 15.74
C PRO A 657 -15.16 8.47 16.55
N GLY A 658 -16.12 9.05 15.84
CA GLY A 658 -17.21 9.78 16.47
C GLY A 658 -16.69 11.06 17.07
N VAL A 659 -17.08 11.32 18.32
CA VAL A 659 -16.57 12.46 19.03
C VAL A 659 -15.46 12.03 19.98
N SER A 660 -14.90 10.86 19.72
CA SER A 660 -13.81 10.34 20.53
C SER A 660 -12.48 10.74 19.88
N PRO A 661 -11.48 11.11 20.71
CA PRO A 661 -10.15 11.56 20.28
C PRO A 661 -9.39 10.56 19.45
N SER A 662 -8.35 11.03 18.76
CA SER A 662 -7.52 10.13 17.97
C SER A 662 -6.84 9.03 18.83
N THR A 663 -6.45 7.95 18.18
CA THR A 663 -5.87 6.83 18.89
C THR A 663 -4.52 7.23 19.52
N GLY A 664 -4.45 7.09 20.84
CA GLY A 664 -3.22 7.35 21.58
C GLY A 664 -2.82 8.81 21.72
N MET A 665 -3.80 9.71 21.63
CA MET A 665 -3.52 11.13 21.84
C MET A 665 -4.17 11.61 23.13
N ASP A 666 -4.75 10.65 23.85
CA ASP A 666 -5.46 10.94 25.08
C ASP A 666 -4.55 10.69 26.29
N ARG A 667 -3.55 11.55 26.44
CA ARG A 667 -2.50 11.39 27.46
C ARG A 667 -2.95 11.74 28.88
N GLU A 668 -3.61 12.88 29.06
CA GLU A 668 -4.43 13.07 30.27
C GLU A 668 -5.65 12.20 30.06
N GLY A 669 -6.07 11.51 31.12
CA GLY A 669 -6.86 10.32 30.91
C GLY A 669 -8.34 10.43 30.64
N VAL A 670 -9.06 9.45 31.15
CA VAL A 670 -10.43 9.22 30.73
C VAL A 670 -11.45 10.30 31.14
N THR A 671 -11.29 10.88 32.33
CA THR A 671 -12.13 12.01 32.74
C THR A 671 -11.86 13.22 31.82
N ALA A 672 -10.59 13.44 31.50
CA ALA A 672 -10.18 14.52 30.59
C ALA A 672 -10.69 14.37 29.15
N VAL A 673 -10.94 13.13 28.73
CA VAL A 673 -11.53 12.87 27.42
C VAL A 673 -12.98 13.35 27.41
N ILE A 674 -13.67 13.04 28.50
CA ILE A 674 -15.06 13.42 28.68
C ILE A 674 -15.23 14.96 28.74
N ASN A 675 -14.32 15.65 29.41
CA ASN A 675 -14.35 17.11 29.48
C ASN A 675 -14.17 17.72 28.10
N SER A 676 -13.20 17.18 27.36
CA SER A 676 -12.96 17.57 25.97
C SER A 676 -14.19 17.36 25.09
N ALA A 677 -14.81 16.18 25.20
CA ALA A 677 -15.96 15.80 24.38
C ALA A 677 -17.19 16.63 24.72
N SER A 678 -17.30 17.06 25.97
CA SER A 678 -18.46 17.82 26.39
C SER A 678 -18.30 19.31 26.11
N LYS A 679 -17.33 19.67 25.29
CA LYS A 679 -17.17 21.06 24.90
C LYS A 679 -17.85 21.29 23.56
N LEU A 680 -18.10 20.19 22.84
CA LEU A 680 -18.77 20.24 21.55
C LEU A 680 -20.24 20.65 21.68
N SER A 681 -20.73 21.41 20.71
CA SER A 681 -22.08 21.94 20.75
C SER A 681 -23.12 20.90 20.32
N TYR A 682 -23.61 20.13 21.29
CA TYR A 682 -24.52 19.01 21.04
C TYR A 682 -25.90 19.47 20.62
N GLU A 683 -26.22 20.67 21.06
CA GLU A 683 -27.46 21.37 20.74
C GLU A 683 -27.66 21.53 19.24
N ASN A 684 -26.59 21.45 18.47
CA ASN A 684 -26.67 21.45 17.00
C ASN A 684 -26.45 20.11 16.33
N LEU A 685 -26.52 19.02 17.07
CA LEU A 685 -26.20 17.71 16.51
C LEU A 685 -27.36 16.72 16.62
N PRO A 686 -28.49 16.97 15.90
CA PRO A 686 -29.67 16.20 16.28
C PRO A 686 -29.77 14.77 15.75
N ASN A 687 -28.76 14.27 15.06
CA ASN A 687 -28.79 12.87 14.64
C ASN A 687 -27.90 11.97 15.51
N GLY A 688 -27.40 12.51 16.63
CA GLY A 688 -26.63 11.73 17.61
C GLY A 688 -25.11 11.87 17.53
N ALA A 689 -24.44 11.47 18.60
CA ALA A 689 -22.97 11.47 18.62
C ALA A 689 -22.47 10.20 19.26
N SER A 690 -21.33 9.71 18.83
CA SER A 690 -20.75 8.53 19.44
C SER A 690 -19.46 8.81 20.20
N LEU A 691 -19.54 8.67 21.52
CA LEU A 691 -18.36 8.71 22.38
C LEU A 691 -18.11 7.32 23.01
N THR A 692 -16.96 6.72 22.69
CA THR A 692 -16.59 5.43 23.26
C THR A 692 -15.42 5.55 24.23
N ILE A 693 -15.60 5.08 25.45
CA ILE A 693 -14.52 5.12 26.44
C ILE A 693 -14.00 3.72 26.78
N ASN A 694 -12.75 3.45 26.39
CA ASN A 694 -12.15 2.13 26.60
C ASN A 694 -11.24 2.08 27.82
N LEU A 695 -11.59 1.21 28.76
CA LEU A 695 -10.89 1.12 30.03
C LEU A 695 -10.30 -0.27 30.23
N SER A 696 -9.07 -0.31 30.75
CA SER A 696 -8.42 -1.54 31.22
C SER A 696 -9.15 -2.03 32.46
N SER A 697 -9.29 -3.35 32.60
CA SER A 697 -10.00 -3.92 33.75
C SER A 697 -9.24 -3.81 35.07
N ASP A 698 -7.92 -3.68 34.98
CA ASP A 698 -7.07 -3.53 36.15
C ASP A 698 -7.24 -2.15 36.77
N VAL A 699 -7.33 -1.15 35.91
CA VAL A 699 -7.51 0.24 36.34
C VAL A 699 -8.84 0.46 37.11
N LEU A 700 -9.84 -0.36 36.78
CA LEU A 700 -11.09 -0.43 37.53
C LEU A 700 -10.84 -0.96 38.94
N GLY A 701 -10.14 -2.10 39.01
CA GLY A 701 -9.74 -2.69 40.27
C GLY A 701 -10.88 -3.18 41.14
N GLU A 702 -10.74 -2.97 42.45
CA GLU A 702 -11.71 -3.46 43.42
C GLU A 702 -12.94 -2.55 43.44
N LYS A 703 -12.71 -1.27 43.17
CA LYS A 703 -13.79 -0.28 43.12
C LYS A 703 -14.28 -0.13 41.67
N GLY A 704 -14.77 -1.23 41.11
CA GLY A 704 -15.29 -1.26 39.75
C GLY A 704 -16.54 -0.40 39.62
N ASP A 705 -17.46 -0.57 40.57
CA ASP A 705 -18.67 0.22 40.67
C ASP A 705 -18.38 1.70 40.77
N ALA A 706 -17.83 2.10 41.91
CA ALA A 706 -17.64 3.50 42.27
C ALA A 706 -17.05 4.36 41.16
N VAL A 707 -16.03 3.85 40.49
CA VAL A 707 -15.30 4.66 39.53
C VAL A 707 -16.04 4.80 38.20
N ILE A 708 -16.97 3.87 37.93
CA ILE A 708 -17.74 3.93 36.68
C ILE A 708 -19.00 4.77 36.82
N GLU A 709 -19.67 4.66 37.96
CA GLU A 709 -20.74 5.59 38.30
C GLU A 709 -20.23 7.04 38.33
N ALA A 710 -18.97 7.21 38.75
CA ALA A 710 -18.29 8.51 38.76
C ALA A 710 -18.27 9.08 37.37
N LEU A 711 -17.86 8.26 36.42
CA LEU A 711 -17.81 8.65 35.03
C LEU A 711 -19.20 8.91 34.43
N ILE A 712 -20.19 8.11 34.81
CA ILE A 712 -21.58 8.30 34.37
C ILE A 712 -22.11 9.66 34.84
N LYS A 713 -21.96 9.94 36.14
CA LYS A 713 -22.46 11.19 36.71
C LYS A 713 -21.65 12.39 36.23
N SER A 714 -20.41 12.14 35.83
CA SER A 714 -19.56 13.19 35.32
C SER A 714 -19.97 13.58 33.90
N SER A 715 -20.24 12.60 33.05
CA SER A 715 -20.68 12.86 31.68
C SER A 715 -22.08 13.49 31.62
N MET A 716 -22.87 13.26 32.65
CA MET A 716 -24.17 13.87 32.76
C MET A 716 -24.03 15.32 33.17
N GLU A 717 -23.22 15.55 34.20
CA GLU A 717 -22.99 16.90 34.73
C GLU A 717 -22.32 17.83 33.72
N LEU A 718 -21.38 17.30 32.95
CA LEU A 718 -20.66 18.09 31.95
C LEU A 718 -21.40 18.19 30.62
N GLY A 719 -22.53 17.50 30.51
CA GLY A 719 -23.41 17.63 29.36
C GLY A 719 -22.90 17.01 28.08
N VAL A 720 -22.75 15.71 28.08
CA VAL A 720 -22.38 15.03 26.85
C VAL A 720 -23.68 14.38 26.33
N MET A 721 -23.75 13.98 25.06
CA MET A 721 -24.98 13.40 24.55
C MET A 721 -25.01 11.91 24.80
N HIS A 722 -23.93 11.26 24.43
CA HIS A 722 -23.89 9.81 24.49
C HIS A 722 -22.53 9.35 24.99
N VAL A 723 -22.51 8.31 25.82
CA VAL A 723 -21.27 7.68 26.21
C VAL A 723 -21.47 6.18 26.22
N GLN A 724 -20.44 5.43 25.86
CA GLN A 724 -20.46 3.98 26.00
C GLN A 724 -19.10 3.47 26.45
N PHE A 725 -19.14 2.39 27.21
CA PHE A 725 -17.93 1.88 27.84
C PHE A 725 -17.49 0.50 27.40
N ASN A 726 -16.18 0.31 27.41
CA ASN A 726 -15.58 -1.01 27.22
C ASN A 726 -14.68 -1.36 28.38
N ILE A 727 -14.88 -2.54 28.94
CA ILE A 727 -13.96 -3.09 29.92
C ILE A 727 -13.23 -4.25 29.26
N LEU A 728 -11.96 -4.02 28.96
CA LEU A 728 -11.22 -4.94 28.14
C LEU A 728 -9.92 -5.40 28.81
N LYS A 729 -9.66 -6.70 28.70
CA LYS A 729 -8.43 -7.32 29.18
C LYS A 729 -7.61 -7.59 27.94
N GLU A 730 -6.50 -6.88 27.82
CA GLU A 730 -5.73 -6.79 26.58
C GLU A 730 -5.23 -8.12 26.00
N ASP A 731 -4.66 -8.97 26.84
CA ASP A 731 -4.15 -10.26 26.34
C ASP A 731 -5.22 -11.34 26.12
N LEU A 732 -6.44 -11.12 26.64
CA LEU A 732 -7.59 -11.94 26.22
C LEU A 732 -7.90 -11.63 24.76
N LEU A 733 -7.84 -10.35 24.42
CA LEU A 733 -8.07 -9.87 23.04
C LEU A 733 -6.95 -10.32 22.12
N ARG A 734 -5.73 -10.37 22.66
CA ARG A 734 -4.60 -10.94 21.94
C ARG A 734 -4.80 -12.42 21.68
N LYS A 735 -5.39 -13.13 22.65
CA LYS A 735 -5.57 -14.58 22.53
C LYS A 735 -6.71 -14.89 21.60
N ALA A 736 -7.62 -13.94 21.44
CA ALA A 736 -8.75 -14.07 20.55
C ALA A 736 -8.38 -13.93 19.07
N GLN A 737 -7.23 -13.31 18.79
CA GLN A 737 -6.72 -13.30 17.44
C GLN A 737 -6.13 -14.67 17.15
N GLN A 738 -5.55 -15.28 18.19
CA GLN A 738 -4.79 -16.52 18.02
C GLN A 738 -5.73 -17.70 17.81
N GLU A 739 -6.61 -17.92 18.78
CA GLU A 739 -7.68 -18.92 18.66
C GLU A 739 -9.03 -18.23 18.71
N PRO A 740 -9.53 -17.81 17.54
CA PRO A 740 -10.76 -17.03 17.45
C PRO A 740 -12.06 -17.77 17.85
N GLU A 741 -12.24 -19.02 17.46
CA GLU A 741 -13.51 -19.72 17.71
C GLU A 741 -13.69 -20.10 19.17
N LYS A 742 -12.56 -20.17 19.89
CA LYS A 742 -12.57 -20.47 21.32
C LYS A 742 -12.97 -19.22 22.11
N TYR A 743 -12.74 -18.07 21.50
CA TYR A 743 -12.97 -16.77 22.12
C TYR A 743 -14.00 -15.92 21.32
N ARG A 744 -14.98 -16.57 20.69
CA ARG A 744 -15.94 -15.84 19.86
C ARG A 744 -17.14 -15.27 20.65
N TRP A 745 -17.08 -15.41 21.97
CA TRP A 745 -18.09 -14.87 22.89
C TRP A 745 -17.64 -13.50 23.41
N LEU A 746 -16.46 -13.06 22.97
CA LEU A 746 -15.83 -11.85 23.52
C LEU A 746 -16.43 -10.55 22.96
N LEU A 747 -17.18 -9.82 23.78
CA LEU A 747 -17.95 -8.62 23.34
C LEU A 747 -17.28 -7.26 23.49
N VAL A 748 -17.41 -6.45 22.46
CA VAL A 748 -16.78 -5.15 22.50
C VAL A 748 -17.79 -4.12 21.95
N ARG A 749 -17.63 -2.85 22.31
CA ARG A 749 -18.41 -1.75 21.72
C ARG A 749 -17.51 -1.07 20.71
N VAL A 750 -17.86 -1.15 19.44
CA VAL A 750 -16.96 -0.66 18.41
C VAL A 750 -16.90 0.85 18.32
N ALA A 751 -18.08 1.46 18.19
CA ALA A 751 -18.23 2.90 17.99
C ALA A 751 -19.70 3.28 18.04
N GLY A 752 -20.51 2.41 18.62
CA GLY A 752 -21.93 2.67 18.76
C GLY A 752 -22.75 1.40 18.85
N TRP A 753 -22.09 0.26 18.77
CA TRP A 753 -22.77 -1.04 18.80
C TRP A 753 -21.87 -2.17 19.25
N SER A 754 -22.49 -3.27 19.68
CA SER A 754 -21.75 -4.44 20.10
C SER A 754 -21.33 -5.37 18.97
N ALA A 755 -20.04 -5.67 18.91
CA ALA A 755 -19.56 -6.71 17.99
C ALA A 755 -18.77 -7.77 18.74
N TYR A 756 -18.79 -9.00 18.23
CA TYR A 756 -17.89 -10.03 18.73
C TYR A 756 -16.51 -9.69 18.18
N PHE A 757 -15.55 -9.48 19.08
CA PHE A 757 -14.22 -9.02 18.71
C PHE A 757 -13.62 -9.77 17.52
N VAL A 758 -13.88 -11.07 17.47
CA VAL A 758 -13.46 -11.98 16.39
C VAL A 758 -13.93 -11.54 14.99
N GLU A 759 -15.09 -10.88 14.95
CA GLU A 759 -15.66 -10.46 13.69
C GLU A 759 -15.23 -9.07 13.19
N LEU A 760 -14.31 -8.43 13.90
CA LEU A 760 -13.75 -7.16 13.47
C LEU A 760 -12.49 -7.39 12.67
N SER A 761 -12.24 -6.58 11.65
CA SER A 761 -11.05 -6.70 10.80
C SER A 761 -9.77 -6.37 11.56
N ARG A 762 -8.62 -6.72 10.99
CA ARG A 762 -7.30 -6.44 11.62
C ARG A 762 -7.09 -4.97 11.94
N PRO A 763 -7.31 -4.05 10.95
CA PRO A 763 -7.20 -2.65 11.34
C PRO A 763 -8.13 -2.25 12.49
N VAL A 764 -9.37 -2.77 12.49
CA VAL A 764 -10.33 -2.37 13.52
C VAL A 764 -9.99 -2.98 14.87
N GLN A 765 -9.58 -4.26 14.90
CA GLN A 765 -9.12 -4.94 16.11
C GLN A 765 -7.94 -4.24 16.78
N GLU A 766 -6.98 -3.83 15.97
CA GLU A 766 -5.76 -3.18 16.44
C GLU A 766 -6.08 -1.85 17.09
N GLU A 767 -7.13 -1.22 16.58
CA GLU A 767 -7.65 0.03 17.10
C GLU A 767 -8.33 -0.11 18.47
N VAL A 768 -9.18 -1.11 18.65
CA VAL A 768 -9.80 -1.31 19.97
C VAL A 768 -8.76 -1.68 21.04
N ILE A 769 -7.72 -2.41 20.63
CA ILE A 769 -6.63 -2.74 21.54
C ILE A 769 -5.82 -1.50 21.95
N ARG A 770 -5.42 -0.69 20.96
CA ARG A 770 -4.63 0.52 21.25
C ARG A 770 -5.35 1.66 21.96
N ARG A 771 -6.68 1.62 22.01
CA ARG A 771 -7.44 2.70 22.63
C ARG A 771 -7.80 2.42 24.09
N ILE A 772 -7.33 1.30 24.62
CA ILE A 772 -7.53 0.92 26.01
C ILE A 772 -6.74 1.87 26.90
N SER A 773 -7.46 2.57 27.75
CA SER A 773 -6.89 3.64 28.54
C SER A 773 -6.65 3.21 29.97
N CYS A 774 -5.66 3.84 30.62
CA CYS A 774 -5.30 3.59 32.03
C CYS A 774 -5.45 4.80 32.97
N ARG A 775 -5.16 6.01 32.47
CA ARG A 775 -5.28 7.22 33.27
C ARG A 775 -6.76 7.53 33.62
N ILE A 776 -6.91 8.13 34.82
CA ILE A 776 -8.17 8.49 35.51
C ILE A 776 -9.20 7.36 35.71
N ASP B 4 6.32 23.92 -13.53
CA ASP B 4 7.64 23.28 -13.84
C ASP B 4 7.48 21.96 -14.61
N ARG B 5 8.50 21.60 -15.36
CA ARG B 5 8.42 20.43 -16.24
C ARG B 5 8.67 19.13 -15.48
N ILE B 6 9.55 19.22 -14.49
CA ILE B 6 10.09 18.04 -13.81
C ILE B 6 9.03 17.24 -13.08
N GLU B 7 8.10 17.97 -12.47
CA GLU B 7 6.99 17.37 -11.73
C GLU B 7 6.03 16.62 -12.65
N LYS B 8 5.92 17.07 -13.90
CA LYS B 8 5.16 16.36 -14.91
C LYS B 8 5.85 15.06 -15.34
N LEU B 9 7.17 15.09 -15.57
CA LEU B 9 7.90 13.90 -16.06
C LEU B 9 8.06 12.77 -15.02
N ILE B 10 8.15 13.15 -13.74
CA ILE B 10 8.40 12.23 -12.61
C ILE B 10 7.17 11.39 -12.31
N LYS B 11 6.01 11.98 -12.61
CA LYS B 11 4.70 11.38 -12.44
C LYS B 11 4.55 10.01 -13.12
N LYS B 12 4.97 9.92 -14.38
CA LYS B 12 4.89 8.67 -15.18
C LYS B 12 5.78 7.52 -14.66
N VAL B 13 6.81 7.87 -13.88
CA VAL B 13 7.72 6.86 -13.34
C VAL B 13 7.30 6.45 -11.94
N SER B 14 6.19 5.71 -11.88
CA SER B 14 5.83 4.89 -10.76
C SER B 14 4.82 3.87 -11.30
N LYS B 15 4.66 3.86 -12.62
CA LYS B 15 3.88 2.82 -13.31
C LYS B 15 4.61 1.51 -13.10
N PRO B 16 3.88 0.46 -12.62
CA PRO B 16 4.46 -0.86 -12.40
C PRO B 16 5.21 -1.36 -13.62
N ALA B 17 6.36 -1.97 -13.37
CA ALA B 17 7.27 -2.40 -14.42
C ALA B 17 6.69 -3.53 -15.25
N ARG B 18 6.75 -3.44 -16.58
CA ARG B 18 6.30 -4.53 -17.45
C ARG B 18 7.47 -5.35 -18.00
N LEU B 19 7.19 -6.52 -18.57
CA LEU B 19 8.24 -7.30 -19.22
C LEU B 19 8.15 -7.07 -20.72
N SER B 20 9.10 -6.31 -21.28
CA SER B 20 9.08 -5.95 -22.70
C SER B 20 9.47 -7.10 -23.64
N VAL B 21 8.67 -7.25 -24.68
CA VAL B 21 8.79 -8.37 -25.60
C VAL B 21 9.21 -7.86 -26.99
N GLU B 22 8.93 -6.59 -27.26
CA GLU B 22 9.15 -5.98 -28.58
C GLU B 22 10.55 -6.09 -29.18
N ARG B 23 11.59 -5.65 -28.46
CA ARG B 23 12.96 -5.82 -28.94
C ARG B 23 13.25 -7.30 -29.16
N CYS B 24 12.92 -8.11 -28.17
CA CYS B 24 13.13 -9.54 -28.21
C CYS B 24 12.52 -10.24 -29.45
N ARG B 25 11.30 -9.84 -29.81
CA ARG B 25 10.59 -10.40 -30.96
C ARG B 25 11.15 -9.91 -32.29
N LEU B 26 11.32 -8.59 -32.42
CA LEU B 26 11.88 -8.00 -33.62
C LEU B 26 13.34 -8.40 -33.88
N TYR B 27 14.05 -8.78 -32.84
CA TYR B 27 15.40 -9.29 -32.98
C TYR B 27 15.35 -10.73 -33.51
N THR B 28 14.57 -11.58 -32.84
CA THR B 28 14.43 -12.98 -33.25
C THR B 28 13.86 -13.13 -34.66
N GLU B 29 12.94 -12.24 -35.03
CA GLU B 29 12.35 -12.24 -36.36
C GLU B 29 13.42 -12.02 -37.43
N SER B 30 14.33 -11.05 -37.20
CA SER B 30 15.36 -10.75 -38.18
C SER B 30 16.44 -11.79 -38.23
N MET B 31 16.73 -12.43 -37.11
CA MET B 31 17.76 -13.47 -37.08
C MET B 31 17.31 -14.72 -37.82
N LYS B 32 16.02 -14.79 -38.12
CA LYS B 32 15.47 -15.85 -38.93
C LYS B 32 15.59 -15.54 -40.42
N GLN B 33 15.39 -14.27 -40.79
CA GLN B 33 15.48 -13.81 -42.19
C GLN B 33 16.89 -13.95 -42.70
N THR B 34 17.85 -13.92 -41.78
CA THR B 34 19.27 -13.84 -42.12
C THR B 34 20.07 -15.10 -41.81
N GLU B 35 19.42 -16.12 -41.22
CA GLU B 35 20.08 -17.40 -40.97
C GLU B 35 21.04 -17.80 -42.08
N GLY B 36 22.30 -17.99 -41.72
CA GLY B 36 23.27 -18.44 -42.70
C GLY B 36 24.33 -17.43 -43.01
N GLU B 37 23.98 -16.14 -42.99
CA GLU B 37 24.89 -15.01 -43.30
C GLU B 37 26.03 -14.86 -42.27
N PRO B 38 27.09 -14.04 -42.56
CA PRO B 38 28.13 -13.75 -41.53
C PRO B 38 27.54 -13.07 -40.29
N MET B 39 27.95 -13.56 -39.11
CA MET B 39 27.33 -13.15 -37.84
C MET B 39 27.32 -11.64 -37.59
N ILE B 40 28.45 -10.96 -37.79
CA ILE B 40 28.49 -9.52 -37.61
C ILE B 40 27.47 -8.74 -38.49
N ILE B 41 27.19 -9.27 -39.67
CA ILE B 41 26.19 -8.67 -40.56
C ILE B 41 24.78 -8.99 -40.07
N ARG B 42 24.59 -10.22 -39.58
CA ARG B 42 23.31 -10.65 -39.02
C ARG B 42 22.86 -9.76 -37.85
N GLN B 43 23.80 -9.48 -36.95
CA GLN B 43 23.53 -8.63 -35.78
C GLN B 43 23.24 -7.21 -36.19
N ALA B 44 23.92 -6.75 -37.23
CA ALA B 44 23.73 -5.40 -37.69
C ALA B 44 22.35 -5.30 -38.28
N LYS B 45 22.00 -6.31 -39.08
CA LYS B 45 20.68 -6.39 -39.72
C LYS B 45 19.59 -6.52 -38.68
N ALA B 46 19.86 -7.25 -37.60
CA ALA B 46 18.90 -7.41 -36.50
C ALA B 46 18.60 -6.12 -35.71
N LEU B 47 19.65 -5.39 -35.40
CA LEU B 47 19.52 -4.16 -34.66
C LEU B 47 18.77 -3.15 -35.52
N LYS B 48 19.00 -3.21 -36.84
CA LYS B 48 18.30 -2.35 -37.79
C LYS B 48 16.78 -2.65 -37.79
N HIS B 49 16.45 -3.93 -37.70
CA HIS B 49 15.08 -4.37 -37.65
C HIS B 49 14.35 -3.81 -36.46
N VAL B 50 15.00 -3.80 -35.28
CA VAL B 50 14.33 -3.19 -34.13
C VAL B 50 14.35 -1.65 -34.19
N LEU B 51 15.42 -1.03 -34.68
CA LEU B 51 15.42 0.45 -34.73
C LEU B 51 14.36 1.02 -35.69
N GLU B 52 14.18 0.36 -36.84
CA GLU B 52 13.20 0.78 -37.83
C GLU B 52 11.75 0.42 -37.46
N ASN B 53 11.57 -0.59 -36.60
CA ASN B 53 10.24 -1.16 -36.32
C ASN B 53 9.75 -1.26 -34.87
N ILE B 54 10.51 -0.79 -33.88
CA ILE B 54 10.04 -0.87 -32.48
C ILE B 54 8.95 0.18 -32.30
N PRO B 55 7.85 -0.20 -31.63
CA PRO B 55 6.86 0.83 -31.28
C PRO B 55 7.54 1.95 -30.50
N ILE B 56 7.42 3.19 -30.97
CA ILE B 56 8.10 4.30 -30.33
C ILE B 56 7.08 5.29 -29.79
N GLN B 57 7.40 5.95 -28.68
CA GLN B 57 6.58 7.10 -28.25
C GLN B 57 7.37 8.28 -27.70
N ILE B 58 6.71 9.43 -27.72
CA ILE B 58 7.18 10.65 -27.06
C ILE B 58 6.31 10.86 -25.82
N LEU B 59 6.92 10.96 -24.65
CA LEU B 59 6.10 11.07 -23.44
C LEU B 59 5.73 12.51 -23.12
N ASP B 60 4.95 12.64 -22.06
CA ASP B 60 4.30 13.91 -21.73
C ASP B 60 5.27 14.96 -21.23
N SER B 61 5.32 16.07 -21.98
CA SER B 61 6.16 17.25 -21.67
C SER B 61 7.66 17.08 -21.97
N GLU B 62 8.03 15.90 -22.48
CA GLU B 62 9.41 15.56 -22.80
C GLU B 62 10.10 16.51 -23.77
N LEU B 63 11.37 16.82 -23.48
CA LEU B 63 12.19 17.62 -24.40
C LEU B 63 13.29 16.78 -25.03
N ILE B 64 13.62 15.66 -24.39
CA ILE B 64 14.54 14.67 -24.93
C ILE B 64 13.79 13.34 -25.06
N VAL B 65 13.81 12.78 -26.28
CA VAL B 65 12.92 11.66 -26.58
C VAL B 65 13.62 10.36 -26.91
N GLY B 66 12.91 9.26 -26.72
CA GLY B 66 13.40 7.97 -27.07
C GLY B 66 13.15 7.00 -25.95
N THR B 67 12.08 6.22 -26.04
CA THR B 67 11.86 5.24 -24.99
C THR B 67 12.83 4.07 -25.17
N MET B 68 13.18 3.41 -24.07
CA MET B 68 14.12 2.33 -24.13
C MET B 68 13.39 1.04 -24.42
N LEU B 69 12.09 1.05 -24.14
CA LEU B 69 11.21 0.00 -24.56
C LEU B 69 9.86 0.69 -24.75
N PRO B 70 8.96 0.13 -25.59
CA PRO B 70 7.67 0.82 -25.75
C PRO B 70 6.86 0.69 -24.48
N ASN B 71 6.17 1.78 -24.10
CA ASN B 71 5.40 1.83 -22.86
C ASN B 71 6.24 1.43 -21.62
N PRO B 72 7.12 2.34 -21.17
CA PRO B 72 8.14 2.02 -20.18
C PRO B 72 7.71 1.78 -18.71
N PRO B 73 8.57 2.10 -17.74
CA PRO B 73 9.20 1.12 -16.89
C PRO B 73 9.09 -0.34 -17.34
N GLY B 74 10.21 -0.93 -17.75
CA GLY B 74 10.19 -2.35 -18.10
C GLY B 74 11.52 -3.06 -18.25
N ALA B 75 11.46 -4.33 -18.67
CA ALA B 75 12.66 -5.15 -18.87
C ALA B 75 12.85 -5.63 -20.32
N ILE B 76 14.00 -5.32 -20.92
CA ILE B 76 14.34 -5.86 -22.25
C ILE B 76 14.87 -7.30 -22.12
N ILE B 77 14.49 -8.16 -23.07
CA ILE B 77 14.92 -9.55 -23.05
C ILE B 77 16.07 -9.79 -24.02
N PHE B 78 17.10 -10.50 -23.58
CA PHE B 78 18.21 -10.81 -24.47
C PHE B 78 18.38 -12.32 -24.53
N PRO B 79 17.64 -12.99 -25.43
CA PRO B 79 17.67 -14.46 -25.51
C PRO B 79 18.95 -15.03 -26.09
N GLU B 80 19.75 -14.19 -26.75
CA GLU B 80 21.06 -14.58 -27.26
C GLU B 80 22.09 -14.74 -26.14
N GLY B 81 21.84 -14.06 -25.02
CA GLY B 81 22.62 -14.27 -23.80
C GLY B 81 21.85 -15.00 -22.72
N VAL B 82 21.06 -14.25 -21.96
CA VAL B 82 20.59 -14.74 -20.68
C VAL B 82 19.07 -14.67 -20.52
N GLY B 83 18.42 -13.99 -21.48
CA GLY B 83 16.96 -13.83 -21.53
C GLY B 83 16.08 -15.05 -21.40
N LEU B 84 16.65 -16.23 -21.64
CA LEU B 84 15.92 -17.49 -21.52
C LEU B 84 15.71 -17.88 -20.06
N ARG B 85 16.47 -17.28 -19.15
CA ARG B 85 16.34 -17.56 -17.71
C ARG B 85 14.99 -17.08 -17.22
N ILE B 86 14.62 -15.88 -17.66
CA ILE B 86 13.38 -15.27 -17.22
C ILE B 86 12.14 -15.89 -17.88
N ILE B 87 12.35 -16.62 -18.98
CA ILE B 87 11.27 -17.33 -19.66
C ILE B 87 10.83 -18.57 -18.85
N ASN B 88 11.76 -19.13 -18.10
CA ASN B 88 11.48 -20.31 -17.30
C ASN B 88 10.62 -20.01 -16.06
N GLU B 89 10.44 -18.73 -15.76
CA GLU B 89 9.77 -18.30 -14.52
C GLU B 89 8.78 -17.18 -14.77
N LEU B 90 8.01 -17.28 -15.84
CA LEU B 90 7.10 -16.22 -16.25
C LEU B 90 5.86 -16.06 -15.36
N ASP B 91 5.48 -17.14 -14.67
CA ASP B 91 4.32 -17.12 -13.79
C ASP B 91 4.63 -16.38 -12.50
N SER B 92 5.86 -16.54 -12.02
CA SER B 92 6.36 -15.85 -10.84
C SER B 92 6.37 -14.33 -10.98
N LEU B 93 6.77 -13.85 -12.16
CA LEU B 93 7.09 -12.43 -12.38
C LEU B 93 6.17 -11.34 -11.83
N PRO B 94 4.83 -11.39 -12.10
CA PRO B 94 4.06 -10.21 -11.66
C PRO B 94 3.68 -10.12 -10.18
N ASN B 95 3.86 -11.22 -9.45
CA ASN B 95 3.54 -11.27 -8.02
C ASN B 95 4.74 -11.71 -7.19
N ARG B 96 5.93 -11.56 -7.77
CA ARG B 96 7.21 -11.87 -7.12
C ARG B 96 7.52 -10.83 -6.04
N GLU B 97 8.31 -11.22 -5.04
CA GLU B 97 8.63 -10.37 -3.91
C GLU B 97 9.26 -9.03 -4.32
N THR B 98 10.49 -9.06 -4.82
CA THR B 98 11.12 -7.84 -5.29
C THR B 98 11.18 -7.85 -6.80
N ASN B 99 10.97 -6.66 -7.36
CA ASN B 99 11.01 -6.41 -8.80
C ASN B 99 9.94 -7.16 -9.58
N ARG B 100 8.69 -6.77 -9.37
CA ARG B 100 7.62 -7.41 -10.10
C ARG B 100 7.50 -6.83 -11.49
N LEU B 101 7.49 -7.72 -12.48
CA LEU B 101 7.27 -7.32 -13.87
C LEU B 101 5.94 -7.90 -14.34
N MET B 102 5.03 -7.02 -14.77
CA MET B 102 3.77 -7.45 -15.33
C MET B 102 4.06 -8.14 -16.64
N VAL B 103 3.51 -9.32 -16.83
CA VAL B 103 3.64 -9.97 -18.11
C VAL B 103 2.27 -10.28 -18.72
N ASP B 104 2.06 -9.68 -19.90
CA ASP B 104 0.90 -9.89 -20.75
C ASP B 104 0.93 -11.30 -21.31
N GLU B 105 -0.16 -12.05 -21.14
CA GLU B 105 -0.17 -13.47 -21.48
C GLU B 105 -0.27 -13.71 -22.98
N GLU B 106 -0.70 -12.67 -23.72
CA GLU B 106 -0.68 -12.71 -25.19
C GLU B 106 0.76 -12.75 -25.68
N ASP B 107 1.57 -11.79 -25.26
CA ASP B 107 3.00 -11.96 -25.50
C ASP B 107 3.76 -12.70 -24.41
N ALA B 108 3.29 -13.91 -24.07
CA ALA B 108 4.01 -14.80 -23.16
C ALA B 108 3.94 -16.23 -23.68
N LYS B 109 2.97 -16.50 -24.54
CA LYS B 109 3.02 -17.76 -25.28
C LYS B 109 3.91 -17.56 -26.49
N VAL B 110 3.98 -16.31 -26.96
CA VAL B 110 4.92 -15.94 -28.02
C VAL B 110 6.37 -15.99 -27.49
N LEU B 111 6.55 -15.93 -26.18
CA LEU B 111 7.86 -16.15 -25.56
C LEU B 111 8.14 -17.62 -25.31
N ARG B 112 7.12 -18.36 -24.88
CA ARG B 112 7.26 -19.76 -24.49
C ARG B 112 7.43 -20.75 -25.63
N GLU B 113 6.55 -20.68 -26.63
CA GLU B 113 6.59 -21.69 -27.69
C GLU B 113 7.26 -21.19 -28.98
N GLU B 114 7.67 -19.92 -29.01
CA GLU B 114 8.31 -19.35 -30.20
C GLU B 114 9.72 -18.77 -29.97
N ILE B 115 9.92 -17.99 -28.91
CA ILE B 115 11.24 -17.40 -28.63
C ILE B 115 12.19 -18.40 -27.96
N ALA B 116 11.74 -19.02 -26.88
CA ALA B 116 12.54 -20.00 -26.15
C ALA B 116 12.98 -21.27 -26.92
N PRO B 117 12.09 -21.88 -27.74
CA PRO B 117 12.60 -23.06 -28.45
C PRO B 117 13.61 -22.75 -29.56
N TYR B 118 13.52 -21.56 -30.15
CA TYR B 118 14.47 -21.16 -31.18
C TYR B 118 15.85 -20.96 -30.59
N TRP B 119 15.93 -20.16 -29.54
CA TRP B 119 17.20 -19.71 -29.02
C TRP B 119 17.86 -20.72 -28.12
N GLN B 120 17.11 -21.74 -27.73
CA GLN B 120 17.67 -22.90 -27.06
C GLN B 120 18.81 -23.41 -27.91
N ARG B 121 20.01 -23.50 -27.34
CA ARG B 121 21.26 -23.85 -28.08
C ARG B 121 21.63 -22.98 -29.33
N LYS B 122 21.31 -21.68 -29.24
CA LYS B 122 21.82 -20.68 -30.14
C LYS B 122 22.42 -19.53 -29.31
N THR B 123 22.81 -19.85 -28.08
CA THR B 123 23.22 -18.82 -27.12
C THR B 123 24.73 -18.67 -27.07
N ILE B 124 25.20 -17.70 -26.28
CA ILE B 124 26.61 -17.52 -25.97
C ILE B 124 27.08 -18.70 -25.16
N GLU B 125 26.18 -19.17 -24.30
CA GLU B 125 26.47 -20.30 -23.46
C GLU B 125 26.56 -21.59 -24.25
N ALA B 126 25.78 -21.67 -25.30
CA ALA B 126 25.75 -22.85 -26.17
C ALA B 126 27.14 -23.10 -26.76
N PHE B 127 27.71 -22.04 -27.33
CA PHE B 127 29.06 -22.00 -27.86
C PHE B 127 30.08 -22.37 -26.81
N ALA B 128 30.02 -21.67 -25.69
CA ALA B 128 31.09 -21.79 -24.71
C ALA B 128 31.10 -23.12 -23.99
N PHE B 129 29.93 -23.71 -23.80
CA PHE B 129 29.78 -24.93 -22.98
C PHE B 129 30.82 -26.03 -23.22
N PRO B 130 30.95 -26.58 -24.45
CA PRO B 130 31.82 -27.75 -24.52
C PRO B 130 33.31 -27.42 -24.34
N LEU B 131 33.66 -26.14 -24.53
CA LEU B 131 35.03 -25.68 -24.33
C LEU B 131 35.38 -25.56 -22.84
N MET B 132 34.38 -25.29 -21.99
CA MET B 132 34.59 -25.21 -20.55
C MET B 132 33.58 -26.02 -19.69
N PRO B 133 33.43 -27.34 -19.93
CA PRO B 133 32.27 -28.02 -19.32
C PRO B 133 32.35 -28.13 -17.79
N ASP B 134 33.56 -28.31 -17.28
CA ASP B 134 33.85 -28.38 -15.86
C ASP B 134 33.64 -27.04 -15.11
N ILE B 135 34.00 -25.93 -15.74
CA ILE B 135 33.80 -24.59 -15.17
C ILE B 135 32.32 -24.28 -15.09
N MET B 136 31.56 -24.68 -16.12
CA MET B 136 30.11 -24.50 -16.13
C MET B 136 29.39 -25.24 -15.00
N GLN B 137 29.89 -26.42 -14.65
CA GLN B 137 29.37 -27.19 -13.52
C GLN B 137 29.53 -26.39 -12.23
N ILE B 138 30.75 -25.89 -12.03
CA ILE B 138 31.08 -25.24 -10.77
C ILE B 138 30.59 -23.81 -10.70
N LEU B 139 30.17 -23.28 -11.85
CA LEU B 139 29.50 -22.00 -11.91
C LEU B 139 28.11 -22.14 -11.31
N TYR B 140 27.39 -23.16 -11.74
CA TYR B 140 25.97 -23.32 -11.40
C TYR B 140 25.66 -23.74 -9.96
N THR B 141 26.69 -24.10 -9.19
CA THR B 141 26.54 -24.35 -7.77
C THR B 141 26.26 -23.02 -7.05
N GLY B 142 26.76 -21.93 -7.61
CA GLY B 142 26.58 -20.62 -7.03
C GLY B 142 27.47 -20.44 -5.82
N SER B 143 28.37 -21.41 -5.62
CA SER B 143 29.17 -21.47 -4.43
C SER B 143 30.48 -20.69 -4.55
N VAL B 144 31.11 -20.71 -5.72
CA VAL B 144 32.49 -20.22 -5.80
C VAL B 144 32.73 -18.99 -6.70
N PHE B 145 32.06 -18.90 -7.84
CA PHE B 145 32.10 -17.64 -8.59
C PHE B 145 30.86 -17.43 -9.43
N VAL B 146 30.68 -16.21 -9.91
CA VAL B 146 29.73 -15.98 -10.98
C VAL B 146 30.42 -15.24 -12.13
N LEU B 147 30.22 -15.80 -13.34
CA LEU B 147 30.76 -15.33 -14.61
C LEU B 147 29.59 -14.74 -15.39
N THR B 148 29.64 -13.44 -15.67
CA THR B 148 28.50 -12.77 -16.29
C THR B 148 28.59 -12.58 -17.80
N GLU B 149 29.73 -12.95 -18.41
CA GLU B 149 29.93 -12.74 -19.85
C GLU B 149 29.02 -13.61 -20.71
N ILE B 150 28.56 -14.70 -20.11
CA ILE B 150 27.39 -15.48 -20.53
C ILE B 150 26.16 -14.65 -20.93
N ALA B 151 25.95 -13.53 -20.26
CA ALA B 151 24.82 -12.67 -20.59
C ALA B 151 25.14 -11.67 -21.71
N GLY B 152 26.41 -11.54 -22.06
CA GLY B 152 26.85 -10.48 -22.96
C GLY B 152 27.98 -9.72 -22.31
N ILE B 153 28.45 -8.64 -22.92
CA ILE B 153 29.58 -7.95 -22.30
C ILE B 153 29.22 -6.57 -21.73
N SER B 154 28.82 -5.65 -22.61
CA SER B 154 28.50 -4.26 -22.24
C SER B 154 29.60 -3.63 -21.37
N HIS B 155 29.17 -3.05 -20.25
CA HIS B 155 30.07 -2.48 -19.25
C HIS B 155 31.13 -1.51 -19.79
N VAL B 156 30.69 -0.51 -20.52
CA VAL B 156 31.62 0.50 -20.99
C VAL B 156 30.94 1.86 -20.96
N ALA B 157 31.73 2.90 -20.73
CA ALA B 157 31.24 4.24 -20.96
C ALA B 157 31.53 4.57 -22.41
N VAL B 158 30.45 4.80 -23.16
CA VAL B 158 30.45 5.14 -24.58
C VAL B 158 31.22 6.42 -24.86
N ASN B 159 32.08 6.38 -25.87
CA ASN B 159 32.78 7.57 -26.29
C ASN B 159 31.88 8.55 -27.04
N TYR B 160 31.10 9.30 -26.29
CA TYR B 160 30.34 10.38 -26.87
C TYR B 160 31.13 11.48 -27.54
N PRO B 161 32.27 11.94 -26.95
CA PRO B 161 33.01 12.98 -27.66
C PRO B 161 33.44 12.61 -29.08
N TYR B 162 33.78 11.34 -29.28
CA TYR B 162 34.18 10.80 -30.57
C TYR B 162 33.04 10.89 -31.58
N LEU B 163 31.85 10.40 -31.19
CA LEU B 163 30.65 10.41 -32.03
C LEU B 163 30.13 11.81 -32.31
N LEU B 164 30.25 12.70 -31.32
CA LEU B 164 29.76 14.07 -31.45
C LEU B 164 30.63 14.88 -32.38
N ARG B 165 31.83 14.40 -32.68
CA ARG B 165 32.68 15.09 -33.63
C ARG B 165 32.62 14.48 -35.05
N ARG B 166 31.70 13.54 -35.24
CA ARG B 166 31.59 12.84 -36.51
C ARG B 166 30.16 12.85 -37.04
N GLY B 167 29.25 12.24 -36.29
CA GLY B 167 27.88 12.07 -36.70
C GLY B 167 27.75 10.75 -37.41
N PHE B 168 26.55 10.17 -37.41
CA PHE B 168 26.39 8.84 -38.00
C PHE B 168 26.26 8.81 -39.52
N ARG B 169 26.12 9.98 -40.13
CA ARG B 169 26.21 10.09 -41.58
C ARG B 169 27.66 9.90 -42.00
N TRP B 170 28.58 10.39 -41.16
CA TRP B 170 30.00 10.29 -41.44
C TRP B 170 30.45 8.85 -41.41
N PHE B 171 29.98 8.10 -40.41
CA PHE B 171 30.31 6.69 -40.28
C PHE B 171 29.78 5.94 -41.48
N LEU B 172 28.60 6.33 -41.96
CA LEU B 172 27.98 5.73 -43.14
C LEU B 172 28.79 5.97 -44.40
N GLU B 173 29.19 7.22 -44.63
CA GLU B 173 29.95 7.56 -45.83
C GLU B 173 31.36 7.01 -45.78
N GLU B 174 31.97 6.95 -44.60
CA GLU B 174 33.31 6.39 -44.44
C GLU B 174 33.31 4.87 -44.55
N SER B 175 32.23 4.22 -44.13
CA SER B 175 32.15 2.78 -44.27
C SER B 175 32.04 2.44 -45.73
N GLU B 176 31.27 3.24 -46.46
CA GLU B 176 31.16 3.10 -47.90
C GLU B 176 32.50 3.29 -48.63
N ARG B 177 33.25 4.35 -48.28
CA ARG B 177 34.61 4.57 -48.81
C ARG B 177 35.48 3.36 -48.59
N ARG B 178 35.44 2.82 -47.37
CA ARG B 178 36.30 1.70 -47.01
C ARG B 178 35.93 0.37 -47.67
N ILE B 179 34.61 0.11 -47.77
CA ILE B 179 34.06 -1.05 -48.47
C ILE B 179 34.51 -1.11 -49.93
N ARG B 180 34.52 0.05 -50.60
CA ARG B 180 34.99 0.15 -51.98
C ARG B 180 36.50 -0.01 -52.14
N ALA B 181 37.27 0.39 -51.13
CA ALA B 181 38.72 0.23 -51.18
C ALA B 181 39.06 -1.25 -50.98
N LEU B 182 38.23 -1.93 -50.20
CA LEU B 182 38.40 -3.35 -49.90
C LEU B 182 37.98 -4.19 -51.09
N GLU B 183 37.01 -3.69 -51.84
CA GLU B 183 36.63 -4.28 -53.09
C GLU B 183 37.72 -4.09 -54.15
N GLU B 184 38.45 -2.99 -54.07
CA GLU B 184 39.47 -2.68 -55.06
C GLU B 184 40.64 -3.61 -54.92
N SER B 185 40.95 -4.03 -53.69
CA SER B 185 42.03 -4.98 -53.47
C SER B 185 41.53 -6.43 -53.40
N GLY B 186 40.29 -6.64 -53.83
CA GLY B 186 39.78 -7.97 -54.10
C GLY B 186 39.34 -8.75 -52.89
N VAL B 187 39.01 -8.02 -51.81
CA VAL B 187 38.37 -8.57 -50.60
C VAL B 187 39.11 -9.74 -49.98
N TYR B 188 40.42 -9.62 -49.86
CA TYR B 188 41.16 -10.68 -49.22
C TYR B 188 41.06 -10.57 -47.71
N GLU B 189 40.86 -9.34 -47.23
CA GLU B 189 40.57 -9.10 -45.84
C GLU B 189 39.06 -9.26 -45.65
N GLY B 190 38.63 -10.51 -45.51
CA GLY B 190 37.22 -10.83 -45.46
C GLY B 190 36.53 -10.39 -44.18
N GLU B 191 37.20 -10.59 -43.04
CA GLU B 191 36.60 -10.25 -41.75
C GLU B 191 36.38 -8.74 -41.68
N LYS B 192 37.35 -7.96 -42.14
CA LYS B 192 37.26 -6.50 -42.15
C LYS B 192 36.15 -5.94 -42.99
N TYR B 193 36.03 -6.50 -44.19
CA TYR B 193 35.00 -6.14 -45.15
C TYR B 193 33.61 -6.44 -44.59
N SER B 194 33.45 -7.56 -43.89
CA SER B 194 32.16 -7.84 -43.27
C SER B 194 31.94 -6.99 -42.03
N PHE B 195 33.03 -6.46 -41.47
CA PHE B 195 32.86 -5.50 -40.40
C PHE B 195 32.29 -4.18 -40.95
N TYR B 196 32.87 -3.68 -42.02
CA TYR B 196 32.42 -2.40 -42.50
C TYR B 196 31.06 -2.49 -43.16
N GLN B 197 30.67 -3.69 -43.57
CA GLN B 197 29.31 -3.88 -44.07
C GLN B 197 28.33 -3.68 -42.92
N ALA B 198 28.68 -4.24 -41.76
CA ALA B 198 27.92 -4.04 -40.55
C ALA B 198 27.91 -2.57 -40.07
N ALA B 199 29.08 -1.94 -40.01
CA ALA B 199 29.24 -0.51 -39.74
C ALA B 199 28.32 0.35 -40.61
N LYS B 200 28.28 0.06 -41.90
CA LYS B 200 27.34 0.66 -42.82
C LYS B 200 25.85 0.42 -42.45
N ILE B 201 25.48 -0.82 -42.11
CA ILE B 201 24.08 -1.14 -41.82
C ILE B 201 23.62 -0.42 -40.56
N VAL B 202 24.47 -0.51 -39.55
CA VAL B 202 24.24 0.07 -38.24
C VAL B 202 24.17 1.60 -38.27
N SER B 203 24.90 2.25 -39.17
CA SER B 203 24.86 3.70 -39.26
C SER B 203 23.54 4.17 -39.84
N GLU B 204 23.05 3.42 -40.83
CA GLU B 204 21.76 3.69 -41.47
C GLU B 204 20.66 3.53 -40.44
N ALA B 205 20.71 2.41 -39.72
CA ALA B 205 19.75 2.08 -38.67
C ALA B 205 19.51 3.25 -37.73
N VAL B 206 20.60 3.71 -37.15
CA VAL B 206 20.63 4.81 -36.18
C VAL B 206 20.01 6.10 -36.74
N ILE B 207 20.32 6.42 -38.00
CA ILE B 207 19.85 7.65 -38.65
C ILE B 207 18.35 7.58 -38.86
N ASN B 208 17.89 6.45 -39.38
CA ASN B 208 16.47 6.19 -39.60
C ASN B 208 15.67 6.20 -38.32
N TYR B 209 16.25 5.61 -37.28
CA TYR B 209 15.70 5.63 -35.90
C TYR B 209 15.48 7.07 -35.40
N GLY B 210 16.39 7.95 -35.75
CA GLY B 210 16.24 9.38 -35.50
C GLY B 210 15.16 10.06 -36.32
N LEU B 211 15.05 9.71 -37.60
CA LEU B 211 13.98 10.24 -38.47
C LEU B 211 12.59 9.76 -38.06
N ARG B 212 12.50 8.59 -37.43
CA ARG B 212 11.25 8.10 -36.90
C ARG B 212 10.71 8.96 -35.75
N TYR B 213 11.62 9.48 -34.94
CA TYR B 213 11.25 10.38 -33.83
C TYR B 213 10.93 11.78 -34.35
N SER B 214 11.60 12.17 -35.43
CA SER B 214 11.34 13.41 -36.11
C SER B 214 9.92 13.42 -36.69
N LYS B 215 9.50 12.27 -37.23
CA LYS B 215 8.13 12.10 -37.74
C LYS B 215 7.09 12.13 -36.63
N LEU B 216 7.35 11.40 -35.55
CA LEU B 216 6.40 11.27 -34.45
C LEU B 216 6.14 12.62 -33.83
N ALA B 217 7.19 13.42 -33.66
CA ALA B 217 7.07 14.78 -33.12
C ALA B 217 6.28 15.68 -34.04
N GLU B 218 6.56 15.57 -35.34
CA GLU B 218 5.97 16.44 -36.36
C GLU B 218 4.46 16.24 -36.46
N GLU B 219 4.05 14.98 -36.36
CA GLU B 219 2.65 14.59 -36.39
C GLU B 219 1.90 15.03 -35.11
N LEU B 220 2.53 14.79 -33.95
CA LEU B 220 1.94 15.19 -32.66
C LEU B 220 1.86 16.69 -32.52
N ALA B 221 2.73 17.42 -33.23
CA ALA B 221 2.79 18.88 -33.19
C ALA B 221 1.52 19.55 -33.70
N GLU B 222 1.16 19.26 -34.95
CA GLU B 222 -0.09 19.78 -35.51
C GLU B 222 -1.27 18.91 -35.09
N SER B 223 -1.60 19.01 -33.80
CA SER B 223 -2.57 18.19 -33.08
C SER B 223 -2.49 18.73 -31.65
N GLU B 224 -1.79 19.85 -31.51
CA GLU B 224 -1.36 20.35 -30.22
C GLU B 224 -1.16 21.87 -30.28
N ASP B 225 -1.26 22.52 -29.12
CA ASP B 225 -1.57 23.94 -29.02
C ASP B 225 -0.40 24.82 -28.58
N GLY B 226 -0.11 25.86 -29.38
CA GLY B 226 0.79 26.96 -29.04
C GLY B 226 2.10 26.70 -28.31
N GLU B 227 2.02 26.60 -26.99
CA GLU B 227 3.18 26.45 -26.09
C GLU B 227 3.95 25.12 -26.27
N ARG B 228 3.25 23.99 -26.18
CA ARG B 228 3.84 22.66 -26.30
C ARG B 228 4.16 22.36 -27.76
N ARG B 229 3.33 22.88 -28.66
CA ARG B 229 3.55 22.76 -30.10
C ARG B 229 4.85 23.42 -30.59
N GLU B 230 5.31 24.48 -29.92
CA GLU B 230 6.56 25.12 -30.33
C GLU B 230 7.75 24.26 -29.97
N GLU B 231 7.63 23.56 -28.85
CA GLU B 231 8.64 22.59 -28.39
C GLU B 231 8.75 21.38 -29.33
N LEU B 232 7.61 20.82 -29.73
CA LEU B 232 7.58 19.62 -30.59
C LEU B 232 8.14 19.85 -32.00
N LEU B 233 7.99 21.08 -32.50
CA LEU B 233 8.57 21.50 -33.78
C LEU B 233 10.09 21.63 -33.66
N LYS B 234 10.58 21.97 -32.48
CA LYS B 234 12.01 21.96 -32.22
C LYS B 234 12.48 20.52 -32.18
N ILE B 235 11.73 19.64 -31.53
CA ILE B 235 12.07 18.21 -31.42
C ILE B 235 12.11 17.50 -32.78
N ALA B 236 11.21 17.88 -33.68
CA ALA B 236 11.19 17.36 -35.04
C ALA B 236 12.44 17.81 -35.81
N GLU B 237 12.78 19.09 -35.66
CA GLU B 237 13.93 19.71 -36.33
C GLU B 237 15.26 19.11 -35.81
N ILE B 238 15.26 18.74 -34.53
CA ILE B 238 16.44 18.19 -33.87
C ILE B 238 16.64 16.72 -34.26
N CYS B 239 15.60 15.91 -34.16
CA CYS B 239 15.72 14.49 -34.52
C CYS B 239 15.97 14.25 -36.01
N ARG B 240 15.65 15.24 -36.84
CA ARG B 240 15.97 15.20 -38.28
C ARG B 240 17.47 15.40 -38.46
N LYS B 241 18.05 16.24 -37.61
CA LYS B 241 19.48 16.54 -37.68
C LYS B 241 20.37 15.53 -36.94
N VAL B 242 19.96 15.13 -35.74
CA VAL B 242 20.86 14.35 -34.90
C VAL B 242 20.43 13.05 -34.25
N PRO B 243 20.88 11.95 -34.83
CA PRO B 243 22.10 11.32 -34.40
C PRO B 243 23.12 11.37 -35.57
N ALA B 244 22.74 12.01 -36.68
CA ALA B 244 23.35 11.79 -37.99
C ALA B 244 24.35 12.85 -38.37
N GLU B 245 24.03 14.10 -38.00
CA GLU B 245 24.95 15.19 -38.20
C GLU B 245 25.65 15.52 -36.91
N LYS B 246 26.65 16.38 -36.98
CA LYS B 246 27.27 16.90 -35.79
C LYS B 246 26.33 17.95 -35.23
N PRO B 247 26.00 17.84 -33.94
CA PRO B 247 25.23 18.84 -33.22
C PRO B 247 25.98 20.16 -33.06
N GLU B 248 25.23 21.26 -32.97
CA GLU B 248 25.80 22.58 -32.75
C GLU B 248 25.17 23.30 -31.56
N THR B 249 24.07 22.74 -31.04
CA THR B 249 23.45 23.31 -29.85
C THR B 249 23.47 22.29 -28.74
N PHE B 250 23.41 22.80 -27.49
CA PHE B 250 23.28 21.99 -26.27
C PHE B 250 22.12 21.02 -26.37
N TRP B 251 20.96 21.53 -26.77
CA TRP B 251 19.79 20.68 -26.93
C TRP B 251 20.02 19.52 -27.93
N GLU B 252 20.53 19.86 -29.13
CA GLU B 252 20.87 18.86 -30.13
C GLU B 252 21.84 17.82 -29.60
N ALA B 253 22.91 18.30 -28.94
CA ALA B 253 23.93 17.44 -28.36
C ALA B 253 23.40 16.50 -27.28
N VAL B 254 22.47 16.96 -26.45
CA VAL B 254 21.92 16.04 -25.43
C VAL B 254 20.99 15.04 -26.10
N GLN B 255 20.17 15.51 -27.03
CA GLN B 255 19.29 14.62 -27.76
C GLN B 255 20.05 13.56 -28.55
N PHE B 256 21.17 13.96 -29.15
CA PHE B 256 22.14 13.04 -29.77
C PHE B 256 22.50 11.90 -28.85
N VAL B 257 23.09 12.20 -27.69
CA VAL B 257 23.61 11.14 -26.85
C VAL B 257 22.49 10.24 -26.36
N TRP B 258 21.32 10.80 -26.09
CA TRP B 258 20.27 9.94 -25.63
C TRP B 258 19.79 9.00 -26.73
N LEU B 259 19.56 9.52 -27.94
CA LEU B 259 19.12 8.66 -29.04
C LEU B 259 20.02 7.45 -29.25
N VAL B 260 21.34 7.63 -29.23
CA VAL B 260 22.23 6.48 -29.41
C VAL B 260 22.28 5.62 -28.16
N GLN B 261 22.06 6.25 -27.01
CA GLN B 261 22.03 5.50 -25.76
C GLN B 261 20.88 4.48 -25.75
N SER B 262 19.70 4.93 -26.17
CA SER B 262 18.54 4.05 -26.24
C SER B 262 18.73 3.02 -27.34
N ALA B 263 19.35 3.44 -28.45
CA ALA B 263 19.66 2.52 -29.52
C ALA B 263 20.56 1.38 -29.00
N LEU B 264 21.65 1.72 -28.31
CA LEU B 264 22.62 0.73 -27.83
C LEU B 264 22.00 -0.28 -26.86
N HIS B 265 20.95 0.12 -26.17
CA HIS B 265 20.27 -0.79 -25.25
C HIS B 265 19.40 -1.84 -25.94
N GLN B 266 19.32 -1.76 -27.28
CA GLN B 266 18.67 -2.80 -28.07
C GLN B 266 19.67 -3.84 -28.57
N GLU B 267 20.93 -3.41 -28.72
CA GLU B 267 22.02 -4.27 -29.17
C GLU B 267 22.69 -5.01 -28.01
N ASN B 268 22.94 -4.28 -26.92
CA ASN B 268 23.72 -4.80 -25.81
C ASN B 268 22.85 -4.99 -24.59
N TYR B 269 23.18 -5.97 -23.76
CA TYR B 269 22.40 -6.19 -22.53
C TYR B 269 22.49 -5.02 -21.53
N GLU B 270 21.46 -4.94 -20.68
CA GLU B 270 21.09 -3.80 -19.82
C GLU B 270 22.14 -3.14 -18.91
N GLN B 271 23.22 -3.85 -18.58
CA GLN B 271 24.15 -3.40 -17.56
C GLN B 271 25.26 -2.45 -18.02
N ALA B 272 25.35 -1.30 -17.37
CA ALA B 272 26.54 -0.45 -17.39
C ALA B 272 26.96 0.16 -18.72
N ILE B 273 25.97 0.35 -19.59
CA ILE B 273 26.15 1.14 -20.80
C ILE B 273 26.12 2.58 -20.33
N SER B 274 27.29 3.16 -20.14
CA SER B 274 27.39 4.43 -19.43
C SER B 274 27.69 5.62 -20.32
N MET B 275 27.49 6.84 -19.80
CA MET B 275 27.59 8.06 -20.60
C MET B 275 28.91 8.83 -20.49
N GLY B 276 29.85 8.35 -19.67
CA GLY B 276 31.16 8.95 -19.62
C GLY B 276 31.23 10.29 -18.89
N ARG B 277 32.25 11.10 -19.19
CA ARG B 277 32.47 12.39 -18.54
C ARG B 277 31.60 13.49 -19.13
N ILE B 278 30.29 13.37 -18.85
CA ILE B 278 29.23 14.16 -19.45
C ILE B 278 29.33 15.68 -19.26
N ASP B 279 29.86 16.10 -18.12
CA ASP B 279 30.05 17.52 -17.82
C ASP B 279 31.17 18.14 -18.64
N GLN B 280 32.08 17.29 -19.12
CA GLN B 280 33.21 17.78 -19.89
C GLN B 280 32.88 17.99 -21.35
N TYR B 281 32.12 17.04 -21.93
CA TYR B 281 31.88 17.09 -23.36
C TYR B 281 30.63 17.84 -23.77
N LEU B 282 29.69 17.99 -22.85
CA LEU B 282 28.50 18.81 -23.10
C LEU B 282 28.79 20.28 -22.89
N TYR B 283 29.82 20.59 -22.09
CA TYR B 283 30.17 21.97 -21.75
C TYR B 283 30.49 22.95 -22.89
N PRO B 284 31.20 22.52 -23.96
CA PRO B 284 31.38 23.56 -24.98
C PRO B 284 30.07 24.05 -25.62
N PHE B 285 29.06 23.17 -25.69
CA PHE B 285 27.75 23.48 -26.25
C PHE B 285 26.92 24.35 -25.32
N PHE B 286 26.93 23.99 -24.04
CA PHE B 286 26.30 24.77 -22.98
C PHE B 286 26.83 26.22 -22.91
N LYS B 287 28.14 26.38 -22.69
CA LYS B 287 28.81 27.68 -22.62
C LYS B 287 28.66 28.52 -23.90
N LYS B 288 28.48 27.88 -25.05
CA LYS B 288 28.16 28.61 -26.28
C LYS B 288 26.74 29.14 -26.24
N ASP B 289 25.78 28.24 -26.05
CA ASP B 289 24.34 28.54 -26.13
C ASP B 289 23.85 29.58 -25.11
N ILE B 290 24.20 29.40 -23.84
CA ILE B 290 24.06 30.45 -22.83
C ILE B 290 25.18 31.44 -23.13
N GLY B 291 24.93 32.75 -23.07
CA GLY B 291 26.02 33.70 -23.35
C GLY B 291 26.08 34.14 -24.80
N GLU B 292 25.48 33.35 -25.68
CA GLU B 292 24.97 33.87 -26.95
C GLU B 292 23.49 34.09 -26.69
N GLY B 293 22.96 33.40 -25.69
CA GLY B 293 21.60 33.56 -25.25
C GLY B 293 20.60 32.68 -25.98
N ARG B 294 21.06 31.64 -26.67
CA ARG B 294 20.17 30.67 -27.33
C ARG B 294 19.29 29.92 -26.31
N ILE B 295 19.89 29.48 -25.20
CA ILE B 295 19.11 28.89 -24.11
C ILE B 295 19.37 29.63 -22.81
N ASN B 296 18.66 29.25 -21.75
CA ASN B 296 18.92 29.74 -20.39
C ASN B 296 18.99 28.57 -19.42
N ARG B 297 19.36 28.82 -18.17
CA ARG B 297 19.63 27.74 -17.22
C ARG B 297 18.43 26.87 -16.89
N GLU B 298 17.24 27.45 -16.87
CA GLU B 298 16.00 26.70 -16.63
C GLU B 298 15.78 25.60 -17.69
N LEU B 299 15.96 26.00 -18.95
CA LEU B 299 15.90 25.05 -20.08
C LEU B 299 16.98 23.99 -19.98
N ALA B 300 18.22 24.41 -19.75
CA ALA B 300 19.36 23.51 -19.63
C ALA B 300 19.13 22.51 -18.51
N PHE B 301 18.63 23.01 -17.38
CA PHE B 301 18.26 22.15 -16.25
C PHE B 301 17.19 21.13 -16.62
N ASP B 302 16.15 21.58 -17.32
CA ASP B 302 15.04 20.73 -17.71
C ASP B 302 15.46 19.64 -18.70
N ILE B 303 16.39 20.01 -19.58
CA ILE B 303 16.97 19.12 -20.57
C ILE B 303 17.72 17.96 -19.89
N LEU B 304 18.53 18.29 -18.88
CA LEU B 304 19.30 17.29 -18.17
C LEU B 304 18.40 16.51 -17.26
N ALA B 305 17.36 17.17 -16.75
CA ALA B 305 16.37 16.52 -15.90
C ALA B 305 15.76 15.36 -16.64
N ASN B 306 15.37 15.63 -17.89
CA ASN B 306 14.84 14.60 -18.80
C ASN B 306 15.80 13.46 -19.09
N LEU B 307 17.06 13.80 -19.34
CA LEU B 307 18.09 12.80 -19.61
C LEU B 307 18.15 11.77 -18.48
N TRP B 308 18.32 12.30 -17.27
CA TRP B 308 18.39 11.51 -16.04
C TRP B 308 17.12 10.69 -15.82
N ILE B 309 15.98 11.29 -16.15
CA ILE B 309 14.67 10.68 -15.89
C ILE B 309 14.45 9.46 -16.78
N LYS B 310 14.89 9.59 -18.03
CA LYS B 310 14.73 8.53 -19.02
C LYS B 310 15.53 7.26 -18.75
N THR B 311 16.63 7.38 -18.00
CA THR B 311 17.40 6.21 -17.63
C THR B 311 16.71 5.33 -16.60
N ASN B 312 15.56 5.76 -16.11
CA ASN B 312 14.83 4.98 -15.12
C ASN B 312 13.83 4.05 -15.78
N GLU B 313 13.84 4.03 -17.11
CA GLU B 313 12.91 3.21 -17.85
C GLU B 313 13.29 1.74 -17.85
N ILE B 314 14.56 1.43 -17.71
CA ILE B 314 14.93 0.03 -17.69
C ILE B 314 15.12 -0.51 -16.30
N VAL B 315 14.80 -1.79 -16.18
CA VAL B 315 14.86 -2.53 -14.94
C VAL B 315 15.32 -3.88 -15.46
N PRO B 316 16.24 -4.57 -14.75
CA PRO B 316 16.86 -5.78 -15.31
C PRO B 316 15.91 -6.94 -15.43
N ALA B 317 16.16 -7.80 -16.40
CA ALA B 317 15.29 -8.94 -16.62
C ALA B 317 15.82 -10.14 -15.85
N PHE B 318 15.89 -10.02 -14.52
CA PHE B 318 16.52 -11.07 -13.72
C PHE B 318 15.51 -12.09 -13.27
N ASP B 319 15.91 -13.35 -13.29
CA ASP B 319 15.08 -14.40 -12.73
C ASP B 319 15.40 -14.49 -11.25
N SER B 320 14.72 -15.40 -10.54
CA SER B 320 14.81 -15.49 -9.09
C SER B 320 16.23 -15.75 -8.55
N LEU B 321 16.95 -16.71 -9.13
CA LEU B 321 18.33 -16.96 -8.71
C LEU B 321 19.29 -15.76 -8.97
N LEU B 322 19.09 -15.07 -10.09
CA LEU B 322 19.85 -13.85 -10.39
C LEU B 322 19.57 -12.70 -9.43
N GLU B 323 18.32 -12.63 -8.95
CA GLU B 323 17.84 -11.57 -8.06
C GLU B 323 18.48 -11.61 -6.69
N GLN B 324 19.07 -12.74 -6.34
CA GLN B 324 19.69 -12.86 -5.05
C GLN B 324 21.15 -12.43 -5.11
N TYR B 325 21.75 -12.59 -6.27
CA TYR B 325 23.14 -12.19 -6.42
C TYR B 325 23.20 -10.76 -6.88
N PHE B 326 22.08 -10.25 -7.39
CA PHE B 326 22.05 -8.88 -7.90
C PHE B 326 20.72 -8.23 -7.56
N SER B 327 20.42 -8.10 -6.27
CA SER B 327 19.16 -7.49 -5.82
C SER B 327 19.06 -6.00 -6.02
N GLY B 328 17.84 -5.48 -6.01
CA GLY B 328 17.64 -4.04 -6.07
C GLY B 328 17.80 -3.47 -7.45
N GLN B 329 17.14 -4.12 -8.40
CA GLN B 329 17.05 -3.72 -9.80
C GLN B 329 18.23 -2.91 -10.39
N ALA B 330 19.41 -3.53 -10.40
CA ALA B 330 20.61 -2.87 -10.90
C ALA B 330 20.65 -2.90 -12.41
N THR B 331 20.66 -1.73 -13.04
CA THR B 331 21.01 -1.65 -14.47
C THR B 331 22.30 -0.85 -14.60
N ASN B 332 22.23 0.42 -14.23
CA ASN B 332 23.39 1.25 -13.92
C ASN B 332 24.08 1.96 -15.07
N GLN B 333 23.24 2.65 -15.85
CA GLN B 333 23.74 3.58 -16.83
C GLN B 333 24.39 4.70 -16.07
N ALA B 334 25.71 4.70 -16.05
CA ALA B 334 26.44 5.67 -15.23
C ALA B 334 26.72 6.99 -15.91
N VAL B 335 27.02 7.97 -15.09
CA VAL B 335 27.32 9.32 -15.53
C VAL B 335 28.49 9.78 -14.65
N THR B 336 29.49 10.43 -15.24
CA THR B 336 30.68 10.82 -14.49
C THR B 336 30.84 12.32 -14.52
N ILE B 337 30.78 12.95 -13.35
CA ILE B 337 31.03 14.39 -13.27
C ILE B 337 32.27 14.72 -12.44
N GLY B 338 32.89 15.85 -12.75
CA GLY B 338 33.95 16.37 -11.92
C GLY B 338 35.34 15.96 -12.36
N GLY B 339 36.24 15.84 -11.41
CA GLY B 339 37.63 15.47 -11.69
C GLY B 339 38.46 16.56 -12.34
N CYS B 340 39.57 16.15 -12.94
CA CYS B 340 40.50 17.10 -13.50
C CYS B 340 40.78 16.81 -14.97
N ASP B 341 41.75 17.52 -15.54
CA ASP B 341 42.16 17.23 -16.91
C ASP B 341 43.47 16.44 -17.03
N ILE B 342 43.98 16.31 -18.25
CA ILE B 342 45.24 15.59 -18.49
C ILE B 342 46.50 16.33 -17.99
N TYR B 343 46.31 17.46 -17.32
CA TYR B 343 47.43 18.19 -16.78
C TYR B 343 47.37 18.23 -15.26
N GLY B 344 46.26 17.77 -14.69
CA GLY B 344 46.10 17.86 -13.25
C GLY B 344 45.24 19.03 -12.81
N ASN B 345 45.15 20.07 -13.66
CA ASN B 345 44.25 21.21 -13.43
C ASN B 345 42.81 20.78 -13.26
N ASP B 346 42.11 21.42 -12.31
CA ASP B 346 40.71 21.12 -12.03
C ASP B 346 39.82 21.43 -13.23
N ALA B 347 38.94 20.49 -13.57
CA ALA B 347 38.12 20.66 -14.77
C ALA B 347 36.63 20.78 -14.46
N THR B 348 36.34 21.31 -13.28
CA THR B 348 34.96 21.56 -12.86
C THR B 348 34.40 22.82 -13.53
N ASN B 349 33.25 22.68 -14.19
CA ASN B 349 32.63 23.80 -14.83
C ASN B 349 31.25 24.03 -14.26
N GLU B 350 30.50 24.95 -14.85
CA GLU B 350 29.16 25.24 -14.38
C GLU B 350 28.22 24.05 -14.53
N LEU B 351 28.56 23.18 -15.46
CA LEU B 351 27.70 22.09 -15.83
C LEU B 351 27.79 20.93 -14.84
N THR B 352 28.92 20.79 -14.16
CA THR B 352 29.01 19.73 -13.13
C THR B 352 28.22 20.13 -11.88
N TYR B 353 28.25 21.44 -11.60
CA TYR B 353 27.44 22.05 -10.55
C TYR B 353 25.98 21.87 -10.88
N LEU B 354 25.65 22.02 -12.16
CA LEU B 354 24.31 21.85 -12.64
C LEU B 354 23.83 20.44 -12.47
N MET B 355 24.65 19.46 -12.83
CA MET B 355 24.27 18.04 -12.79
C MET B 355 24.11 17.51 -11.38
N LEU B 356 24.81 18.15 -10.45
CA LEU B 356 24.63 17.91 -9.04
C LEU B 356 23.23 18.36 -8.61
N GLU B 357 22.89 19.59 -8.99
CA GLU B 357 21.56 20.15 -8.68
C GLU B 357 20.42 19.23 -9.14
N VAL B 358 20.49 18.72 -10.38
CA VAL B 358 19.48 17.81 -10.90
C VAL B 358 19.45 16.44 -10.22
N THR B 359 20.62 15.95 -9.83
CA THR B 359 20.72 14.68 -9.09
C THR B 359 20.03 14.81 -7.73
N ASP B 360 20.25 15.96 -7.09
CA ASP B 360 19.77 16.21 -5.74
C ASP B 360 18.30 16.52 -5.74
N ARG B 361 17.86 17.16 -6.81
CA ARG B 361 16.45 17.44 -7.00
C ARG B 361 15.68 16.15 -7.33
N LEU B 362 16.32 15.26 -8.08
CA LEU B 362 15.60 14.07 -8.56
C LEU B 362 15.49 12.94 -7.53
N ARG B 363 16.63 12.45 -7.05
CA ARG B 363 16.66 11.33 -6.09
C ARG B 363 15.95 10.09 -6.58
N LEU B 364 16.08 9.82 -7.88
CA LEU B 364 15.56 8.59 -8.46
C LEU B 364 16.68 7.59 -8.44
N ARG B 365 16.32 6.31 -8.62
CA ARG B 365 17.29 5.23 -8.55
C ARG B 365 18.35 5.29 -9.66
N GLN B 366 18.07 6.02 -10.74
CA GLN B 366 18.99 6.03 -11.86
C GLN B 366 19.05 7.26 -12.70
N PRO B 367 20.22 7.86 -12.75
CA PRO B 367 21.42 7.40 -13.42
C PRO B 367 22.32 7.07 -12.21
N ASN B 368 23.26 6.14 -12.34
CA ASN B 368 24.25 6.04 -11.25
C ASN B 368 25.18 7.23 -11.39
N VAL B 369 25.03 8.20 -10.52
CA VAL B 369 25.86 9.38 -10.66
C VAL B 369 27.16 9.38 -9.83
N HIS B 370 28.25 9.50 -10.57
CA HIS B 370 29.58 9.31 -10.03
C HIS B 370 30.35 10.62 -10.05
N VAL B 371 30.84 10.99 -8.88
CA VAL B 371 31.55 12.25 -8.76
C VAL B 371 33.02 12.04 -8.51
N ARG B 372 33.84 12.54 -9.43
CA ARG B 372 35.27 12.51 -9.23
C ARG B 372 35.65 13.74 -8.48
N ILE B 373 36.35 13.57 -7.37
CA ILE B 373 36.96 14.71 -6.67
C ILE B 373 38.42 14.44 -6.35
N ASN B 374 39.13 15.50 -6.00
CA ASN B 374 40.54 15.41 -5.58
C ASN B 374 40.94 16.61 -4.73
N LYS B 375 42.22 16.67 -4.37
CA LYS B 375 42.75 17.80 -3.59
C LYS B 375 42.95 19.06 -4.44
N GLY B 376 41.95 19.42 -5.24
CA GLY B 376 42.09 20.54 -6.15
C GLY B 376 40.70 20.96 -6.60
N SER B 377 39.72 20.10 -6.28
CA SER B 377 38.30 20.41 -6.46
C SER B 377 37.96 21.62 -5.62
N PRO B 378 37.17 22.56 -6.19
CA PRO B 378 36.74 23.76 -5.47
C PRO B 378 36.01 23.45 -4.16
N GLU B 379 36.11 24.39 -3.22
CA GLU B 379 35.51 24.24 -1.90
C GLU B 379 33.98 24.32 -1.97
N SER B 380 33.47 25.16 -2.86
CA SER B 380 32.04 25.35 -3.04
C SER B 380 31.36 24.11 -3.62
N PHE B 381 32.11 23.36 -4.42
CA PHE B 381 31.64 22.08 -4.93
C PHE B 381 31.64 21.02 -3.83
N LEU B 382 32.62 21.07 -2.94
CA LEU B 382 32.69 20.11 -1.85
C LEU B 382 31.60 20.37 -0.81
N LYS B 383 31.32 21.66 -0.56
CA LYS B 383 30.17 22.08 0.26
C LYS B 383 28.81 21.64 -0.32
N ARG B 384 28.63 21.87 -1.63
CA ARG B 384 27.40 21.51 -2.32
C ARG B 384 27.20 20.01 -2.34
N LEU B 385 28.30 19.26 -2.42
CA LEU B 385 28.28 17.81 -2.35
C LEU B 385 27.81 17.40 -0.99
N ALA B 386 28.45 17.97 0.02
CA ALA B 386 28.14 17.64 1.40
C ALA B 386 26.72 18.03 1.79
N GLU B 387 26.22 19.16 1.27
CA GLU B 387 24.83 19.55 1.51
C GLU B 387 23.84 18.51 0.98
N ALA B 388 24.12 17.99 -0.22
CA ALA B 388 23.21 17.05 -0.86
C ALA B 388 23.27 15.70 -0.16
N ILE B 389 24.48 15.24 0.14
CA ILE B 389 24.65 13.94 0.77
C ILE B 389 24.06 13.94 2.18
N SER B 390 24.26 15.05 2.90
CA SER B 390 23.76 15.17 4.27
C SER B 390 22.25 15.33 4.32
N SER B 391 21.65 15.94 3.30
CA SER B 391 20.18 16.01 3.25
C SER B 391 19.53 14.69 2.81
N GLY B 392 20.29 13.61 2.92
CA GLY B 392 19.82 12.25 2.70
C GLY B 392 19.45 11.89 1.27
N CYS B 393 20.23 12.30 0.29
CA CYS B 393 19.84 12.05 -1.10
C CYS B 393 20.02 10.60 -1.52
N ASN B 394 21.09 9.97 -1.01
CA ASN B 394 21.42 8.58 -1.26
C ASN B 394 21.49 8.20 -2.75
N ASN B 395 22.11 9.05 -3.56
CA ASN B 395 22.33 8.72 -4.96
C ASN B 395 23.62 9.32 -5.52
N LEU B 396 24.60 9.47 -4.64
CA LEU B 396 25.93 9.94 -4.99
C LEU B 396 26.98 8.85 -4.76
N ALA B 397 28.06 8.89 -5.54
CA ALA B 397 29.25 8.16 -5.13
C ALA B 397 30.48 9.00 -5.42
N LEU B 398 31.50 8.87 -4.60
CA LEU B 398 32.72 9.68 -4.73
C LEU B 398 33.95 8.89 -5.08
N PHE B 399 34.60 9.31 -6.16
CA PHE B 399 35.77 8.64 -6.68
C PHE B 399 36.98 9.56 -6.54
N PHE B 400 37.95 9.12 -5.74
CA PHE B 400 39.08 9.97 -5.45
C PHE B 400 40.15 9.81 -6.50
N ASP B 401 40.39 10.92 -7.22
CA ASP B 401 41.27 10.97 -8.39
C ASP B 401 42.68 10.48 -8.20
N ASP B 402 43.34 10.85 -7.09
CA ASP B 402 44.73 10.46 -6.85
C ASP B 402 44.93 8.92 -6.86
N ALA B 403 43.99 8.19 -6.25
CA ALA B 403 44.13 6.75 -6.06
C ALA B 403 43.71 5.97 -7.29
N ALA B 404 42.73 6.51 -8.01
CA ALA B 404 42.25 5.87 -9.22
C ALA B 404 43.28 5.96 -10.34
N VAL B 405 43.89 7.12 -10.54
CA VAL B 405 44.93 7.24 -11.58
C VAL B 405 46.18 6.45 -11.23
N LYS B 406 46.48 6.28 -9.94
CA LYS B 406 47.58 5.43 -9.51
C LYS B 406 47.39 3.99 -9.98
N ALA B 407 46.16 3.47 -9.82
CA ALA B 407 45.84 2.09 -10.20
C ALA B 407 45.77 1.87 -11.71
N LEU B 408 45.23 2.85 -12.44
CA LEU B 408 45.19 2.74 -13.87
C LEU B 408 46.58 2.86 -14.46
N LYS B 409 47.43 3.73 -13.91
CA LYS B 409 48.82 3.80 -14.36
C LYS B 409 49.61 2.52 -14.07
N ASN B 410 49.34 1.88 -12.94
CA ASN B 410 49.99 0.62 -12.60
C ASN B 410 49.57 -0.52 -13.50
N ALA B 411 48.41 -0.37 -14.14
CA ALA B 411 47.91 -1.30 -15.13
C ALA B 411 48.32 -0.92 -16.56
N GLU B 412 49.38 -0.10 -16.64
CA GLU B 412 50.01 0.41 -17.88
C GLU B 412 49.23 1.38 -18.75
N VAL B 413 48.24 2.06 -18.19
CA VAL B 413 47.49 3.09 -18.91
C VAL B 413 48.33 4.36 -18.98
N ASP B 414 48.27 5.05 -20.11
CA ASP B 414 48.98 6.31 -20.35
C ASP B 414 48.55 7.41 -19.39
N ASP B 415 49.46 8.36 -19.15
CA ASP B 415 49.18 9.54 -18.33
C ASP B 415 47.90 10.27 -18.71
N ARG B 416 47.77 10.56 -20.00
CA ARG B 416 46.62 11.27 -20.52
C ARG B 416 45.36 10.48 -20.32
N ASP B 417 45.43 9.17 -20.53
CA ASP B 417 44.23 8.38 -20.51
C ASP B 417 43.77 8.06 -19.10
N ALA B 418 44.70 8.02 -18.15
CA ALA B 418 44.38 7.70 -16.77
C ALA B 418 43.78 8.89 -16.02
N LEU B 419 44.38 10.07 -16.23
CA LEU B 419 43.93 11.33 -15.66
C LEU B 419 42.54 11.68 -16.19
N ASN B 420 42.26 11.23 -17.42
CA ASN B 420 40.97 11.46 -18.04
C ASN B 420 40.02 10.26 -17.86
N TYR B 421 40.14 9.53 -16.75
CA TYR B 421 39.36 8.32 -16.60
C TYR B 421 37.87 8.56 -16.50
N THR B 422 37.10 7.56 -16.87
CA THR B 422 35.67 7.60 -16.65
C THR B 422 35.34 6.50 -15.69
N THR B 423 34.10 6.48 -15.24
CA THR B 423 33.63 5.36 -14.48
C THR B 423 32.53 4.67 -15.29
N ASP B 424 32.13 3.48 -14.87
CA ASP B 424 30.92 2.85 -15.36
C ASP B 424 30.43 1.84 -14.35
N GLY B 425 29.14 1.56 -14.43
CA GLY B 425 28.49 0.53 -13.63
C GLY B 425 28.23 0.93 -12.20
N CYS B 426 28.91 0.24 -11.30
CA CYS B 426 28.88 0.59 -9.90
C CYS B 426 30.08 1.44 -9.57
N VAL B 427 31.25 0.81 -9.49
CA VAL B 427 32.44 1.53 -9.02
C VAL B 427 33.67 1.41 -9.95
N GLU B 428 33.45 1.02 -11.19
CA GLU B 428 34.56 0.67 -12.08
C GLU B 428 35.16 1.84 -12.83
N ILE B 429 36.49 1.84 -12.94
CA ILE B 429 37.17 2.91 -13.64
C ILE B 429 37.80 2.38 -14.92
N ALA B 430 37.96 3.26 -15.90
CA ALA B 430 38.41 2.85 -17.22
C ALA B 430 39.01 4.08 -17.86
N PRO B 431 39.95 3.90 -18.81
CA PRO B 431 40.30 5.04 -19.66
C PRO B 431 39.09 5.40 -20.55
N PHE B 432 38.81 6.69 -20.70
CA PHE B 432 37.54 7.12 -21.26
C PHE B 432 37.51 7.02 -22.77
N GLY B 433 36.69 6.10 -23.27
CA GLY B 433 36.31 6.13 -24.67
C GLY B 433 37.11 5.27 -25.63
N ASN B 434 38.28 4.81 -25.19
CA ASN B 434 39.13 3.93 -25.99
C ASN B 434 39.46 2.63 -25.27
N SER B 435 38.56 2.19 -24.41
CA SER B 435 38.83 0.95 -23.74
C SER B 435 37.59 0.10 -23.70
N PHE B 436 37.80 -1.19 -23.46
CA PHE B 436 36.75 -2.13 -23.27
C PHE B 436 37.28 -2.95 -22.11
N THR B 437 36.59 -2.91 -20.97
CA THR B 437 37.14 -3.51 -19.77
C THR B 437 36.30 -4.63 -19.21
N SER B 438 35.15 -4.90 -19.84
CA SER B 438 34.18 -5.93 -19.42
C SER B 438 34.07 -5.96 -17.90
N SER B 439 33.72 -4.81 -17.32
CA SER B 439 34.11 -4.50 -15.95
C SER B 439 33.44 -5.27 -14.81
N ASP B 440 32.35 -5.97 -15.09
CA ASP B 440 31.83 -6.95 -14.13
C ASP B 440 31.83 -8.34 -14.75
N ALA B 441 32.97 -8.77 -15.28
CA ALA B 441 33.07 -10.06 -15.96
C ALA B 441 32.93 -11.22 -15.02
N ALA B 442 33.55 -11.12 -13.85
CA ALA B 442 33.32 -12.11 -12.82
C ALA B 442 33.33 -11.57 -11.40
N LEU B 443 32.84 -12.42 -10.50
CA LEU B 443 32.76 -12.15 -9.09
C LEU B 443 33.15 -13.44 -8.37
N ILE B 444 34.29 -13.41 -7.69
CA ILE B 444 34.87 -14.58 -7.05
C ILE B 444 34.72 -14.54 -5.52
N ASN B 445 34.27 -15.66 -4.94
CA ASN B 445 34.10 -15.83 -3.50
C ASN B 445 35.44 -16.21 -2.87
N VAL B 446 36.19 -15.21 -2.41
CA VAL B 446 37.51 -15.45 -1.79
C VAL B 446 37.36 -16.17 -0.44
N ALA B 447 36.14 -16.14 0.13
CA ALA B 447 35.89 -16.87 1.38
C ALA B 447 35.90 -18.35 1.10
N LYS B 448 35.38 -18.74 -0.06
CA LYS B 448 35.46 -20.12 -0.52
C LYS B 448 36.91 -20.60 -0.68
N ALA B 449 37.82 -19.67 -0.94
CA ALA B 449 39.23 -20.03 -1.05
C ALA B 449 39.86 -20.32 0.30
N LEU B 450 39.27 -19.79 1.37
CA LEU B 450 39.73 -20.13 2.72
C LEU B 450 39.11 -21.45 3.14
N GLU B 451 37.84 -21.60 2.80
CA GLU B 451 37.11 -22.81 3.10
C GLU B 451 37.80 -24.00 2.45
N TYR B 452 38.28 -23.84 1.21
CA TYR B 452 39.04 -24.90 0.54
C TYR B 452 40.42 -25.08 1.20
N ALA B 453 41.01 -23.98 1.67
CA ALA B 453 42.36 -23.98 2.23
C ALA B 453 42.45 -24.84 3.48
N LEU B 454 41.48 -24.71 4.37
CA LEU B 454 41.49 -25.56 5.55
C LEU B 454 40.83 -26.93 5.39
N ASN B 455 40.18 -27.17 4.25
CA ASN B 455 39.56 -28.48 4.03
C ASN B 455 40.04 -29.22 2.78
N GLU B 456 41.33 -29.10 2.51
CA GLU B 456 42.01 -29.87 1.45
C GLU B 456 41.36 -29.80 0.07
N GLY B 457 40.90 -28.61 -0.32
CA GLY B 457 40.28 -28.39 -1.62
C GLY B 457 38.82 -28.82 -1.72
N VAL B 458 38.26 -29.30 -0.61
CA VAL B 458 36.87 -29.73 -0.62
C VAL B 458 35.99 -28.72 0.10
N ASP B 459 34.81 -28.47 -0.46
CA ASP B 459 33.79 -27.64 0.17
C ASP B 459 33.43 -28.22 1.53
N LEU B 460 33.37 -27.33 2.53
CA LEU B 460 33.22 -27.70 3.93
C LEU B 460 31.87 -28.29 4.28
N GLN B 461 30.84 -27.95 3.51
CA GLN B 461 29.55 -28.57 3.75
C GLN B 461 28.96 -29.36 2.58
N PHE B 462 29.25 -28.91 1.37
CA PHE B 462 28.61 -29.53 0.21
C PHE B 462 29.48 -30.54 -0.52
N GLY B 463 30.68 -30.80 -0.02
CA GLY B 463 31.52 -31.88 -0.54
C GLY B 463 32.09 -31.72 -1.95
N TYR B 464 31.97 -30.53 -2.53
CA TYR B 464 32.51 -30.24 -3.84
C TYR B 464 34.03 -30.25 -3.83
N GLU B 465 34.63 -31.12 -4.65
CA GLU B 465 36.07 -31.10 -4.86
C GLU B 465 36.43 -30.11 -5.97
N PHE B 466 36.44 -28.82 -5.66
CA PHE B 466 36.68 -27.81 -6.69
C PHE B 466 38.02 -27.11 -6.48
N GLY B 467 38.68 -27.41 -5.37
CA GLY B 467 39.80 -26.59 -4.96
C GLY B 467 41.13 -27.23 -5.27
N ALA B 468 42.20 -26.55 -4.93
CA ALA B 468 43.54 -27.09 -5.12
C ALA B 468 43.77 -28.22 -4.13
N LYS B 469 44.63 -29.17 -4.50
CA LYS B 469 44.86 -30.37 -3.70
C LYS B 469 45.87 -30.13 -2.59
N THR B 470 45.55 -29.19 -1.70
CA THR B 470 46.42 -28.82 -0.58
C THR B 470 46.27 -29.86 0.51
N GLU B 471 47.29 -29.99 1.35
CA GLU B 471 47.21 -30.93 2.46
C GLU B 471 46.36 -30.37 3.60
N LYS B 472 46.18 -31.17 4.65
CA LYS B 472 45.54 -30.72 5.89
C LYS B 472 46.47 -29.69 6.56
N PRO B 473 45.93 -28.54 7.00
CA PRO B 473 46.82 -27.54 7.60
C PRO B 473 47.10 -27.78 9.08
N LYS B 474 48.24 -27.30 9.58
CA LYS B 474 48.64 -27.55 10.96
C LYS B 474 48.88 -26.26 11.76
N PHE B 475 49.59 -25.31 11.15
CA PHE B 475 49.92 -24.06 11.81
C PHE B 475 49.42 -22.89 10.94
N LEU B 476 49.49 -21.67 11.45
CA LEU B 476 48.92 -20.50 10.76
C LEU B 476 49.72 -20.11 9.52
N GLU B 477 51.03 -20.22 9.63
CA GLU B 477 51.95 -19.82 8.57
C GLU B 477 51.84 -20.68 7.31
N ASP B 478 51.76 -22.00 7.49
CA ASP B 478 51.55 -22.92 6.38
C ASP B 478 50.10 -22.93 5.90
N LEU B 479 49.19 -22.39 6.70
CA LEU B 479 47.81 -22.24 6.24
C LEU B 479 47.75 -21.09 5.26
N LEU B 480 48.56 -20.05 5.49
CA LEU B 480 48.61 -18.88 4.62
C LEU B 480 49.09 -19.26 3.22
N GLU B 481 50.07 -20.17 3.16
CA GLU B 481 50.57 -20.74 1.90
C GLU B 481 49.48 -21.50 1.17
N LYS B 482 48.70 -22.24 1.92
CA LYS B 482 47.57 -22.98 1.37
C LYS B 482 46.46 -22.02 0.91
N LEU B 483 46.23 -20.94 1.64
CA LEU B 483 45.19 -19.97 1.26
C LEU B 483 45.53 -19.28 -0.05
N ARG B 484 46.78 -18.81 -0.13
CA ARG B 484 47.32 -18.13 -1.30
C ARG B 484 47.26 -18.98 -2.55
N GLU B 485 47.61 -20.25 -2.40
CA GLU B 485 47.59 -21.20 -3.49
C GLU B 485 46.16 -21.52 -3.92
N GLN B 486 45.23 -21.48 -2.97
CA GLN B 486 43.82 -21.61 -3.30
C GLN B 486 43.18 -20.38 -3.98
N VAL B 487 43.69 -19.18 -3.71
CA VAL B 487 43.16 -18.00 -4.40
C VAL B 487 43.68 -18.00 -5.83
N SER B 488 44.95 -18.36 -5.97
CA SER B 488 45.60 -18.60 -7.26
C SER B 488 44.86 -19.64 -8.11
N HIS B 489 44.44 -20.74 -7.48
CA HIS B 489 43.74 -21.82 -8.18
C HIS B 489 42.32 -21.41 -8.63
N ILE B 490 41.66 -20.62 -7.80
CA ILE B 490 40.30 -20.21 -8.10
C ILE B 490 40.27 -19.10 -9.14
N VAL B 491 41.20 -18.14 -9.03
CA VAL B 491 41.39 -17.10 -10.06
C VAL B 491 41.67 -17.72 -11.43
N LYS B 492 42.58 -18.70 -11.49
CA LYS B 492 42.82 -19.52 -12.70
C LYS B 492 41.54 -20.08 -13.33
N LEU B 493 40.69 -20.70 -12.50
CA LEU B 493 39.36 -21.15 -12.93
C LEU B 493 38.54 -20.04 -13.60
N VAL B 494 38.54 -18.84 -13.04
CA VAL B 494 37.74 -17.79 -13.69
C VAL B 494 38.41 -17.12 -14.91
N VAL B 495 39.73 -16.94 -14.94
CA VAL B 495 40.35 -16.38 -16.15
C VAL B 495 40.18 -17.33 -17.35
N ARG B 496 40.10 -18.63 -17.08
CA ARG B 496 39.89 -19.62 -18.10
C ARG B 496 38.49 -19.58 -18.66
N GLY B 497 37.49 -19.47 -17.78
CA GLY B 497 36.11 -19.39 -18.24
C GLY B 497 35.75 -18.02 -18.77
N SER B 498 36.55 -17.01 -18.46
CA SER B 498 36.22 -15.67 -18.90
C SER B 498 36.75 -15.48 -20.30
N ASN B 499 37.86 -16.15 -20.55
CA ASN B 499 38.44 -16.11 -21.86
C ASN B 499 37.64 -16.93 -22.87
N VAL B 500 37.25 -18.14 -22.49
CA VAL B 500 36.32 -18.94 -23.30
C VAL B 500 35.00 -18.19 -23.57
N LEU B 501 34.47 -17.51 -22.56
CA LEU B 501 33.27 -16.70 -22.75
C LEU B 501 33.48 -15.48 -23.66
N SER B 502 34.71 -14.97 -23.71
CA SER B 502 35.03 -13.81 -24.53
C SER B 502 35.17 -14.18 -26.00
N TYR B 503 35.79 -15.33 -26.25
CA TYR B 503 35.81 -15.96 -27.57
C TYR B 503 34.37 -16.20 -28.00
N ALA B 504 33.59 -16.84 -27.13
CA ALA B 504 32.18 -17.09 -27.39
C ALA B 504 31.47 -15.83 -27.82
N ASN B 505 31.74 -14.76 -27.10
CA ASN B 505 31.13 -13.48 -27.40
C ASN B 505 31.57 -12.94 -28.76
N ALA B 506 32.83 -13.17 -29.11
CA ALA B 506 33.35 -12.68 -30.38
C ALA B 506 32.71 -13.43 -31.55
N GLU B 507 32.46 -14.71 -31.35
CA GLU B 507 31.89 -15.53 -32.40
C GLU B 507 30.38 -15.41 -32.60
N VAL B 508 29.61 -15.46 -31.51
CA VAL B 508 28.15 -15.43 -31.69
C VAL B 508 27.49 -14.09 -31.41
N LYS B 509 28.22 -13.17 -30.83
CA LYS B 509 27.59 -11.93 -30.43
C LYS B 509 28.51 -10.73 -30.67
N PRO B 510 28.82 -10.42 -31.94
CA PRO B 510 29.54 -9.18 -32.07
C PRO B 510 28.58 -7.99 -32.00
N THR B 511 29.13 -6.83 -31.71
CA THR B 511 28.31 -5.67 -31.42
C THR B 511 28.79 -4.45 -32.20
N PRO B 512 28.38 -4.36 -33.48
CA PRO B 512 28.88 -3.37 -34.44
C PRO B 512 28.48 -1.91 -34.17
N LEU B 513 27.44 -1.67 -33.39
CA LEU B 513 27.08 -0.30 -33.05
C LEU B 513 27.94 0.17 -31.90
N LEU B 514 28.13 -0.71 -30.92
CA LEU B 514 29.03 -0.45 -29.80
C LEU B 514 30.45 -0.17 -30.30
N SER B 515 30.84 -0.93 -31.32
CA SER B 515 32.15 -0.85 -31.92
C SER B 515 32.38 0.49 -32.53
N LEU B 516 31.33 1.11 -33.05
CA LEU B 516 31.44 2.49 -33.56
C LEU B 516 31.77 3.51 -32.46
N CYS B 517 31.41 3.17 -31.22
CA CYS B 517 31.57 4.06 -30.08
C CYS B 517 32.76 3.78 -29.19
N VAL B 518 33.58 2.80 -29.55
CA VAL B 518 34.73 2.49 -28.71
C VAL B 518 35.92 2.62 -29.62
N GLU B 519 36.90 3.42 -29.21
CA GLU B 519 37.93 3.81 -30.14
C GLU B 519 39.00 2.81 -30.50
N ASP B 520 39.47 3.06 -31.74
CA ASP B 520 40.27 2.22 -32.61
C ASP B 520 39.44 1.18 -33.38
N CYS B 521 38.32 0.72 -32.81
CA CYS B 521 37.48 -0.30 -33.49
C CYS B 521 37.08 0.02 -34.91
N PHE B 522 36.37 1.13 -35.07
CA PHE B 522 35.95 1.53 -36.39
C PHE B 522 37.16 1.74 -37.27
N GLU B 523 38.15 2.48 -36.78
CA GLU B 523 39.32 2.79 -37.60
C GLU B 523 40.12 1.56 -38.04
N LYS B 524 40.11 0.50 -37.23
CA LYS B 524 40.87 -0.71 -37.52
C LYS B 524 40.00 -1.79 -38.18
N GLY B 525 38.70 -1.52 -38.29
CA GLY B 525 37.81 -2.48 -38.90
C GLY B 525 37.68 -3.78 -38.13
N VAL B 526 37.80 -3.73 -36.81
CA VAL B 526 37.68 -4.92 -35.96
C VAL B 526 36.72 -4.71 -34.78
N ASP B 527 35.75 -5.63 -34.62
CA ASP B 527 34.72 -5.49 -33.59
C ASP B 527 35.29 -5.30 -32.19
N VAL B 528 34.51 -4.66 -31.33
CA VAL B 528 34.92 -4.45 -29.97
C VAL B 528 34.99 -5.77 -29.22
N SER B 529 34.31 -6.80 -29.72
CA SER B 529 34.29 -8.08 -29.03
C SER B 529 35.49 -8.89 -29.45
N ARG B 530 36.04 -8.54 -30.60
CA ARG B 530 37.17 -9.23 -31.18
C ARG B 530 38.48 -8.56 -30.67
N GLY B 531 38.35 -7.44 -29.97
CA GLY B 531 39.50 -6.82 -29.33
C GLY B 531 39.96 -5.51 -29.91
N GLY B 532 39.06 -4.78 -30.56
CA GLY B 532 39.42 -3.55 -31.28
C GLY B 532 39.62 -2.25 -30.50
N ALA B 533 39.62 -2.31 -29.16
CA ALA B 533 39.83 -1.09 -28.36
C ALA B 533 41.33 -0.88 -28.17
N ARG B 534 41.77 0.36 -27.94
CA ARG B 534 43.17 0.63 -27.55
C ARG B 534 43.56 -0.18 -26.32
N TYR B 535 42.75 -0.06 -25.26
CA TYR B 535 42.93 -0.83 -24.03
C TYR B 535 41.88 -1.91 -23.90
N ASN B 536 42.33 -3.13 -23.61
CA ASN B 536 41.44 -4.26 -23.41
C ASN B 536 41.73 -4.87 -22.06
N PHE B 537 40.74 -4.86 -21.19
CA PHE B 537 40.93 -5.41 -19.87
C PHE B 537 39.77 -6.33 -19.58
N THR B 538 39.87 -7.09 -18.51
CA THR B 538 38.73 -7.87 -18.04
C THR B 538 38.66 -7.84 -16.52
N GLY B 539 37.65 -7.11 -16.01
CA GLY B 539 37.46 -6.90 -14.59
C GLY B 539 36.80 -8.03 -13.82
N ILE B 540 37.54 -8.63 -12.91
CA ILE B 540 37.01 -9.68 -12.03
C ILE B 540 37.16 -9.29 -10.55
N GLN B 541 36.17 -9.67 -9.75
CA GLN B 541 35.99 -9.10 -8.41
C GLN B 541 36.20 -10.04 -7.25
N ALA B 542 36.95 -9.54 -6.26
CA ALA B 542 37.09 -10.22 -4.98
C ALA B 542 35.85 -9.89 -4.18
N VAL B 543 35.18 -10.91 -3.67
CA VAL B 543 34.10 -10.65 -2.74
C VAL B 543 34.30 -11.49 -1.48
N GLY B 544 34.31 -10.79 -0.34
CA GLY B 544 34.47 -11.44 0.95
C GLY B 544 35.86 -11.36 1.55
N ILE B 545 36.66 -10.39 1.11
CA ILE B 545 38.06 -10.25 1.57
C ILE B 545 38.23 -10.17 3.09
N ALA B 546 37.44 -9.33 3.73
CA ALA B 546 37.50 -9.16 5.17
C ALA B 546 37.03 -10.40 5.94
N ASP B 547 36.12 -11.19 5.39
CA ASP B 547 35.74 -12.46 6.03
C ASP B 547 36.93 -13.40 6.22
N VAL B 548 37.76 -13.54 5.19
CA VAL B 548 38.97 -14.35 5.30
C VAL B 548 40.09 -13.63 6.07
N GLY B 549 40.15 -12.31 5.97
CA GLY B 549 41.08 -11.52 6.80
C GLY B 549 40.80 -11.67 8.30
N ASP B 550 39.53 -11.52 8.68
CA ASP B 550 39.08 -11.66 10.07
C ASP B 550 39.13 -13.10 10.58
N SER B 551 39.16 -14.06 9.66
CA SER B 551 39.29 -15.43 10.06
C SER B 551 40.69 -15.73 10.52
N LEU B 552 41.67 -15.00 9.96
CA LEU B 552 43.09 -15.28 10.22
C LEU B 552 43.59 -14.71 11.54
N VAL B 553 43.09 -13.55 11.96
CA VAL B 553 43.34 -13.01 13.30
C VAL B 553 42.74 -13.90 14.36
N ALA B 554 41.53 -14.37 14.06
CA ALA B 554 40.82 -15.24 14.97
C ALA B 554 41.49 -16.62 15.04
N ILE B 555 42.12 -17.06 13.95
CA ILE B 555 42.91 -18.30 14.01
C ILE B 555 44.16 -18.06 14.88
N GLU B 556 44.87 -16.97 14.61
CA GLU B 556 46.08 -16.58 15.36
C GLU B 556 45.81 -16.54 16.86
N GLY B 557 44.70 -15.92 17.23
CA GLY B 557 44.21 -15.91 18.60
C GLY B 557 43.98 -17.31 19.15
N ALA B 558 43.21 -18.11 18.44
CA ALA B 558 42.79 -19.42 18.94
C ALA B 558 43.93 -20.41 19.12
N LEU B 559 44.94 -20.32 18.26
CA LEU B 559 46.13 -21.18 18.42
C LEU B 559 46.98 -20.74 19.60
N ASN B 560 47.06 -19.42 19.86
CA ASN B 560 47.83 -18.88 21.00
C ASN B 560 47.20 -19.26 22.34
N ALA B 561 45.87 -19.29 22.35
CA ALA B 561 45.10 -19.69 23.52
C ALA B 561 44.96 -21.22 23.64
N GLY B 562 45.86 -21.96 23.00
CA GLY B 562 45.90 -23.41 23.17
C GLY B 562 45.38 -24.27 22.03
N TYR B 563 44.28 -23.86 21.38
CA TYR B 563 43.54 -24.69 20.39
C TYR B 563 44.37 -25.22 19.21
N SER B 564 44.02 -26.40 18.72
CA SER B 564 44.72 -26.98 17.56
C SER B 564 44.03 -26.54 16.27
N MET B 565 44.67 -26.78 15.13
CA MET B 565 44.13 -26.35 13.85
C MET B 565 42.90 -27.18 13.43
N ASP B 566 42.87 -28.45 13.83
CA ASP B 566 41.71 -29.31 13.54
C ASP B 566 40.50 -28.91 14.38
N ASP B 567 40.75 -28.26 15.51
CA ASP B 567 39.69 -27.73 16.36
C ASP B 567 38.90 -26.65 15.64
N ILE B 568 39.62 -25.78 14.93
CA ILE B 568 39.00 -24.70 14.19
C ILE B 568 38.14 -25.23 13.04
N VAL B 569 38.65 -26.21 12.31
CA VAL B 569 37.94 -26.72 11.12
C VAL B 569 36.70 -27.53 11.46
N GLU B 570 36.68 -28.16 12.63
CA GLU B 570 35.56 -28.99 12.99
C GLU B 570 34.50 -28.10 13.61
N ALA B 571 34.94 -27.01 14.21
CA ALA B 571 34.04 -25.96 14.67
C ALA B 571 33.34 -25.35 13.48
N CYS B 572 34.12 -25.17 12.42
CA CYS B 572 33.64 -24.62 11.16
C CYS B 572 32.68 -25.58 10.48
N ARG B 573 33.00 -26.88 10.51
CA ARG B 573 32.18 -27.90 9.87
C ARG B 573 30.88 -28.15 10.63
N LYS B 574 30.95 -28.14 11.96
CA LYS B 574 29.76 -28.41 12.77
C LYS B 574 28.86 -27.19 12.99
N ASN B 575 29.23 -26.05 12.38
CA ASN B 575 28.52 -24.77 12.48
C ASN B 575 28.51 -24.23 13.93
N PHE B 576 29.65 -24.40 14.58
CA PHE B 576 29.90 -24.02 16.00
C PHE B 576 29.05 -24.74 17.07
N VAL B 577 28.49 -25.89 16.71
CA VAL B 577 27.70 -26.68 17.64
C VAL B 577 28.59 -27.72 18.32
N GLY B 578 28.77 -27.54 19.63
CA GLY B 578 29.68 -28.38 20.40
C GLY B 578 30.96 -27.64 20.70
N TYR B 579 31.13 -26.48 20.05
CA TYR B 579 32.34 -25.68 20.12
C TYR B 579 31.96 -24.25 20.45
N GLU B 580 31.12 -24.10 21.45
CA GLU B 580 30.49 -22.82 21.74
C GLU B 580 31.40 -21.87 22.48
N LYS B 581 32.42 -22.40 23.14
CA LYS B 581 33.34 -21.56 23.90
C LYS B 581 34.39 -20.96 22.96
N LEU B 582 34.85 -21.77 22.02
CA LEU B 582 35.79 -21.35 20.98
C LEU B 582 35.18 -20.27 20.10
N HIS B 583 33.91 -20.45 19.75
CA HIS B 583 33.13 -19.50 18.96
C HIS B 583 33.07 -18.10 19.59
N LYS B 584 33.03 -18.06 20.91
CA LYS B 584 33.02 -16.83 21.69
C LYS B 584 34.38 -16.15 21.58
N LEU B 585 35.44 -16.94 21.61
CA LEU B 585 36.80 -16.42 21.47
C LEU B 585 37.03 -15.85 20.08
N LEU B 586 36.50 -16.53 19.06
CA LEU B 586 36.63 -16.11 17.67
C LEU B 586 35.79 -14.87 17.37
N LEU B 587 34.60 -14.79 17.98
CA LEU B 587 33.76 -13.61 17.81
C LEU B 587 34.34 -12.38 18.52
N GLN B 588 35.00 -12.62 19.65
CA GLN B 588 35.59 -11.55 20.46
C GLN B 588 36.82 -10.91 19.78
N SER B 589 37.49 -11.69 18.91
CA SER B 589 38.75 -11.37 18.22
C SER B 589 38.76 -10.05 17.45
N PRO B 590 39.96 -9.46 17.20
CA PRO B 590 39.95 -8.22 16.41
C PRO B 590 39.36 -8.37 15.01
N LYS B 591 38.69 -7.31 14.55
CA LYS B 591 38.05 -7.30 13.24
C LYS B 591 38.53 -6.12 12.38
N TYR B 592 38.33 -6.25 11.08
CA TYR B 592 38.65 -5.19 10.15
C TYR B 592 37.59 -4.10 10.29
N GLY B 593 37.97 -2.84 10.12
CA GLY B 593 37.00 -1.75 10.23
C GLY B 593 37.16 -0.94 11.51
N ASN B 594 38.14 -1.31 12.32
CA ASN B 594 38.30 -0.70 13.63
C ASN B 594 39.66 -0.04 13.84
N ASP B 595 40.31 0.37 12.75
CA ASP B 595 41.67 0.95 12.77
C ASP B 595 42.69 0.13 13.56
N ASP B 596 42.47 -1.19 13.60
CA ASP B 596 43.31 -2.10 14.36
C ASP B 596 44.18 -2.91 13.41
N ASP B 597 45.48 -2.55 13.35
CA ASP B 597 46.45 -3.16 12.46
C ASP B 597 46.56 -4.66 12.57
N ALA B 598 46.26 -5.20 13.74
CA ALA B 598 46.32 -6.62 14.03
C ALA B 598 45.37 -7.38 13.13
N ALA B 599 44.24 -6.76 12.80
CA ALA B 599 43.21 -7.36 11.95
C ALA B 599 43.28 -6.81 10.53
N ASP B 600 43.53 -5.51 10.44
CA ASP B 600 43.66 -4.82 9.17
C ASP B 600 44.75 -5.40 8.25
N LYS B 601 45.90 -5.81 8.80
CA LYS B 601 47.02 -6.29 7.96
C LYS B 601 46.69 -7.57 7.16
N TYR B 602 45.73 -8.35 7.65
CA TYR B 602 45.35 -9.60 7.01
C TYR B 602 44.46 -9.38 5.78
N THR B 603 43.39 -8.61 5.97
CA THR B 603 42.49 -8.22 4.89
C THR B 603 43.26 -7.52 3.77
N LYS B 604 44.19 -6.63 4.14
CA LYS B 604 45.07 -5.98 3.18
C LYS B 604 45.92 -6.96 2.38
N MET B 605 46.40 -8.02 3.05
CA MET B 605 47.25 -9.02 2.43
C MET B 605 46.46 -9.92 1.49
N VAL B 606 45.28 -10.34 1.94
CA VAL B 606 44.37 -11.13 1.11
C VAL B 606 43.96 -10.39 -0.17
N LEU B 607 43.53 -9.14 -0.05
CA LEU B 607 43.22 -8.33 -1.23
C LEU B 607 44.45 -8.13 -2.14
N GLU B 608 45.63 -7.89 -1.57
CA GLU B 608 46.88 -7.79 -2.35
C GLU B 608 47.21 -9.05 -3.14
N TRP B 609 47.06 -10.19 -2.47
CA TRP B 609 47.31 -11.52 -3.04
C TRP B 609 46.39 -11.75 -4.22
N TYR B 610 45.14 -11.40 -4.01
CA TYR B 610 44.13 -11.48 -5.03
C TYR B 610 44.52 -10.61 -6.20
N CYS B 611 44.94 -9.38 -5.92
CA CYS B 611 45.27 -8.42 -6.96
C CYS B 611 46.39 -8.83 -7.87
N GLU B 612 47.45 -9.40 -7.30
CA GLU B 612 48.61 -9.83 -8.09
C GLU B 612 48.33 -11.15 -8.84
N GLU B 613 47.47 -11.96 -8.27
CA GLU B 613 47.04 -13.18 -8.94
C GLU B 613 46.19 -12.87 -10.14
N VAL B 614 45.44 -11.78 -10.07
CA VAL B 614 44.54 -11.41 -11.14
C VAL B 614 45.26 -10.62 -12.22
N ASN B 615 46.13 -9.71 -11.83
CA ASN B 615 46.62 -8.73 -12.77
C ASN B 615 47.67 -9.21 -13.74
N ARG B 616 48.14 -10.44 -13.56
CA ARG B 616 49.19 -10.97 -14.44
C ARG B 616 48.68 -11.77 -15.64
N HIS B 617 47.39 -12.12 -15.64
CA HIS B 617 46.77 -12.95 -16.67
C HIS B 617 46.37 -12.25 -17.96
N ARG B 618 46.80 -12.81 -19.11
CA ARG B 618 46.44 -12.29 -20.44
C ARG B 618 45.01 -12.69 -20.80
N ASN B 619 44.27 -11.79 -21.45
CA ASN B 619 42.93 -12.15 -21.89
C ASN B 619 42.80 -12.38 -23.39
N PHE B 620 41.64 -12.91 -23.80
CA PHE B 620 41.36 -13.23 -25.18
C PHE B 620 41.44 -12.01 -26.10
N ARG B 621 41.03 -10.85 -25.60
CA ARG B 621 41.05 -9.63 -26.39
C ARG B 621 42.40 -8.88 -26.45
N GLY B 622 43.50 -9.54 -26.12
CA GLY B 622 44.82 -8.98 -26.38
C GLY B 622 45.39 -8.08 -25.29
N GLY B 623 44.70 -8.00 -24.16
CA GLY B 623 45.16 -7.21 -23.02
C GLY B 623 45.23 -8.05 -21.75
N LYS B 624 44.93 -7.45 -20.60
CA LYS B 624 45.12 -8.16 -19.33
C LYS B 624 43.88 -8.20 -18.46
N PHE B 625 43.89 -9.04 -17.42
CA PHE B 625 42.82 -9.01 -16.42
C PHE B 625 43.06 -7.92 -15.37
N ALA B 626 41.99 -7.50 -14.70
CA ALA B 626 42.04 -6.38 -13.73
C ALA B 626 41.23 -6.69 -12.47
N ALA B 627 41.87 -6.52 -11.31
CA ALA B 627 41.24 -6.82 -10.03
C ALA B 627 40.34 -5.68 -9.59
N GLY B 628 39.10 -6.01 -9.26
CA GLY B 628 38.21 -5.07 -8.64
C GLY B 628 37.79 -5.65 -7.32
N CYS B 629 37.14 -4.83 -6.50
CA CYS B 629 36.58 -5.32 -5.26
C CYS B 629 35.24 -4.67 -4.92
N TYR B 630 34.16 -5.26 -5.43
CA TYR B 630 32.79 -4.82 -5.16
C TYR B 630 31.88 -6.01 -5.29
N PRO B 631 30.79 -6.04 -4.52
CA PRO B 631 30.14 -7.32 -4.51
C PRO B 631 28.81 -7.44 -5.24
N MET B 632 28.25 -6.35 -5.79
CA MET B 632 26.82 -6.31 -6.15
C MET B 632 25.98 -6.75 -4.93
N THR B 633 25.14 -7.76 -5.06
CA THR B 633 24.65 -8.38 -3.84
C THR B 633 25.11 -9.84 -3.75
N THR B 634 26.26 -10.14 -4.34
CA THR B 634 26.77 -11.51 -4.34
C THR B 634 27.43 -11.88 -3.04
N ASN B 635 27.76 -10.88 -2.21
CA ASN B 635 28.23 -11.16 -0.84
C ASN B 635 27.14 -11.85 -0.02
N VAL B 636 25.91 -11.41 -0.25
CA VAL B 636 24.72 -12.02 0.33
C VAL B 636 24.51 -13.39 -0.31
N GLY B 637 24.68 -13.41 -1.64
CA GLY B 637 24.56 -14.63 -2.44
C GLY B 637 25.48 -15.73 -1.97
N PHE B 638 26.79 -15.54 -2.17
CA PHE B 638 27.80 -16.55 -1.83
C PHE B 638 27.70 -16.93 -0.38
N GLY B 639 27.30 -15.96 0.43
CA GLY B 639 26.93 -16.16 1.82
C GLY B 639 26.16 -17.42 2.13
N PHE B 640 25.03 -17.64 1.44
CA PHE B 640 24.18 -18.81 1.68
C PHE B 640 25.00 -20.08 1.55
N PHE B 641 25.87 -20.11 0.55
CA PHE B 641 26.61 -21.31 0.18
C PHE B 641 28.03 -21.38 0.76
N THR B 642 28.39 -20.41 1.61
CA THR B 642 29.65 -20.48 2.36
C THR B 642 29.41 -21.06 3.76
N SER B 643 30.33 -21.91 4.21
CA SER B 643 30.26 -22.47 5.55
C SER B 643 30.73 -21.46 6.58
N ALA B 644 30.62 -21.86 7.85
CA ALA B 644 31.20 -21.11 8.94
C ALA B 644 32.70 -21.05 8.76
N LEU B 645 33.25 -19.84 8.90
CA LEU B 645 34.66 -19.62 8.77
C LEU B 645 35.13 -19.37 10.18
N PRO B 646 36.44 -19.39 10.42
CA PRO B 646 36.92 -19.08 11.77
C PRO B 646 36.72 -17.63 12.28
N SER B 647 36.11 -16.76 11.49
CA SER B 647 35.83 -15.38 11.92
C SER B 647 34.64 -15.35 12.90
N GLY B 648 33.92 -16.46 12.94
CA GLY B 648 32.75 -16.59 13.80
C GLY B 648 31.47 -16.46 13.01
N ARG B 649 31.62 -16.11 11.74
CA ARG B 649 30.46 -15.96 10.85
C ARG B 649 29.78 -17.31 10.76
N LYS B 650 28.47 -17.33 10.98
CA LYS B 650 27.71 -18.57 10.90
C LYS B 650 27.53 -19.01 9.45
N SER B 651 27.37 -20.32 9.25
CA SER B 651 27.11 -20.89 7.94
C SER B 651 25.86 -20.30 7.32
N GLY B 652 25.96 -19.79 6.10
CA GLY B 652 24.78 -19.28 5.41
C GLY B 652 24.65 -17.77 5.47
N GLU B 653 25.42 -17.16 6.35
CA GLU B 653 25.30 -15.71 6.55
C GLU B 653 26.09 -14.95 5.50
N PRO B 654 25.60 -13.76 5.11
CA PRO B 654 26.26 -12.71 4.32
C PRO B 654 27.76 -12.50 4.53
N LEU B 655 28.46 -12.29 3.41
CA LEU B 655 29.87 -11.93 3.37
C LEU B 655 29.95 -10.42 3.35
N ASN B 656 31.15 -9.87 3.45
CA ASN B 656 31.26 -8.42 3.51
C ASN B 656 31.23 -7.77 2.14
N PRO B 657 30.58 -6.60 2.03
CA PRO B 657 30.52 -5.91 0.75
C PRO B 657 31.78 -5.15 0.43
N GLY B 658 32.41 -5.46 -0.70
CA GLY B 658 33.54 -4.70 -1.22
C GLY B 658 34.60 -4.52 -0.16
N VAL B 659 35.03 -3.29 0.04
CA VAL B 659 36.01 -3.03 1.07
C VAL B 659 35.38 -2.51 2.39
N SER B 660 34.04 -2.42 2.41
CA SER B 660 33.26 -2.14 3.62
C SER B 660 33.43 -3.34 4.58
N PRO B 661 33.43 -3.09 5.92
CA PRO B 661 33.63 -4.19 6.87
C PRO B 661 32.38 -5.05 7.07
N SER B 662 32.57 -6.22 7.71
CA SER B 662 31.48 -7.15 8.01
C SER B 662 30.46 -6.54 8.95
N THR B 663 29.24 -7.06 8.91
CA THR B 663 28.10 -6.47 9.63
C THR B 663 28.20 -6.39 11.17
N GLY B 664 28.16 -5.15 11.68
CA GLY B 664 28.17 -4.92 13.11
C GLY B 664 29.56 -5.01 13.69
N MET B 665 30.56 -5.06 12.83
CA MET B 665 31.94 -5.10 13.29
C MET B 665 32.56 -3.71 13.24
N ASP B 666 31.75 -2.69 12.93
CA ASP B 666 32.14 -1.28 13.05
C ASP B 666 32.10 -0.80 14.53
N ARG B 667 32.92 -1.44 15.35
CA ARG B 667 32.91 -1.30 16.81
C ARG B 667 33.42 0.06 17.26
N GLU B 668 34.48 0.56 16.63
CA GLU B 668 34.92 1.94 16.88
C GLU B 668 34.14 2.95 16.04
N GLY B 669 34.77 4.06 15.65
CA GLY B 669 34.06 5.05 14.83
C GLY B 669 33.70 4.69 13.38
N VAL B 670 33.07 5.64 12.70
CA VAL B 670 33.00 5.66 11.25
C VAL B 670 34.38 6.07 10.75
N THR B 671 35.00 7.03 11.43
CA THR B 671 36.39 7.42 11.17
C THR B 671 37.34 6.22 11.16
N ALA B 672 37.16 5.30 12.11
CA ALA B 672 37.97 4.09 12.16
C ALA B 672 37.72 3.10 11.01
N VAL B 673 36.51 3.11 10.44
CA VAL B 673 36.19 2.31 9.26
C VAL B 673 36.95 2.82 8.02
N ILE B 674 36.87 4.12 7.79
CA ILE B 674 37.56 4.78 6.70
C ILE B 674 39.07 4.55 6.77
N ASN B 675 39.61 4.65 7.98
CA ASN B 675 41.01 4.36 8.24
C ASN B 675 41.43 2.94 7.82
N SER B 676 40.61 1.97 8.21
CA SER B 676 40.83 0.58 7.84
C SER B 676 40.78 0.34 6.34
N ALA B 677 39.82 1.00 5.69
CA ALA B 677 39.67 0.87 4.27
C ALA B 677 40.80 1.53 3.50
N SER B 678 41.47 2.50 4.13
CA SER B 678 42.51 3.25 3.45
C SER B 678 43.88 2.62 3.56
N LYS B 679 43.96 1.52 4.30
CA LYS B 679 45.21 0.81 4.44
C LYS B 679 45.46 -0.13 3.25
N LEU B 680 44.38 -0.56 2.61
CA LEU B 680 44.43 -1.48 1.49
C LEU B 680 45.12 -0.82 0.32
N SER B 681 45.90 -1.58 -0.43
CA SER B 681 46.66 -1.01 -1.54
C SER B 681 45.74 -0.81 -2.74
N TYR B 682 45.36 0.44 -3.00
CA TYR B 682 44.37 0.70 -4.05
C TYR B 682 45.04 0.78 -5.39
N GLU B 683 46.37 0.88 -5.38
CA GLU B 683 47.18 1.00 -6.59
C GLU B 683 47.29 -0.30 -7.38
N ASN B 684 46.81 -1.40 -6.79
CA ASN B 684 46.86 -2.68 -7.45
C ASN B 684 45.47 -3.17 -7.78
N LEU B 685 44.50 -2.26 -7.73
CA LEU B 685 43.10 -2.63 -7.91
C LEU B 685 42.46 -1.77 -9.01
N PRO B 686 42.83 -2.03 -10.28
CA PRO B 686 42.44 -1.12 -11.34
C PRO B 686 41.02 -1.32 -11.91
N ASN B 687 40.27 -2.26 -11.36
CA ASN B 687 38.89 -2.35 -11.79
C ASN B 687 37.94 -1.59 -10.84
N GLY B 688 38.45 -1.14 -9.69
CA GLY B 688 37.71 -0.23 -8.80
C GLY B 688 37.30 -0.85 -7.48
N ALA B 689 36.97 -0.02 -6.49
CA ALA B 689 36.62 -0.54 -5.15
C ALA B 689 35.28 -0.04 -4.61
N SER B 690 34.59 -0.79 -3.76
CA SER B 690 33.37 -0.27 -3.14
C SER B 690 33.40 -0.09 -1.63
N LEU B 691 33.16 1.16 -1.20
CA LEU B 691 33.02 1.49 0.22
C LEU B 691 31.72 2.24 0.52
N THR B 692 30.80 1.53 1.18
CA THR B 692 29.54 2.10 1.60
C THR B 692 29.56 2.40 3.11
N ILE B 693 29.24 3.63 3.48
CA ILE B 693 29.14 4.03 4.89
C ILE B 693 27.72 4.44 5.21
N ASN B 694 27.14 3.76 6.20
CA ASN B 694 25.74 3.96 6.56
C ASN B 694 25.53 4.72 7.88
N LEU B 695 25.04 5.96 7.81
CA LEU B 695 24.77 6.75 9.02
C LEU B 695 23.27 6.93 9.27
N SER B 696 22.89 7.10 10.52
CA SER B 696 21.52 7.48 10.84
C SER B 696 21.43 9.00 10.97
N SER B 697 20.25 9.51 11.24
CA SER B 697 20.10 10.95 11.42
C SER B 697 20.73 11.44 12.74
N ASP B 698 20.82 10.55 13.73
CA ASP B 698 21.43 10.84 15.03
C ASP B 698 22.86 11.29 14.91
N VAL B 699 23.63 10.55 14.12
CA VAL B 699 25.05 10.81 13.96
C VAL B 699 25.32 12.14 13.25
N LEU B 700 24.36 12.57 12.43
CA LEU B 700 24.46 13.85 11.73
C LEU B 700 24.16 15.02 12.65
N GLY B 701 23.39 14.76 13.70
CA GLY B 701 23.02 15.78 14.68
C GLY B 701 22.35 16.97 14.01
N GLU B 702 22.77 18.17 14.35
CA GLU B 702 22.20 19.33 13.72
C GLU B 702 23.21 19.98 12.80
N LYS B 703 24.48 19.67 13.02
CA LYS B 703 25.57 20.14 12.17
C LYS B 703 25.84 19.11 11.06
N GLY B 704 24.81 18.78 10.28
CA GLY B 704 24.89 17.73 9.26
C GLY B 704 25.92 17.90 8.17
N ASP B 705 25.90 19.06 7.52
CA ASP B 705 26.82 19.42 6.45
C ASP B 705 28.30 19.22 6.82
N ALA B 706 28.68 19.74 7.99
CA ALA B 706 30.06 19.68 8.43
C ALA B 706 30.51 18.27 8.83
N VAL B 707 29.59 17.40 9.22
CA VAL B 707 29.96 16.04 9.65
C VAL B 707 30.52 15.27 8.46
N ILE B 708 29.73 15.25 7.39
CA ILE B 708 30.10 14.46 6.24
C ILE B 708 30.92 15.28 5.27
N GLU B 709 31.14 16.56 5.52
CA GLU B 709 32.18 17.22 4.75
C GLU B 709 33.54 16.88 5.34
N ALA B 710 33.56 16.59 6.64
CA ALA B 710 34.80 16.19 7.30
C ALA B 710 35.13 14.75 6.95
N LEU B 711 34.10 13.95 6.72
CA LEU B 711 34.25 12.56 6.30
C LEU B 711 34.79 12.42 4.86
N ILE B 712 34.33 13.30 3.98
CA ILE B 712 34.79 13.30 2.60
C ILE B 712 36.24 13.73 2.57
N LYS B 713 36.54 14.86 3.24
CA LYS B 713 37.90 15.38 3.32
C LYS B 713 38.87 14.44 4.00
N SER B 714 38.36 13.66 4.96
CA SER B 714 39.15 12.61 5.58
C SER B 714 39.42 11.44 4.64
N SER B 715 38.39 10.98 3.92
CA SER B 715 38.51 9.90 2.92
C SER B 715 39.53 10.22 1.87
N MET B 716 39.47 11.45 1.37
CA MET B 716 40.43 11.95 0.43
C MET B 716 41.83 12.01 1.04
N GLU B 717 41.90 12.41 2.31
CA GLU B 717 43.19 12.60 2.98
C GLU B 717 43.97 11.29 3.12
N LEU B 718 43.24 10.24 3.46
CA LEU B 718 43.81 8.93 3.71
C LEU B 718 43.93 8.08 2.45
N GLY B 719 43.51 8.63 1.32
CA GLY B 719 43.76 7.99 0.04
C GLY B 719 42.89 6.79 -0.29
N VAL B 720 41.68 6.75 0.27
CA VAL B 720 40.65 5.81 -0.14
C VAL B 720 40.30 6.07 -1.63
N MET B 721 39.92 5.02 -2.39
CA MET B 721 39.60 5.19 -3.82
C MET B 721 38.15 5.61 -4.05
N HIS B 722 37.22 4.95 -3.36
CA HIS B 722 35.82 5.24 -3.54
C HIS B 722 35.11 5.31 -2.20
N VAL B 723 34.23 6.28 -2.02
CA VAL B 723 33.27 6.21 -0.93
C VAL B 723 31.87 6.64 -1.37
N GLN B 724 30.86 5.99 -0.81
CA GLN B 724 29.49 6.47 -0.95
C GLN B 724 28.82 6.49 0.43
N PHE B 725 27.87 7.40 0.63
CA PHE B 725 27.18 7.55 1.92
C PHE B 725 25.69 7.27 1.87
N ASN B 726 25.18 6.76 2.98
CA ASN B 726 23.77 6.53 3.20
C ASN B 726 23.23 7.21 4.45
N ILE B 727 22.08 7.88 4.33
CA ILE B 727 21.43 8.49 5.49
C ILE B 727 20.06 7.87 5.76
N LEU B 728 19.98 7.11 6.84
CA LEU B 728 18.86 6.21 7.05
C LEU B 728 18.17 6.33 8.41
N LYS B 729 16.85 6.13 8.44
CA LYS B 729 16.10 6.08 9.69
C LYS B 729 15.53 4.69 9.80
N GLU B 730 16.11 3.87 10.70
CA GLU B 730 15.74 2.46 10.88
C GLU B 730 14.24 2.23 11.13
N ASP B 731 13.71 3.05 12.05
CA ASP B 731 12.32 3.50 12.13
C ASP B 731 11.54 3.24 10.83
N LEU B 732 11.84 4.08 9.82
CA LEU B 732 11.22 4.02 8.50
C LEU B 732 11.50 2.73 7.74
N LEU B 733 12.73 2.21 7.83
CA LEU B 733 13.12 1.01 7.08
C LEU B 733 12.36 -0.23 7.54
N ARG B 734 12.00 -0.26 8.82
CA ARG B 734 11.15 -1.31 9.39
C ARG B 734 9.71 -1.16 8.96
N LYS B 735 9.29 0.10 8.78
CA LYS B 735 7.91 0.43 8.45
C LYS B 735 7.63 0.14 6.97
N ALA B 736 8.69 0.23 6.15
CA ALA B 736 8.62 -0.06 4.71
C ALA B 736 8.76 -1.55 4.45
N GLN B 737 9.30 -2.25 5.44
CA GLN B 737 9.39 -3.69 5.43
C GLN B 737 8.02 -4.29 5.72
N GLN B 738 7.12 -3.48 6.28
CA GLN B 738 5.77 -3.94 6.60
C GLN B 738 4.81 -3.51 5.52
N GLU B 739 4.87 -2.24 5.12
CA GLU B 739 4.00 -1.72 4.09
C GLU B 739 4.73 -1.05 2.92
N PRO B 740 5.28 -1.85 1.99
CA PRO B 740 6.18 -1.41 0.95
C PRO B 740 5.59 -0.36 0.03
N GLU B 741 4.29 -0.48 -0.24
CA GLU B 741 3.58 0.40 -1.18
C GLU B 741 3.58 1.87 -0.73
N LYS B 742 3.53 2.07 0.59
CA LYS B 742 3.48 3.41 1.19
C LYS B 742 4.81 4.14 1.13
N TYR B 743 5.91 3.39 1.06
CA TYR B 743 7.26 4.00 1.07
C TYR B 743 8.17 3.55 -0.10
N ARG B 744 7.67 3.64 -1.33
CA ARG B 744 8.44 3.17 -2.48
C ARG B 744 9.47 4.18 -2.98
N TRP B 745 9.53 5.35 -2.35
CA TRP B 745 10.49 6.36 -2.77
C TRP B 745 11.82 6.25 -2.03
N LEU B 746 11.90 5.28 -1.14
CA LEU B 746 13.03 5.18 -0.24
C LEU B 746 14.31 4.77 -0.96
N LEU B 747 15.20 5.74 -1.20
CA LEU B 747 16.48 5.47 -1.82
C LEU B 747 17.57 5.04 -0.84
N VAL B 748 18.39 4.08 -1.26
CA VAL B 748 19.49 3.56 -0.47
C VAL B 748 20.64 3.11 -1.41
N ARG B 749 21.89 3.48 -1.09
CA ARG B 749 23.05 2.96 -1.79
C ARG B 749 23.41 1.58 -1.27
N VAL B 750 23.32 0.56 -2.12
CA VAL B 750 23.41 -0.82 -1.64
C VAL B 750 24.84 -1.30 -1.45
N ALA B 751 25.62 -1.19 -2.52
CA ALA B 751 27.02 -1.62 -2.52
C ALA B 751 27.77 -1.00 -3.70
N GLY B 752 27.20 0.05 -4.30
CA GLY B 752 27.82 0.70 -5.44
C GLY B 752 26.88 1.48 -6.34
N TRP B 753 25.58 1.44 -6.02
CA TRP B 753 24.53 2.09 -6.82
C TRP B 753 23.27 2.33 -5.97
N SER B 754 22.31 3.11 -6.45
CA SER B 754 21.06 3.33 -5.70
C SER B 754 19.94 2.40 -6.10
N ALA B 755 19.28 1.82 -5.10
CA ALA B 755 18.06 1.04 -5.29
C ALA B 755 16.92 1.59 -4.45
N TYR B 756 15.69 1.32 -4.85
CA TYR B 756 14.54 1.58 -3.98
C TYR B 756 14.54 0.48 -2.94
N PHE B 757 14.28 0.86 -1.69
CA PHE B 757 14.50 -0.04 -0.56
C PHE B 757 13.51 -1.20 -0.57
N VAL B 758 12.30 -0.90 -1.00
CA VAL B 758 11.24 -1.89 -1.11
C VAL B 758 11.55 -2.98 -2.13
N GLU B 759 12.45 -2.68 -3.08
CA GLU B 759 12.83 -3.61 -4.15
C GLU B 759 14.08 -4.45 -3.88
N LEU B 760 14.55 -4.50 -2.62
CA LEU B 760 15.68 -5.37 -2.24
C LEU B 760 15.16 -6.56 -1.44
N SER B 761 15.83 -7.71 -1.58
CA SER B 761 15.38 -8.94 -0.95
C SER B 761 15.58 -8.88 0.55
N ARG B 762 14.85 -9.73 1.28
CA ARG B 762 14.93 -9.78 2.75
C ARG B 762 16.34 -9.67 3.32
N PRO B 763 17.28 -10.58 2.93
CA PRO B 763 18.53 -10.45 3.67
C PRO B 763 19.41 -9.31 3.15
N VAL B 764 19.04 -8.72 2.02
CA VAL B 764 19.74 -7.53 1.58
C VAL B 764 19.25 -6.37 2.40
N GLN B 765 17.94 -6.27 2.56
CA GLN B 765 17.29 -5.21 3.35
C GLN B 765 17.77 -5.20 4.78
N GLU B 766 17.82 -6.40 5.36
CA GLU B 766 18.32 -6.64 6.69
C GLU B 766 19.80 -6.26 6.84
N GLU B 767 20.58 -6.39 5.77
CA GLU B 767 21.93 -5.89 5.79
C GLU B 767 21.96 -4.38 5.81
N VAL B 768 21.12 -3.71 5.02
CA VAL B 768 21.11 -2.24 5.08
C VAL B 768 20.65 -1.71 6.45
N ILE B 769 19.70 -2.41 7.09
CA ILE B 769 19.26 -2.08 8.45
C ILE B 769 20.36 -2.30 9.49
N ARG B 770 20.93 -3.51 9.53
CA ARG B 770 21.90 -3.90 10.56
C ARG B 770 23.32 -3.34 10.32
N ARG B 771 23.49 -2.42 9.40
CA ARG B 771 24.83 -1.91 9.17
C ARG B 771 24.93 -0.44 9.43
N ILE B 772 23.87 0.12 9.99
CA ILE B 772 23.85 1.53 10.35
C ILE B 772 24.83 1.85 11.48
N SER B 773 25.85 2.61 11.12
CA SER B 773 26.90 3.05 12.02
C SER B 773 26.33 4.16 12.89
N CYS B 774 26.47 4.02 14.20
CA CYS B 774 25.79 4.90 15.16
C CYS B 774 26.74 5.90 15.80
N ARG B 775 28.04 5.71 15.58
CA ARG B 775 29.06 6.54 16.21
C ARG B 775 30.00 7.26 15.22
N ILE B 776 30.19 8.56 15.45
CA ILE B 776 31.33 9.35 14.94
C ILE B 776 31.13 10.12 13.60
#